data_8VY2
#
_entry.id   8VY2
#
_cell.length_a   1.00
_cell.length_b   1.00
_cell.length_c   1.00
_cell.angle_alpha   90.00
_cell.angle_beta   90.00
_cell.angle_gamma   90.00
#
_symmetry.space_group_name_H-M   'P 1'
#
loop_
_entity.id
_entity.type
_entity.pdbx_description
1 polymer 'Cadherin EGF LAG seven-pass G-type receptor 1'
2 branched 2-acetamido-2-deoxy-beta-D-glucopyranose-(1-4)-2-acetamido-2-deoxy-beta-D-glucopyranose
3 branched beta-D-mannopyranose-(1-4)-2-acetamido-2-deoxy-beta-D-glucopyranose-(1-4)-2-acetamido-2-deoxy-beta-D-glucopyranose
4 non-polymer 2-acetamido-2-deoxy-beta-D-glucopyranose
#
_entity_poly.entity_id   1
_entity_poly.type   'polypeptide(L)'
_entity_poly.pdbx_seq_one_letter_code
;ASTSPQFPLPSYQVSVPENEPAGTAVIELRAHDPDEGDAGRLSYQMEALFDERSNGYFLIDAATGAVTTARSLDRETKDT
HVLKVSAVDHGSPRRSAATYLTVTVSDTNDHSPVFEQSEYRERIRENLEVGYEVLTIRATDGDAPSNANMRYRLLEGAGG
VFEIDARSGVVRTRAVVDREEAAEYQLLVEANDQGRNPGPLSASATVHIVVEDENDNYPQFSEKRYVVQVPEDVAVNTAV
LRVQATDRDQGQNAAIHYSIVSGNLKGQFYLHSLSGSLDVINPLDFEAIREYTLRIKAQDGGRPPLINSSGLVSVQVLDV
NDNAPIFVSSPFQAAVLENVPLGHSVLHIQAVDADAGENARLQYRLVDTASTIVGGSSVDSENPASAPDFPFQIHNSSGW
ITVCAELDREEVEHYSFGVEAVDHGSPAMSSSASVSITVLDVNDNDPMFTQPVYELRLNEDAAVGSSVLTLRARDRDANS
VITYQLTGGNTRNRFALSSQSGGGLITLALPLDYKQERQYVLAVTASDGTRSHTAQVFINVTDANTHRPVFQSSHYTVSV
SEDRPVGTSIATISATDEDTGENARITYVLEDPVPQFRIDPDTGTIYTMTELDYEDQAAYTLAITAQDNGIPQKSDTTSL
EILILDANDNAPRFLRDFYQGSVFEDAPPSTSVLQVSATDRDSGPNGRLLYTFQGGDDGDGDFYIEPTSGVIRTQRRLDR
ENVAVYNLWALAVDRGSPNPLSASVGIQVSVLDINDNPPVFEKDELELFVEENSPVGSVVARIRANDPDEGPNAQIMYQI
VEGNVPEVFQLDLLSGDLRALVELDFEVRRDYMLVVQATSAPLVSRATVHIRLLDQNDNPPELPDFQILFNNYVTNKSNS
FPSGVIGRIPAHDPDLSDSLNYTFLQGNELSLLLLDPATGELQLSRDLDNNRPLEALMEVSVSDGIHSVTALCTLRVTII
TDDMLTNSITVRLENMSQEKFLSPLLSLFVEGVATVLSTTKDDIFVFNIQNDTDVSSNILNVTFSALLPGGTRGRFFPSE
DLQEQIYLNRTLLTTISAQRVLPFDDNICLREPCENYMKCVSVLRFDSSAPFISSTTVLFRPIHPITGLRCRCPPGFTGD
YCETEIDLCYSNPCGANGRCRSREGGYTCECFEDFTGEHCQVNVRSGRCASGVCKNGGTCVNLLIGGFHCVCPPGEYEHP
YCEVSTRSFPPQSFVTFRGLRQRFHFTVSLAFATQDRNALLLYNGRFNEKHDFIALEIVEEQLQLTFSAGETTTTVTPQV
PGGVSDGRWHSVLVQYYNKPNIGHLGLPHGPSGEKVAVVTVDDCDAAVAVHFGSYVGNYSCAAQGTQSGSKKSLDLTGPL
LLGGVPNLPEDFPVHSRQFVGCMRNLSIDGRIVDMAAFIANNGTRAGCASQRNFCDGTSCQNGGTCVNRWNTYLCECPLR
FGGKNCEQAMPHPQRFTGESVVLWSDLDITISVPWYLGLMFRTRKEDGVLMEATAGTSSRLHLQILNSYIRFEVSYGPSD
VASMQLSKSRITDGGWHHLLIELRSAKEGKDIKYLAVMTLDYGMDQSTVQIGNQLPGLKMRTIVIGGVTEDKVSVRHGFR
GCMQGVRMGETSTNIATLNMNDALKVRVKDGCDVEDPCASSPCPPHSHCRDTWDSYSCICDRGYFGKKCVDACLLNPCKH
VAACVRSPNTPRGYSCECGPGHYGQYCENKVDLPCPKGWWGNPVCGPCHCAVSQGFDPDCNKTNGQCQCKENYYKPPAQD
ACLPCDCFPHGSHSRACDMDTGQCACKPGVIGRQCNRCDNPFAEVTSLGCEVIYNGCPRAFEAGIWWPQTKFGQPAAVPC
PKGSVGNAVRHCSGEKGWLPPELFNCTSGSFVDLKALNEKLNRNETRMDGNRSLRLAKALRNATQGNSTLFGNDVRTAYQ
LLARILQHESRQQGFDLAATREANFHEDVVHTGSALLAPATEASWEQIQRSEAGAAQLLRHFEAYFSNVARNVKRTYLRP
FVIVTANMILAVDIFDKLNFTGAQVPRFEDIQEELPRELESSVSFPADTFKPPEKKEGPVVRLTNRRTTPLTAQPEPRAE
RETSSSRRRRHPDEPGQFAVALVVIYRTLGQLLPEHYDPDHRSLRLPNRPVINTPVVSAMVYSEGTPLPSSLQRPILVEF
SLLETEERSKPVCVFWNHSLDTGGTGGWSAKGCELLSRNRTHVTCQCSHSASCAVLMDISRREHHHHHHHHH
;
_entity_poly.pdbx_strand_id   A
#
loop_
_chem_comp.id
_chem_comp.type
_chem_comp.name
_chem_comp.formula
BMA D-saccharide, beta linking beta-D-mannopyranose 'C6 H12 O6'
NAG D-saccharide, beta linking 2-acetamido-2-deoxy-beta-D-glucopyranose 'C8 H15 N O6'
#
# COMPACT_ATOMS: atom_id res chain seq x y z
N PRO A 860 -21.01 24.11 -50.69
CA PRO A 860 -19.78 24.38 -49.93
C PRO A 860 -19.53 23.30 -48.85
N PRO A 861 -18.28 23.00 -48.46
CA PRO A 861 -18.02 21.94 -47.49
C PRO A 861 -17.44 22.31 -46.14
N GLU A 862 -17.25 21.29 -45.30
CA GLU A 862 -16.68 21.51 -43.96
C GLU A 862 -16.14 20.19 -43.45
N LEU A 863 -15.19 20.23 -42.52
CA LEU A 863 -14.55 18.99 -42.04
C LEU A 863 -14.20 19.22 -40.58
N PRO A 864 -14.29 18.23 -39.69
CA PRO A 864 -13.99 18.49 -38.31
C PRO A 864 -12.63 17.94 -37.86
N ASP A 865 -11.83 18.71 -37.15
CA ASP A 865 -10.45 18.26 -36.81
C ASP A 865 -10.49 16.82 -36.32
N PHE A 866 -9.57 15.94 -36.80
CA PHE A 866 -9.85 14.57 -36.36
C PHE A 866 -8.55 13.88 -35.97
N GLN A 867 -8.67 12.67 -35.45
CA GLN A 867 -7.52 11.94 -34.96
C GLN A 867 -7.58 10.49 -35.43
N ILE A 868 -6.39 9.91 -35.60
CA ILE A 868 -6.22 8.52 -35.95
C ILE A 868 -5.40 7.86 -34.86
N LEU A 869 -5.88 6.73 -34.35
CA LEU A 869 -5.22 5.99 -33.29
C LEU A 869 -4.91 4.59 -33.81
N PHE A 870 -3.62 4.26 -33.90
CA PHE A 870 -3.19 2.94 -34.34
C PHE A 870 -2.60 2.22 -33.13
N ASN A 871 -3.37 1.30 -32.58
CA ASN A 871 -2.91 0.45 -31.49
C ASN A 871 -2.32 -0.81 -32.09
N ASN A 872 -1.00 -0.86 -32.18
CA ASN A 872 -0.31 -1.98 -32.79
C ASN A 872 0.24 -2.90 -31.71
N TYR A 873 -0.25 -4.14 -31.69
CA TYR A 873 0.27 -5.17 -30.77
C TYR A 873 1.39 -5.91 -31.49
N VAL A 874 2.58 -5.35 -31.41
CA VAL A 874 3.72 -5.88 -32.14
C VAL A 874 4.27 -7.10 -31.41
N THR A 875 4.41 -8.20 -32.14
CA THR A 875 5.04 -9.40 -31.61
C THR A 875 5.87 -10.03 -32.71
N ASN A 876 6.81 -10.88 -32.31
CA ASN A 876 7.67 -11.54 -33.27
C ASN A 876 6.96 -12.63 -34.05
N LYS A 877 5.66 -12.83 -33.82
CA LYS A 877 4.93 -13.91 -34.46
C LYS A 877 3.86 -13.45 -35.45
N SER A 878 3.19 -12.34 -35.17
CA SER A 878 2.06 -11.90 -35.97
C SER A 878 2.40 -10.61 -36.69
N ASN A 879 2.14 -10.58 -37.99
CA ASN A 879 2.25 -9.36 -38.79
C ASN A 879 0.86 -8.75 -38.89
N SER A 880 0.36 -8.25 -37.76
CA SER A 880 -0.96 -7.68 -37.69
C SER A 880 -1.06 -6.33 -38.40
N PHE A 881 -0.04 -5.94 -39.15
CA PHE A 881 -0.03 -4.69 -39.87
C PHE A 881 -1.08 -4.73 -40.99
N PRO A 882 -2.09 -3.87 -40.94
CA PRO A 882 -3.13 -3.90 -41.98
C PRO A 882 -2.60 -3.34 -43.30
N SER A 883 -3.33 -3.64 -44.36
CA SER A 883 -2.99 -3.18 -45.70
C SER A 883 -4.26 -2.76 -46.41
N GLY A 884 -4.10 -2.30 -47.65
CA GLY A 884 -5.23 -1.86 -48.42
C GLY A 884 -5.83 -0.58 -47.88
N VAL A 885 -7.13 -0.41 -48.12
CA VAL A 885 -7.83 0.80 -47.71
C VAL A 885 -8.31 0.62 -46.27
N ILE A 886 -8.02 1.60 -45.42
CA ILE A 886 -8.50 1.59 -44.05
C ILE A 886 -9.58 2.65 -43.82
N GLY A 887 -9.64 3.68 -44.65
CA GLY A 887 -10.62 4.73 -44.47
C GLY A 887 -10.33 5.89 -45.37
N ARG A 888 -11.19 6.90 -45.27
CA ARG A 888 -11.06 8.11 -46.07
C ARG A 888 -11.18 9.34 -45.18
N ILE A 889 -10.94 10.50 -45.79
CA ILE A 889 -11.12 11.76 -45.06
C ILE A 889 -12.58 11.91 -44.65
N PRO A 890 -12.87 12.21 -43.40
CA PRO A 890 -14.27 12.38 -43.00
C PRO A 890 -14.86 13.65 -43.60
N ALA A 891 -15.03 13.65 -44.91
CA ALA A 891 -15.44 14.84 -45.65
C ALA A 891 -16.90 14.70 -46.06
N HIS A 892 -17.69 15.74 -45.80
CA HIS A 892 -19.09 15.78 -46.20
C HIS A 892 -19.38 17.11 -46.87
N ASP A 893 -20.32 17.09 -47.81
CA ASP A 893 -20.73 18.29 -48.53
C ASP A 893 -22.17 18.12 -48.97
N PRO A 894 -23.02 19.11 -48.72
CA PRO A 894 -24.40 19.03 -49.20
C PRO A 894 -24.50 18.92 -50.71
N ASP A 895 -23.59 19.55 -51.45
CA ASP A 895 -23.60 19.44 -52.90
C ASP A 895 -23.22 18.03 -53.32
N LEU A 896 -24.05 17.43 -54.17
CA LEU A 896 -23.87 16.05 -54.59
C LEU A 896 -23.30 15.93 -55.99
N SER A 897 -22.81 17.03 -56.58
CA SER A 897 -22.31 17.02 -57.94
C SER A 897 -20.83 17.36 -58.06
N ASP A 898 -20.24 17.97 -57.03
CA ASP A 898 -18.87 18.46 -57.12
C ASP A 898 -17.87 17.35 -56.81
N SER A 899 -16.73 17.41 -57.50
CA SER A 899 -15.61 16.51 -57.23
C SER A 899 -14.58 17.29 -56.42
N LEU A 900 -14.49 16.96 -55.13
CA LEU A 900 -13.57 17.69 -54.22
C LEU A 900 -12.13 17.25 -54.47
N ASN A 901 -11.18 18.17 -54.29
CA ASN A 901 -9.76 17.81 -54.45
C ASN A 901 -9.15 17.64 -53.05
N TYR A 902 -8.55 16.48 -52.78
CA TYR A 902 -7.97 16.20 -51.44
C TYR A 902 -6.45 16.28 -51.52
N THR A 903 -5.85 17.32 -50.91
CA THR A 903 -4.41 17.46 -50.95
C THR A 903 -3.90 17.85 -49.58
N PHE A 904 -2.68 17.41 -49.27
CA PHE A 904 -2.00 17.82 -48.04
C PHE A 904 -1.29 19.15 -48.25
N LEU A 905 -1.41 20.04 -47.27
CA LEU A 905 -0.69 21.31 -47.33
C LEU A 905 0.64 21.25 -46.59
N GLN A 906 0.64 20.80 -45.35
CA GLN A 906 1.86 20.77 -44.55
C GLN A 906 1.85 19.48 -43.75
N GLY A 907 2.81 19.35 -42.84
CA GLY A 907 2.90 18.17 -41.99
C GLY A 907 3.68 17.03 -42.60
N ASN A 908 3.11 16.38 -43.62
CA ASN A 908 3.74 15.21 -44.21
C ASN A 908 4.97 15.64 -45.00
N GLU A 909 6.12 15.15 -44.58
CA GLU A 909 7.39 15.41 -45.25
C GLU A 909 8.13 14.15 -45.65
N LEU A 910 7.90 13.04 -44.97
CA LEU A 910 8.56 11.78 -45.23
C LEU A 910 7.58 10.71 -45.69
N SER A 911 6.41 11.12 -46.19
CA SER A 911 5.39 10.22 -46.71
C SER A 911 4.94 9.21 -45.66
N LEU A 912 4.59 9.72 -44.48
CA LEU A 912 4.10 8.84 -43.41
C LEU A 912 2.80 8.17 -43.81
N LEU A 913 1.97 8.86 -44.57
CA LEU A 913 0.66 8.37 -44.97
C LEU A 913 0.54 8.45 -46.48
N LEU A 914 -0.05 7.43 -47.09
CA LEU A 914 -0.29 7.42 -48.53
C LEU A 914 -1.73 7.83 -48.78
N LEU A 915 -1.90 8.91 -49.53
CA LEU A 915 -3.22 9.48 -49.78
C LEU A 915 -3.62 9.31 -51.24
N ASP A 916 -4.86 8.89 -51.44
CA ASP A 916 -5.45 8.90 -52.77
C ASP A 916 -6.03 10.29 -53.01
N PRO A 917 -5.47 11.06 -53.95
CA PRO A 917 -5.97 12.42 -54.17
C PRO A 917 -7.43 12.46 -54.60
N ALA A 918 -7.88 11.47 -55.37
CA ALA A 918 -9.25 11.50 -55.88
C ALA A 918 -10.24 11.07 -54.81
N THR A 919 -10.11 9.83 -54.32
CA THR A 919 -11.08 9.29 -53.39
C THR A 919 -10.84 9.72 -51.95
N GLY A 920 -9.64 10.19 -51.62
CA GLY A 920 -9.34 10.52 -50.24
C GLY A 920 -9.01 9.34 -49.37
N GLU A 921 -8.80 8.16 -49.95
CA GLU A 921 -8.46 6.98 -49.17
C GLU A 921 -7.11 7.16 -48.49
N LEU A 922 -6.99 6.64 -47.28
CA LEU A 922 -5.78 6.74 -46.50
C LEU A 922 -5.15 5.36 -46.32
N GLN A 923 -3.82 5.30 -46.41
CA GLN A 923 -3.11 4.04 -46.26
C GLN A 923 -1.88 4.24 -45.40
N LEU A 924 -1.61 3.28 -44.52
CA LEU A 924 -0.42 3.34 -43.70
C LEU A 924 0.81 2.99 -44.52
N SER A 925 1.88 3.75 -44.33
CA SER A 925 3.10 3.50 -45.06
C SER A 925 3.91 2.39 -44.38
N ARG A 926 4.74 1.72 -45.17
CA ARG A 926 5.50 0.58 -44.68
C ARG A 926 6.48 0.97 -43.59
N ASP A 927 6.98 2.21 -43.60
CA ASP A 927 7.94 2.64 -42.58
C ASP A 927 7.35 2.63 -41.19
N LEU A 928 6.03 2.57 -41.06
CA LEU A 928 5.37 2.62 -39.77
C LEU A 928 5.54 1.34 -38.96
N ASP A 929 6.09 0.29 -39.55
CA ASP A 929 6.18 -1.01 -38.88
C ASP A 929 7.45 -1.04 -38.04
N ASN A 930 7.29 -0.74 -36.75
CA ASN A 930 8.37 -0.85 -35.78
C ASN A 930 7.76 -0.78 -34.39
N ASN A 931 8.58 -1.14 -33.40
CA ASN A 931 8.16 -1.09 -32.00
C ASN A 931 8.46 0.29 -31.40
N ARG A 932 7.73 1.29 -31.87
CA ARG A 932 7.99 2.65 -31.45
C ARG A 932 6.73 3.50 -31.43
N PRO A 933 6.36 4.07 -30.29
CA PRO A 933 5.22 4.98 -30.25
C PRO A 933 5.53 6.27 -31.00
N LEU A 934 4.47 6.92 -31.49
CA LEU A 934 4.70 8.12 -32.28
C LEU A 934 3.48 9.03 -32.23
N GLU A 935 3.71 10.32 -32.40
CA GLU A 935 2.65 11.32 -32.49
C GLU A 935 3.03 12.36 -33.52
N ALA A 936 2.06 12.80 -34.32
CA ALA A 936 2.31 13.81 -35.34
C ALA A 936 1.02 14.55 -35.66
N LEU A 937 1.17 15.73 -36.25
CA LEU A 937 0.05 16.57 -36.63
C LEU A 937 0.15 16.94 -38.11
N MET A 938 -0.90 16.63 -38.86
CA MET A 938 -0.93 16.84 -40.30
C MET A 938 -1.98 17.88 -40.64
N GLU A 939 -1.72 18.63 -41.69
CA GLU A 939 -2.65 19.62 -42.22
C GLU A 939 -3.22 19.11 -43.54
N VAL A 940 -4.53 19.27 -43.73
CA VAL A 940 -5.21 18.78 -44.92
C VAL A 940 -6.05 19.91 -45.50
N SER A 941 -6.16 19.93 -46.83
CA SER A 941 -6.93 20.93 -47.53
C SER A 941 -7.99 20.25 -48.40
N VAL A 942 -9.17 20.84 -48.46
CA VAL A 942 -10.26 20.38 -49.31
C VAL A 942 -10.68 21.55 -50.19
N SER A 943 -10.91 21.29 -51.47
CA SER A 943 -11.28 22.33 -52.42
C SER A 943 -12.34 21.82 -53.38
N ASP A 944 -13.36 22.64 -53.61
CA ASP A 944 -14.40 22.34 -54.58
C ASP A 944 -14.09 22.91 -55.96
N GLY A 945 -12.92 23.53 -56.13
CA GLY A 945 -12.59 24.26 -57.33
C GLY A 945 -12.88 25.75 -57.24
N ILE A 946 -13.73 26.16 -56.31
CA ILE A 946 -13.99 27.58 -56.08
C ILE A 946 -13.74 28.00 -54.64
N HIS A 947 -13.83 27.10 -53.67
CA HIS A 947 -13.60 27.42 -52.27
C HIS A 947 -12.67 26.39 -51.68
N SER A 948 -11.91 26.81 -50.67
CA SER A 948 -10.93 25.93 -50.04
C SER A 948 -11.05 26.06 -48.53
N VAL A 949 -10.98 24.90 -47.86
CA VAL A 949 -11.03 24.83 -46.41
C VAL A 949 -9.87 23.96 -45.94
N THR A 950 -9.46 24.18 -44.70
CA THR A 950 -8.33 23.47 -44.11
C THR A 950 -8.76 22.80 -42.82
N ALA A 951 -8.02 21.75 -42.44
CA ALA A 951 -8.32 21.02 -41.23
C ALA A 951 -7.04 20.34 -40.74
N LEU A 952 -7.09 19.88 -39.49
CA LEU A 952 -5.95 19.23 -38.86
C LEU A 952 -6.32 17.81 -38.45
N CYS A 953 -5.33 16.91 -38.52
CA CYS A 953 -5.51 15.54 -38.11
C CYS A 953 -4.30 15.09 -37.30
N THR A 954 -4.56 14.51 -36.14
CA THR A 954 -3.51 14.07 -35.22
C THR A 954 -3.39 12.56 -35.29
N LEU A 955 -2.20 12.09 -35.64
CA LEU A 955 -1.93 10.67 -35.77
C LEU A 955 -1.11 10.21 -34.57
N ARG A 956 -1.56 9.12 -33.94
CA ARG A 956 -0.89 8.57 -32.77
C ARG A 956 -0.79 7.06 -32.90
N VAL A 957 0.40 6.52 -32.69
CA VAL A 957 0.67 5.09 -32.77
C VAL A 957 1.18 4.62 -31.43
N THR A 958 0.52 3.59 -30.88
CA THR A 958 0.81 3.08 -29.55
C THR A 958 1.11 1.59 -29.61
N ILE A 959 2.20 1.19 -28.96
CA ILE A 959 2.66 -0.20 -28.98
C ILE A 959 2.04 -0.95 -27.81
N ILE A 960 1.61 -2.19 -28.06
CA ILE A 960 1.03 -3.06 -27.05
C ILE A 960 1.95 -4.26 -26.86
N THR A 961 2.24 -4.60 -25.61
CA THR A 961 3.13 -5.70 -25.28
C THR A 961 2.38 -6.75 -24.48
N ASP A 962 3.10 -7.81 -24.08
CA ASP A 962 2.48 -8.86 -23.29
C ASP A 962 2.32 -8.45 -21.83
N ASP A 963 3.31 -7.75 -21.28
CA ASP A 963 3.14 -7.16 -19.96
C ASP A 963 1.96 -6.20 -19.93
N MET A 964 1.63 -5.61 -21.08
CA MET A 964 0.46 -4.74 -21.15
C MET A 964 -0.83 -5.54 -20.97
N LEU A 965 -0.97 -6.63 -21.73
CA LEU A 965 -2.19 -7.42 -21.67
C LEU A 965 -2.32 -8.18 -20.36
N THR A 966 -1.18 -8.46 -19.69
CA THR A 966 -1.27 -9.13 -18.39
C THR A 966 -1.94 -8.24 -17.35
N ASN A 967 -1.50 -7.00 -17.23
CA ASN A 967 -2.07 -6.05 -16.28
C ASN A 967 -3.07 -5.16 -17.00
N SER A 968 -4.26 -5.72 -17.24
CA SER A 968 -5.30 -5.02 -18.00
C SER A 968 -6.65 -5.35 -17.39
N ILE A 969 -7.52 -4.35 -17.31
CA ILE A 969 -8.84 -4.52 -16.71
C ILE A 969 -9.90 -3.96 -17.65
N THR A 970 -11.14 -4.39 -17.36
CA THR A 970 -12.33 -4.02 -18.19
C THR A 970 -13.47 -3.46 -17.32
N VAL A 971 -14.11 -2.34 -17.69
CA VAL A 971 -15.15 -1.65 -16.89
C VAL A 971 -16.39 -1.40 -17.75
N ARG A 972 -17.55 -1.98 -17.46
CA ARG A 972 -18.74 -1.85 -18.34
C ARG A 972 -19.46 -0.51 -18.13
N LEU A 973 -20.06 0.09 -19.19
CA LEU A 973 -20.78 1.35 -19.05
C LEU A 973 -22.19 1.19 -19.57
N GLU A 974 -23.14 1.79 -18.85
CA GLU A 974 -24.55 1.68 -19.18
C GLU A 974 -24.95 2.74 -20.21
N ASN A 975 -25.96 2.39 -21.02
CA ASN A 975 -26.56 3.26 -22.02
C ASN A 975 -25.53 4.12 -22.74
N MET A 976 -24.51 3.54 -23.37
CA MET A 976 -23.60 4.37 -24.19
C MET A 976 -22.92 3.49 -25.24
N SER A 977 -23.55 3.19 -26.38
CA SER A 977 -22.91 2.27 -27.36
C SER A 977 -21.82 2.98 -28.17
N GLN A 978 -21.36 2.38 -29.27
CA GLN A 978 -20.28 2.98 -30.08
C GLN A 978 -20.78 4.19 -30.86
N GLU A 979 -21.28 5.22 -30.17
CA GLU A 979 -21.81 6.46 -30.83
C GLU A 979 -21.24 7.69 -30.12
N LYS A 980 -20.74 7.54 -28.89
CA LYS A 980 -20.24 8.72 -28.12
C LYS A 980 -18.90 8.37 -27.47
N PHE A 981 -18.60 7.07 -27.32
CA PHE A 981 -17.27 6.67 -26.77
C PHE A 981 -16.25 6.58 -27.91
N LEU A 982 -16.68 6.52 -29.16
CA LEU A 982 -15.71 6.61 -30.30
C LEU A 982 -16.16 7.80 -31.14
N SER A 983 -16.59 8.89 -30.48
CA SER A 983 -16.92 10.15 -31.20
C SER A 983 -16.08 11.28 -30.59
N PRO A 984 -16.43 12.00 -29.51
CA PRO A 984 -15.52 12.97 -28.88
C PRO A 984 -15.43 12.97 -27.36
N LEU A 985 -15.89 11.90 -26.69
CA LEU A 985 -15.95 11.91 -25.21
C LEU A 985 -14.83 11.02 -24.65
N LEU A 986 -14.15 10.25 -25.49
CA LEU A 986 -13.14 9.30 -24.94
C LEU A 986 -12.12 10.14 -24.17
N SER A 987 -11.78 11.31 -24.69
CA SER A 987 -10.86 12.20 -23.95
C SER A 987 -11.38 12.38 -22.53
N LEU A 988 -12.67 12.66 -22.37
CA LEU A 988 -13.18 12.94 -21.02
C LEU A 988 -12.86 11.74 -20.14
N PHE A 989 -13.12 10.55 -20.65
CA PHE A 989 -12.91 9.37 -19.79
C PHE A 989 -11.42 9.35 -19.46
N VAL A 990 -10.55 9.41 -20.46
CA VAL A 990 -9.10 9.26 -20.16
C VAL A 990 -8.67 10.42 -19.25
N GLU A 991 -9.57 11.34 -18.89
CA GLU A 991 -9.17 12.37 -17.90
C GLU A 991 -9.75 11.97 -16.55
N GLY A 992 -11.07 11.83 -16.45
CA GLY A 992 -11.63 11.33 -15.22
C GLY A 992 -10.81 10.21 -14.61
N VAL A 993 -10.36 9.28 -15.44
CA VAL A 993 -9.52 8.19 -14.95
C VAL A 993 -8.22 8.74 -14.38
N ALA A 994 -7.61 9.71 -15.08
CA ALA A 994 -6.37 10.30 -14.60
C ALA A 994 -6.58 10.99 -13.25
N THR A 995 -7.67 11.73 -13.12
CA THR A 995 -7.95 12.44 -11.87
C THR A 995 -8.19 11.45 -10.73
N VAL A 996 -8.94 10.40 -10.98
CA VAL A 996 -9.20 9.39 -9.95
C VAL A 996 -7.89 8.73 -9.53
N LEU A 997 -7.05 8.38 -10.50
CA LEU A 997 -5.75 7.80 -10.24
C LEU A 997 -4.70 8.84 -9.86
N SER A 998 -5.05 10.13 -9.88
CA SER A 998 -4.03 11.17 -9.60
C SER A 998 -2.79 10.96 -10.46
N THR A 999 -2.97 10.76 -11.77
CA THR A 999 -1.83 10.61 -12.68
C THR A 999 -2.05 11.42 -13.95
N THR A 1000 -1.00 11.50 -14.76
CA THR A 1000 -1.08 12.20 -16.03
C THR A 1000 -1.85 11.39 -17.06
N LYS A 1001 -2.38 12.08 -18.07
CA LYS A 1001 -3.12 11.41 -19.13
C LYS A 1001 -2.24 10.47 -19.95
N ASP A 1002 -0.92 10.66 -19.93
CA ASP A 1002 -0.04 9.80 -20.70
C ASP A 1002 -0.05 8.37 -20.16
N ASP A 1003 -0.19 8.21 -18.84
CA ASP A 1003 -0.16 6.90 -18.23
C ASP A 1003 -1.34 6.02 -18.66
N ILE A 1004 -2.45 6.62 -19.03
CA ILE A 1004 -3.62 5.85 -19.46
C ILE A 1004 -3.38 5.33 -20.87
N PHE A 1005 -3.72 4.05 -21.08
CA PHE A 1005 -3.61 3.42 -22.40
C PHE A 1005 -4.86 2.56 -22.62
N VAL A 1006 -5.87 3.15 -23.25
CA VAL A 1006 -7.09 2.41 -23.60
C VAL A 1006 -6.82 1.75 -24.94
N PHE A 1007 -6.83 0.42 -24.96
CA PHE A 1007 -6.53 -0.31 -26.18
C PHE A 1007 -7.72 -1.06 -26.75
N ASN A 1008 -8.86 -1.23 -26.07
CA ASN A 1008 -10.01 -1.90 -26.75
C ASN A 1008 -11.40 -1.33 -26.39
N ILE A 1009 -12.28 -1.11 -27.38
CA ILE A 1009 -13.67 -0.58 -27.15
C ILE A 1009 -14.64 -1.27 -28.14
N GLN A 1010 -15.31 -2.32 -27.69
CA GLN A 1010 -16.17 -3.11 -28.62
C GLN A 1010 -17.64 -3.09 -28.16
N ASN A 1011 -18.57 -3.27 -29.10
CA ASN A 1011 -20.02 -3.31 -28.75
C ASN A 1011 -20.24 -4.42 -27.73
N ASP A 1012 -20.83 -4.09 -26.58
CA ASP A 1012 -21.11 -5.12 -25.56
C ASP A 1012 -22.63 -5.32 -25.49
N THR A 1013 -23.29 -5.29 -26.64
CA THR A 1013 -24.75 -5.58 -26.63
C THR A 1013 -24.94 -7.09 -26.58
N ASP A 1014 -24.66 -7.71 -25.43
CA ASP A 1014 -24.78 -9.18 -25.31
C ASP A 1014 -26.03 -9.62 -26.07
N VAL A 1015 -27.19 -9.02 -25.77
CA VAL A 1015 -28.37 -9.34 -26.56
C VAL A 1015 -28.95 -8.08 -27.21
N SER A 1016 -29.43 -7.12 -26.40
CA SER A 1016 -29.92 -5.86 -26.95
C SER A 1016 -29.62 -4.71 -25.99
N SER A 1017 -28.96 -5.01 -24.88
CA SER A 1017 -28.79 -4.01 -23.84
C SER A 1017 -27.77 -2.95 -24.25
N ASN A 1018 -28.05 -1.70 -23.84
CA ASN A 1018 -27.17 -0.59 -24.16
C ASN A 1018 -26.01 -0.58 -23.16
N ILE A 1019 -25.03 -1.47 -23.40
CA ILE A 1019 -23.83 -1.59 -22.51
C ILE A 1019 -22.57 -1.66 -23.38
N LEU A 1020 -21.49 -0.99 -22.95
CA LEU A 1020 -20.20 -1.00 -23.71
C LEU A 1020 -19.16 -1.85 -22.98
N ASN A 1021 -17.92 -1.96 -23.48
CA ASN A 1021 -16.93 -2.86 -22.84
C ASN A 1021 -15.52 -2.35 -23.05
N VAL A 1022 -15.02 -1.43 -22.23
CA VAL A 1022 -13.68 -0.80 -22.47
C VAL A 1022 -12.59 -1.52 -21.67
N THR A 1023 -11.57 -2.07 -22.34
CA THR A 1023 -10.46 -2.73 -21.65
C THR A 1023 -9.21 -1.90 -21.85
N PHE A 1024 -8.48 -1.65 -20.76
CA PHE A 1024 -7.34 -0.76 -20.77
C PHE A 1024 -6.36 -1.17 -19.68
N SER A 1025 -5.31 -0.35 -19.52
CA SER A 1025 -4.26 -0.57 -18.53
C SER A 1025 -3.72 0.78 -18.09
N ALA A 1026 -2.87 0.75 -17.06
CA ALA A 1026 -2.33 1.96 -16.47
C ALA A 1026 -0.87 1.75 -16.07
N LEU A 1027 -0.14 2.86 -15.97
CA LEU A 1027 1.26 2.82 -15.58
C LEU A 1027 1.40 3.29 -14.13
N LEU A 1028 2.18 2.55 -13.34
CA LEU A 1028 2.44 2.96 -11.97
C LEU A 1028 3.22 4.26 -11.93
N PRO A 1029 2.70 5.29 -11.24
CA PRO A 1029 3.46 6.55 -11.12
C PRO A 1029 4.70 6.35 -10.27
N GLY A 1030 5.72 7.17 -10.55
CA GLY A 1030 6.97 7.07 -9.82
C GLY A 1030 8.18 7.28 -10.69
N GLY A 1031 8.00 7.19 -12.01
CA GLY A 1031 9.07 7.38 -12.95
C GLY A 1031 9.88 6.14 -13.26
N THR A 1032 9.74 5.09 -12.46
CA THR A 1032 10.45 3.83 -12.71
C THR A 1032 9.69 3.06 -13.79
N ARG A 1033 10.31 2.94 -14.95
CA ARG A 1033 9.64 2.35 -16.11
C ARG A 1033 9.46 0.85 -15.92
N GLY A 1034 8.38 0.32 -16.51
CA GLY A 1034 8.13 -1.11 -16.50
C GLY A 1034 7.14 -1.57 -15.45
N ARG A 1035 6.62 -0.68 -14.62
CA ARG A 1035 5.70 -1.05 -13.55
C ARG A 1035 4.27 -0.71 -13.95
N PHE A 1036 3.37 -1.67 -13.76
CA PHE A 1036 1.96 -1.49 -14.03
C PHE A 1036 1.16 -1.78 -12.76
N PHE A 1037 0.02 -1.13 -12.65
CA PHE A 1037 -0.83 -1.34 -11.49
C PHE A 1037 -1.30 -2.79 -11.43
N PRO A 1038 -1.19 -3.45 -10.27
CA PRO A 1038 -1.79 -4.77 -10.14
C PRO A 1038 -3.30 -4.69 -10.32
N SER A 1039 -3.88 -5.79 -10.83
CA SER A 1039 -5.31 -5.78 -11.16
C SER A 1039 -6.16 -5.49 -9.95
N GLU A 1040 -5.84 -6.08 -8.79
CA GLU A 1040 -6.61 -5.84 -7.59
C GLU A 1040 -6.50 -4.38 -7.15
N ASP A 1041 -5.31 -3.79 -7.32
CA ASP A 1041 -5.12 -2.39 -6.96
C ASP A 1041 -6.02 -1.50 -7.81
N LEU A 1042 -6.04 -1.75 -9.12
CA LEU A 1042 -6.92 -1.00 -10.01
C LEU A 1042 -8.37 -1.19 -9.61
N GLN A 1043 -8.76 -2.42 -9.31
CA GLN A 1043 -10.13 -2.71 -8.95
C GLN A 1043 -10.55 -1.90 -7.73
N GLU A 1044 -9.73 -1.94 -6.68
CA GLU A 1044 -10.06 -1.23 -5.45
C GLU A 1044 -10.08 0.27 -5.68
N GLN A 1045 -9.09 0.78 -6.41
CA GLN A 1045 -8.98 2.26 -6.61
C GLN A 1045 -10.13 2.77 -7.48
N ILE A 1046 -10.64 1.98 -8.42
CA ILE A 1046 -11.82 2.37 -9.19
C ILE A 1046 -13.07 2.28 -8.32
N TYR A 1047 -13.19 1.22 -7.52
CA TYR A 1047 -14.37 1.05 -6.71
C TYR A 1047 -14.52 2.16 -5.69
N LEU A 1048 -13.43 2.60 -5.07
CA LEU A 1048 -13.59 3.60 -3.98
C LEU A 1048 -14.19 4.92 -4.50
N ASN A 1049 -13.50 5.69 -5.33
CA ASN A 1049 -14.04 7.01 -5.75
C ASN A 1049 -14.99 6.86 -6.93
N ARG A 1050 -16.00 6.01 -6.83
CA ARG A 1050 -16.92 5.71 -7.95
C ARG A 1050 -17.82 6.93 -8.22
N THR A 1051 -18.48 7.44 -7.19
CA THR A 1051 -19.40 8.57 -7.36
C THR A 1051 -18.66 9.80 -7.90
N LEU A 1052 -17.43 10.00 -7.41
CA LEU A 1052 -16.60 11.14 -7.89
C LEU A 1052 -16.39 10.98 -9.39
N LEU A 1053 -16.01 9.78 -9.83
CA LEU A 1053 -15.81 9.53 -11.25
C LEU A 1053 -17.10 9.75 -12.02
N THR A 1054 -18.23 9.30 -11.46
CA THR A 1054 -19.52 9.51 -12.10
C THR A 1054 -19.78 10.99 -12.33
N THR A 1055 -19.47 11.82 -11.33
CA THR A 1055 -19.70 13.25 -11.47
C THR A 1055 -18.74 13.87 -12.47
N ILE A 1056 -17.45 13.57 -12.36
CA ILE A 1056 -16.45 14.26 -13.17
C ILE A 1056 -16.57 13.86 -14.64
N SER A 1057 -16.93 12.61 -14.90
CA SER A 1057 -16.97 12.09 -16.26
C SER A 1057 -18.39 12.02 -16.82
N ALA A 1058 -19.41 12.27 -16.00
CA ALA A 1058 -20.80 12.37 -16.45
C ALA A 1058 -21.22 11.10 -17.20
N GLN A 1059 -21.27 9.99 -16.46
CA GLN A 1059 -21.66 8.71 -17.03
C GLN A 1059 -22.19 7.84 -15.91
N ARG A 1060 -22.91 6.78 -16.30
CA ARG A 1060 -23.44 5.82 -15.34
C ARG A 1060 -22.54 4.59 -15.33
N VAL A 1061 -21.53 4.62 -14.48
CA VAL A 1061 -20.62 3.49 -14.34
C VAL A 1061 -21.35 2.31 -13.71
N LEU A 1062 -21.17 1.14 -14.28
CA LEU A 1062 -21.79 -0.07 -13.77
C LEU A 1062 -20.92 -0.71 -12.71
N PRO A 1063 -21.52 -1.45 -11.78
CA PRO A 1063 -20.71 -2.13 -10.76
C PRO A 1063 -19.97 -3.32 -11.34
N PHE A 1064 -19.04 -3.87 -10.57
CA PHE A 1064 -18.21 -4.98 -11.03
C PHE A 1064 -18.93 -6.29 -10.76
N ASP A 1065 -18.77 -7.23 -11.69
CA ASP A 1065 -19.46 -8.51 -11.61
C ASP A 1065 -18.55 -9.57 -11.00
N ASP A 1066 -19.15 -10.71 -10.69
CA ASP A 1066 -18.40 -11.81 -10.09
C ASP A 1066 -17.44 -12.41 -11.10
N ASN A 1067 -16.37 -13.01 -10.58
CA ASN A 1067 -15.30 -13.57 -11.38
C ASN A 1067 -15.54 -15.06 -11.62
N ILE A 1068 -14.65 -15.67 -12.41
CA ILE A 1068 -14.78 -17.09 -12.73
C ILE A 1068 -14.33 -17.96 -11.56
N CYS A 1069 -13.50 -17.42 -10.68
CA CYS A 1069 -13.03 -18.19 -9.54
C CYS A 1069 -14.08 -18.39 -8.47
N LEU A 1070 -15.34 -18.04 -8.75
CA LEU A 1070 -16.41 -18.21 -7.76
C LEU A 1070 -16.59 -19.67 -7.39
N ARG A 1071 -16.36 -20.58 -8.32
CA ARG A 1071 -16.59 -22.00 -8.12
C ARG A 1071 -15.44 -22.67 -7.39
N GLU A 1072 -14.40 -21.92 -7.05
CA GLU A 1072 -13.22 -22.43 -6.36
C GLU A 1072 -12.64 -23.66 -7.07
N PRO A 1073 -12.32 -23.56 -8.37
CA PRO A 1073 -11.80 -24.73 -9.08
C PRO A 1073 -10.37 -25.06 -8.72
N CYS A 1074 -9.63 -24.15 -8.10
CA CYS A 1074 -8.24 -24.38 -7.79
C CYS A 1074 -8.11 -25.24 -6.53
N GLU A 1075 -6.90 -25.71 -6.27
CA GLU A 1075 -6.66 -26.73 -5.26
C GLU A 1075 -5.82 -26.20 -4.10
N ASN A 1076 -6.02 -26.82 -2.94
CA ASN A 1076 -5.25 -26.55 -1.73
C ASN A 1076 -5.21 -25.07 -1.39
N TYR A 1077 -4.06 -24.61 -0.91
CA TYR A 1077 -3.89 -23.23 -0.45
C TYR A 1077 -3.54 -22.28 -1.58
N MET A 1078 -3.77 -22.67 -2.83
CA MET A 1078 -3.44 -21.80 -3.95
C MET A 1078 -4.36 -20.59 -3.99
N LYS A 1079 -4.16 -19.75 -5.01
CA LYS A 1079 -4.94 -18.55 -5.22
C LYS A 1079 -5.32 -18.46 -6.69
N CYS A 1080 -6.61 -18.24 -6.95
CA CYS A 1080 -7.11 -18.15 -8.32
C CYS A 1080 -7.19 -16.69 -8.77
N VAL A 1081 -6.57 -16.40 -9.91
CA VAL A 1081 -6.61 -15.06 -10.47
C VAL A 1081 -6.98 -15.13 -11.94
N SER A 1082 -7.92 -14.31 -12.36
CA SER A 1082 -8.29 -14.24 -13.77
C SER A 1082 -7.34 -13.31 -14.52
N VAL A 1083 -6.97 -13.72 -15.73
CA VAL A 1083 -6.04 -12.99 -16.56
C VAL A 1083 -6.62 -12.88 -17.97
N LEU A 1084 -6.02 -11.99 -18.76
CA LEU A 1084 -6.45 -11.75 -20.13
C LEU A 1084 -5.25 -11.88 -21.05
N ARG A 1085 -5.40 -12.64 -22.13
CA ARG A 1085 -4.35 -12.81 -23.13
C ARG A 1085 -4.88 -12.44 -24.51
N PHE A 1086 -3.97 -12.40 -25.48
CA PHE A 1086 -4.33 -12.01 -26.84
C PHE A 1086 -5.18 -13.08 -27.52
N ASP A 1087 -6.19 -12.65 -28.26
CA ASP A 1087 -7.04 -13.57 -29.01
C ASP A 1087 -6.93 -13.32 -30.51
N SER A 1088 -7.21 -12.11 -30.98
CA SER A 1088 -7.23 -11.81 -32.40
C SER A 1088 -7.23 -10.29 -32.57
N SER A 1089 -7.09 -9.85 -33.82
CA SER A 1089 -7.12 -8.45 -34.17
C SER A 1089 -8.24 -8.18 -35.16
N ALA A 1090 -8.86 -7.02 -35.04
CA ALA A 1090 -10.00 -6.64 -35.86
C ALA A 1090 -9.66 -5.49 -36.79
N PRO A 1091 -10.34 -5.38 -37.92
CA PRO A 1091 -10.13 -4.23 -38.81
C PRO A 1091 -10.62 -2.94 -38.16
N PHE A 1092 -10.43 -1.85 -38.88
CA PHE A 1092 -10.74 -0.53 -38.33
C PHE A 1092 -12.24 -0.31 -38.24
N ILE A 1093 -12.63 0.23 -37.08
CA ILE A 1093 -14.04 0.66 -36.84
C ILE A 1093 -14.07 2.14 -37.18
N SER A 1094 -15.00 2.57 -38.01
CA SER A 1094 -15.03 3.90 -38.59
C SER A 1094 -16.10 4.73 -37.93
N SER A 1095 -15.90 6.03 -37.79
CA SER A 1095 -17.01 6.86 -37.24
C SER A 1095 -17.16 8.12 -38.08
N THR A 1096 -17.16 9.28 -37.44
CA THR A 1096 -17.20 10.54 -38.21
C THR A 1096 -15.99 11.37 -37.77
N THR A 1097 -15.34 10.94 -36.69
CA THR A 1097 -14.21 11.74 -36.15
C THR A 1097 -13.01 10.84 -35.84
N VAL A 1098 -13.19 9.53 -35.72
CA VAL A 1098 -12.06 8.68 -35.32
C VAL A 1098 -12.16 7.35 -36.05
N LEU A 1099 -11.03 6.90 -36.58
CA LEU A 1099 -10.88 5.56 -37.14
C LEU A 1099 -10.01 4.79 -36.15
N PHE A 1100 -10.59 3.86 -35.38
CA PHE A 1100 -9.82 3.15 -34.33
C PHE A 1100 -9.70 1.67 -34.71
N ARG A 1101 -8.60 1.02 -34.39
CA ARG A 1101 -8.36 -0.40 -34.58
C ARG A 1101 -8.34 -1.11 -33.23
N PRO A 1102 -9.31 -1.97 -32.94
CA PRO A 1102 -9.33 -2.67 -31.65
C PRO A 1102 -8.55 -3.96 -31.66
N ILE A 1103 -8.20 -4.40 -30.46
CA ILE A 1103 -7.48 -5.66 -30.25
C ILE A 1103 -8.33 -6.53 -29.33
N HIS A 1104 -8.59 -7.77 -29.76
CA HIS A 1104 -9.51 -8.63 -29.00
C HIS A 1104 -8.78 -9.49 -27.98
N PRO A 1105 -9.09 -9.38 -26.68
CA PRO A 1105 -8.54 -10.27 -25.65
C PRO A 1105 -9.43 -11.49 -25.44
N ILE A 1106 -8.92 -12.41 -24.62
CA ILE A 1106 -9.66 -13.59 -24.19
C ILE A 1106 -9.22 -13.93 -22.78
N THR A 1107 -10.18 -14.37 -21.98
CA THR A 1107 -9.97 -14.57 -20.55
C THR A 1107 -9.38 -15.94 -20.26
N GLY A 1108 -8.82 -16.07 -19.08
CA GLY A 1108 -8.28 -17.32 -18.59
C GLY A 1108 -8.02 -17.22 -17.10
N LEU A 1109 -7.55 -18.32 -16.53
CA LEU A 1109 -7.31 -18.39 -15.10
C LEU A 1109 -5.85 -18.74 -14.85
N ARG A 1110 -5.41 -18.50 -13.61
CA ARG A 1110 -4.05 -18.85 -13.22
C ARG A 1110 -4.01 -19.02 -11.71
N CYS A 1111 -3.35 -20.08 -11.25
CA CYS A 1111 -3.23 -20.38 -9.83
C CYS A 1111 -1.82 -20.08 -9.36
N ARG A 1112 -1.70 -19.36 -8.25
CA ARG A 1112 -0.41 -18.99 -7.69
C ARG A 1112 -0.37 -19.28 -6.20
N CYS A 1113 0.81 -19.64 -5.71
CA CYS A 1113 0.97 -19.89 -4.28
C CYS A 1113 1.15 -18.58 -3.53
N PRO A 1114 0.27 -18.25 -2.60
CA PRO A 1114 0.45 -17.04 -1.80
C PRO A 1114 1.60 -17.21 -0.82
N PRO A 1115 2.15 -16.10 -0.31
CA PRO A 1115 3.25 -16.21 0.66
C PRO A 1115 2.79 -16.83 1.97
N GLY A 1116 3.76 -17.15 2.81
CA GLY A 1116 3.47 -17.77 4.09
C GLY A 1116 3.20 -19.25 4.02
N PHE A 1117 3.38 -19.87 2.86
CA PHE A 1117 3.13 -21.30 2.69
C PHE A 1117 4.30 -21.91 1.93
N THR A 1118 4.50 -23.21 2.15
CA THR A 1118 5.64 -23.91 1.56
C THR A 1118 5.23 -25.34 1.22
N GLY A 1119 6.00 -25.94 0.32
CA GLY A 1119 5.73 -27.29 -0.15
C GLY A 1119 5.37 -27.33 -1.62
N ASP A 1120 5.33 -28.56 -2.15
CA ASP A 1120 4.94 -28.75 -3.54
C ASP A 1120 3.51 -28.29 -3.80
N TYR A 1121 2.69 -28.22 -2.76
CA TYR A 1121 1.32 -27.75 -2.88
C TYR A 1121 1.04 -26.62 -1.89
N CYS A 1122 2.09 -26.10 -1.24
CA CYS A 1122 1.97 -25.06 -0.22
C CYS A 1122 0.97 -25.48 0.85
N GLU A 1123 1.12 -26.70 1.35
CA GLU A 1123 0.22 -27.26 2.34
C GLU A 1123 0.68 -27.03 3.77
N THR A 1124 1.76 -26.30 3.97
CA THR A 1124 2.32 -26.08 5.30
C THR A 1124 2.55 -24.58 5.51
N GLU A 1125 2.35 -24.14 6.74
CA GLU A 1125 2.45 -22.73 7.09
C GLU A 1125 3.74 -22.46 7.85
N ILE A 1126 4.13 -21.19 7.86
CA ILE A 1126 5.40 -20.76 8.45
C ILE A 1126 5.11 -19.68 9.49
N ASP A 1127 5.62 -19.88 10.69
CA ASP A 1127 5.58 -18.83 11.72
C ASP A 1127 6.74 -17.87 11.47
N LEU A 1128 6.40 -16.63 11.10
CA LEU A 1128 7.42 -15.65 10.75
C LEU A 1128 8.25 -15.18 11.94
N CYS A 1129 7.81 -15.46 13.16
CA CYS A 1129 8.55 -15.01 14.33
C CYS A 1129 9.83 -15.82 14.57
N TYR A 1130 10.03 -16.91 13.82
CA TYR A 1130 11.25 -17.70 13.99
C TYR A 1130 12.51 -16.88 13.73
N SER A 1131 12.42 -15.86 12.87
CA SER A 1131 13.56 -15.03 12.53
C SER A 1131 13.99 -14.12 13.66
N ASN A 1132 13.20 -14.06 14.75
CA ASN A 1132 13.51 -13.24 15.91
C ASN A 1132 13.67 -11.76 15.52
N PRO A 1133 12.60 -11.14 15.02
CA PRO A 1133 12.73 -9.76 14.55
C PRO A 1133 12.76 -8.74 15.68
N CYS A 1134 12.00 -9.01 16.74
CA CYS A 1134 11.98 -8.10 17.89
C CYS A 1134 13.31 -8.04 18.61
N GLY A 1135 14.11 -9.09 18.55
CA GLY A 1135 15.33 -9.10 19.32
C GLY A 1135 15.03 -9.20 20.81
N ALA A 1136 15.99 -8.76 21.60
CA ALA A 1136 15.87 -8.79 23.06
C ALA A 1136 15.02 -7.65 23.60
N ASN A 1137 14.62 -6.71 22.75
CA ASN A 1137 13.87 -5.53 23.19
C ASN A 1137 12.37 -5.69 23.00
N GLY A 1138 11.91 -6.91 22.73
CA GLY A 1138 10.49 -7.11 22.52
C GLY A 1138 10.16 -8.59 22.34
N ARG A 1139 8.87 -8.84 22.14
CA ARG A 1139 8.35 -10.19 21.98
C ARG A 1139 7.47 -10.21 20.73
N CYS A 1140 7.52 -11.31 19.99
CA CYS A 1140 6.93 -11.39 18.66
C CYS A 1140 5.56 -12.06 18.73
N ARG A 1141 4.55 -11.42 18.13
CA ARG A 1141 3.26 -12.02 17.91
C ARG A 1141 3.13 -12.39 16.44
N SER A 1142 2.76 -13.63 16.17
CA SER A 1142 2.55 -14.08 14.80
C SER A 1142 1.19 -13.60 14.29
N ARG A 1143 1.08 -13.53 12.97
CA ARG A 1143 -0.20 -13.23 12.34
C ARG A 1143 -0.10 -13.67 10.89
N GLU A 1144 -1.26 -13.76 10.24
CA GLU A 1144 -1.30 -14.27 8.88
C GLU A 1144 -0.45 -13.42 7.95
N GLY A 1145 0.68 -13.97 7.51
CA GLY A 1145 1.59 -13.25 6.65
C GLY A 1145 2.32 -12.11 7.30
N GLY A 1146 2.48 -12.10 8.62
CA GLY A 1146 3.21 -11.02 9.24
C GLY A 1146 3.42 -11.24 10.71
N TYR A 1147 3.93 -10.20 11.37
CA TYR A 1147 4.18 -10.26 12.80
C TYR A 1147 4.06 -8.86 13.39
N THR A 1148 3.82 -8.83 14.70
CA THR A 1148 3.74 -7.60 15.47
C THR A 1148 4.72 -7.72 16.63
N CYS A 1149 5.21 -6.59 17.12
CA CYS A 1149 6.07 -6.59 18.29
C CYS A 1149 5.34 -5.95 19.46
N GLU A 1150 5.38 -6.62 20.60
CA GLU A 1150 5.02 -6.01 21.88
C GLU A 1150 6.25 -5.34 22.44
N CYS A 1151 7.17 -4.96 21.54
CA CYS A 1151 8.49 -4.44 21.85
C CYS A 1151 8.47 -3.51 23.05
N PHE A 1152 9.39 -3.75 23.99
CA PHE A 1152 9.24 -3.31 25.37
C PHE A 1152 9.36 -1.80 25.53
N GLU A 1153 9.24 -1.34 26.78
CA GLU A 1153 9.22 0.07 27.10
C GLU A 1153 10.53 0.73 26.68
N ASP A 1154 10.45 2.04 26.44
CA ASP A 1154 11.60 2.86 26.05
C ASP A 1154 12.16 2.40 24.71
N PHE A 1155 11.37 1.64 23.97
CA PHE A 1155 11.75 1.18 22.63
C PHE A 1155 10.56 1.25 21.72
N THR A 1156 10.76 1.84 20.54
CA THR A 1156 9.70 2.00 19.56
C THR A 1156 10.29 1.86 18.17
N GLY A 1157 9.40 1.82 17.18
CA GLY A 1157 9.82 1.63 15.80
C GLY A 1157 9.15 0.42 15.19
N GLU A 1158 9.15 0.35 13.86
CA GLU A 1158 8.52 -0.77 13.18
C GLU A 1158 9.19 -2.08 13.55
N HIS A 1159 10.51 -2.08 13.70
CA HIS A 1159 11.24 -3.20 14.29
C HIS A 1159 11.72 -2.86 15.69
N CYS A 1160 11.04 -1.92 16.35
CA CYS A 1160 11.45 -1.33 17.63
C CYS A 1160 12.95 -1.10 17.68
N GLN A 1161 13.46 -0.43 16.65
CA GLN A 1161 14.88 -0.13 16.53
C GLN A 1161 15.22 1.25 17.09
N VAL A 1162 14.25 1.94 17.68
CA VAL A 1162 14.43 3.30 18.17
C VAL A 1162 14.15 3.31 19.66
N ASN A 1163 15.07 3.89 20.43
CA ASN A 1163 14.87 4.11 21.85
C ASN A 1163 14.22 5.47 22.05
N VAL A 1164 13.30 5.54 23.02
CA VAL A 1164 12.57 6.75 23.30
C VAL A 1164 13.35 7.69 24.21
N ARG A 1165 13.83 7.16 25.34
CA ARG A 1165 14.48 7.99 26.34
C ARG A 1165 15.85 8.48 25.88
N SER A 1166 16.60 7.68 25.14
CA SER A 1166 17.95 8.03 24.73
C SER A 1166 18.09 8.36 23.26
N GLY A 1167 17.02 8.23 22.47
CA GLY A 1167 17.10 8.47 21.05
C GLY A 1167 17.05 9.95 20.70
N ARG A 1168 16.78 10.20 19.43
CA ARG A 1168 16.62 11.55 18.90
C ARG A 1168 15.50 11.53 17.86
N CYS A 1169 15.26 12.67 17.22
CA CYS A 1169 14.21 12.77 16.22
C CYS A 1169 14.46 11.82 15.07
N ALA A 1170 13.40 11.09 14.69
CA ALA A 1170 13.41 10.22 13.52
C ALA A 1170 12.16 10.50 12.71
N SER A 1171 12.24 10.22 11.42
CA SER A 1171 11.12 10.51 10.53
C SER A 1171 9.97 9.57 10.81
N GLY A 1172 8.77 10.14 11.01
CA GLY A 1172 7.56 9.37 11.18
C GLY A 1172 7.23 8.96 12.60
N VAL A 1173 8.14 9.12 13.55
CA VAL A 1173 7.84 8.72 14.92
C VAL A 1173 6.79 9.65 15.53
N CYS A 1174 6.82 10.92 15.17
CA CYS A 1174 5.85 11.90 15.66
C CYS A 1174 4.70 11.94 14.65
N LYS A 1175 3.68 11.14 14.90
CA LYS A 1175 2.59 10.98 13.94
C LYS A 1175 1.68 12.20 13.93
N ASN A 1176 0.94 12.33 12.83
CA ASN A 1176 -0.10 13.36 12.69
C ASN A 1176 0.47 14.77 12.83
N GLY A 1177 1.63 15.00 12.23
CA GLY A 1177 2.21 16.32 12.21
C GLY A 1177 2.82 16.79 13.52
N GLY A 1178 3.00 15.90 14.49
CA GLY A 1178 3.64 16.27 15.73
C GLY A 1178 5.06 16.77 15.50
N THR A 1179 5.38 17.92 16.06
CA THR A 1179 6.71 18.50 15.86
C THR A 1179 7.70 17.82 16.82
N CYS A 1180 8.75 17.22 16.26
CA CYS A 1180 9.74 16.55 17.11
C CYS A 1180 10.76 17.57 17.61
N VAL A 1181 10.89 17.67 18.93
CA VAL A 1181 11.88 18.53 19.56
C VAL A 1181 12.85 17.63 20.32
N ASN A 1182 14.13 17.74 19.99
CA ASN A 1182 15.14 16.91 20.66
C ASN A 1182 15.44 17.48 22.02
N LEU A 1183 15.27 16.67 23.06
CA LEU A 1183 15.58 17.10 24.41
C LEU A 1183 17.08 17.30 24.55
N LEU A 1184 17.47 18.33 25.31
CA LEU A 1184 18.88 18.67 25.46
C LEU A 1184 19.67 17.54 26.11
N ILE A 1185 19.02 16.69 26.90
CA ILE A 1185 19.69 15.59 27.58
C ILE A 1185 19.43 14.25 26.88
N GLY A 1186 19.11 14.28 25.60
CA GLY A 1186 18.75 13.08 24.88
C GLY A 1186 17.25 12.84 24.91
N GLY A 1187 16.78 12.04 23.95
CA GLY A 1187 15.37 11.84 23.78
C GLY A 1187 14.73 12.99 23.01
N PHE A 1188 13.42 12.93 22.90
CA PHE A 1188 12.68 13.93 22.14
C PHE A 1188 11.22 13.90 22.57
N HIS A 1189 10.50 14.94 22.17
CA HIS A 1189 9.07 15.06 22.44
C HIS A 1189 8.34 15.41 21.16
N CYS A 1190 7.16 14.82 20.98
CA CYS A 1190 6.29 15.11 19.84
C CYS A 1190 5.23 16.10 20.28
N VAL A 1191 5.39 17.36 19.87
CA VAL A 1191 4.39 18.39 20.12
C VAL A 1191 3.19 18.14 19.22
N CYS A 1192 2.12 17.62 19.79
CA CYS A 1192 0.90 17.39 19.03
C CYS A 1192 0.27 18.72 18.65
N PRO A 1193 -0.29 18.83 17.44
CA PRO A 1193 -1.06 20.02 17.10
C PRO A 1193 -2.30 20.12 17.96
N PRO A 1194 -2.80 21.33 18.20
CA PRO A 1194 -3.98 21.48 19.08
C PRO A 1194 -5.18 20.72 18.52
N GLY A 1195 -5.59 19.70 19.26
CA GLY A 1195 -6.71 18.87 18.84
C GLY A 1195 -6.81 17.64 19.70
N GLU A 1196 -7.65 16.71 19.26
CA GLU A 1196 -7.89 15.47 19.99
C GLU A 1196 -6.81 14.45 19.61
N TYR A 1197 -5.61 14.70 20.13
CA TYR A 1197 -4.46 13.85 19.88
C TYR A 1197 -3.91 13.34 21.19
N GLU A 1198 -3.56 12.06 21.21
CA GLU A 1198 -3.18 11.37 22.44
C GLU A 1198 -1.67 11.20 22.51
N HIS A 1199 -1.10 11.65 23.61
CA HIS A 1199 0.33 11.51 23.86
C HIS A 1199 0.69 10.04 24.07
N PRO A 1200 1.95 9.67 23.80
CA PRO A 1200 3.06 10.49 23.34
C PRO A 1200 3.22 10.51 21.83
N TYR A 1201 2.20 10.08 21.07
CA TYR A 1201 2.35 9.94 19.63
C TYR A 1201 1.23 10.63 18.84
N CYS A 1202 0.38 11.42 19.50
CA CYS A 1202 -0.63 12.24 18.83
C CYS A 1202 -1.57 11.37 17.98
N GLU A 1203 -2.28 10.50 18.68
CA GLU A 1203 -3.18 9.56 18.03
C GLU A 1203 -4.62 9.79 18.49
N VAL A 1204 -5.55 9.15 17.78
CA VAL A 1204 -6.98 9.28 18.03
C VAL A 1204 -7.55 7.89 18.27
N SER A 1205 -8.37 7.75 19.31
CA SER A 1205 -8.88 6.43 19.68
C SER A 1205 -10.37 6.36 19.94
N THR A 1206 -11.05 7.46 20.25
CA THR A 1206 -12.46 7.43 20.62
C THR A 1206 -13.27 8.29 19.67
N ARG A 1207 -14.39 7.74 19.19
CA ARG A 1207 -15.23 8.48 18.26
C ARG A 1207 -16.69 8.34 18.64
N SER A 1208 -17.46 9.35 18.24
CA SER A 1208 -18.90 9.41 18.44
C SER A 1208 -19.61 9.39 17.09
N PHE A 1209 -20.85 8.89 17.09
CA PHE A 1209 -21.60 8.64 15.88
C PHE A 1209 -23.02 9.13 16.05
N PRO A 1210 -23.37 10.27 15.46
CA PRO A 1210 -24.76 10.69 15.35
C PRO A 1210 -25.44 9.96 14.20
N PRO A 1211 -26.75 10.14 14.01
CA PRO A 1211 -27.45 9.40 12.96
C PRO A 1211 -26.89 9.69 11.57
N GLN A 1212 -26.99 8.67 10.71
CA GLN A 1212 -26.59 8.81 9.28
C GLN A 1212 -25.14 9.27 9.15
N SER A 1213 -24.25 8.77 9.99
CA SER A 1213 -22.83 9.06 9.89
C SER A 1213 -22.08 7.74 9.95
N PHE A 1214 -21.09 7.56 9.07
CA PHE A 1214 -20.33 6.29 9.00
C PHE A 1214 -18.90 6.57 8.54
N VAL A 1215 -18.00 5.62 8.72
CA VAL A 1215 -16.60 5.72 8.34
C VAL A 1215 -16.25 4.53 7.47
N THR A 1216 -15.18 4.67 6.68
CA THR A 1216 -14.72 3.60 5.82
C THR A 1216 -13.20 3.47 5.96
N PHE A 1217 -12.77 2.30 6.43
CA PHE A 1217 -11.39 1.90 6.60
C PHE A 1217 -11.00 0.94 5.47
N ARG A 1218 -9.82 0.34 5.57
CA ARG A 1218 -9.37 -0.69 4.64
C ARG A 1218 -10.02 -2.02 4.99
N GLY A 1219 -10.37 -2.79 3.97
CA GLY A 1219 -11.03 -4.06 4.20
C GLY A 1219 -10.06 -5.13 4.68
N LEU A 1220 -10.63 -6.21 5.20
CA LEU A 1220 -9.83 -7.33 5.68
C LEU A 1220 -9.50 -8.29 4.54
N ARG A 1221 -8.24 -8.73 4.53
CA ARG A 1221 -7.77 -9.64 3.50
C ARG A 1221 -7.33 -11.00 4.02
N GLN A 1222 -7.43 -11.26 5.32
CA GLN A 1222 -7.07 -12.55 5.87
C GLN A 1222 -7.98 -13.64 5.32
N ARG A 1223 -7.38 -14.79 4.99
CA ARG A 1223 -8.13 -15.80 4.25
C ARG A 1223 -8.81 -16.80 5.17
N PHE A 1224 -8.12 -17.26 6.21
CA PHE A 1224 -8.66 -18.34 7.04
C PHE A 1224 -8.91 -17.96 8.49
N HIS A 1225 -7.89 -17.42 9.17
CA HIS A 1225 -7.98 -17.18 10.60
C HIS A 1225 -7.74 -15.71 10.92
N PHE A 1226 -8.54 -15.16 11.83
CA PHE A 1226 -8.37 -13.77 12.24
C PHE A 1226 -9.09 -13.53 13.56
N THR A 1227 -8.79 -12.38 14.17
CA THR A 1227 -9.37 -11.95 15.43
C THR A 1227 -9.67 -10.47 15.37
N VAL A 1228 -10.83 -10.08 15.91
CA VAL A 1228 -11.27 -8.69 15.93
C VAL A 1228 -11.78 -8.36 17.33
N SER A 1229 -11.52 -7.15 17.78
CA SER A 1229 -11.96 -6.75 19.12
C SER A 1229 -12.18 -5.25 19.16
N LEU A 1230 -13.12 -4.82 20.00
CA LEU A 1230 -13.36 -3.39 20.17
C LEU A 1230 -14.16 -3.14 21.44
N ALA A 1231 -14.47 -1.87 21.65
CA ALA A 1231 -15.28 -1.48 22.81
C ALA A 1231 -16.30 -0.47 22.32
N PHE A 1232 -17.47 -0.44 22.92
CA PHE A 1232 -18.59 0.37 22.48
C PHE A 1232 -19.46 0.78 23.65
N ALA A 1233 -20.27 1.81 23.42
CA ALA A 1233 -21.20 2.31 24.43
C ALA A 1233 -22.35 3.03 23.73
N THR A 1234 -23.57 2.63 24.05
CA THR A 1234 -24.77 3.22 23.48
C THR A 1234 -25.96 2.84 24.33
N GLN A 1235 -27.16 3.17 23.83
CA GLN A 1235 -28.39 2.91 24.56
C GLN A 1235 -29.50 2.31 23.71
N ASP A 1236 -29.35 2.26 22.39
CA ASP A 1236 -30.45 1.83 21.53
C ASP A 1236 -30.68 0.33 21.65
N ARG A 1237 -31.95 -0.06 21.67
CA ARG A 1237 -32.29 -1.48 21.74
C ARG A 1237 -31.83 -2.22 20.50
N ASN A 1238 -32.05 -1.63 19.32
CA ASN A 1238 -31.69 -2.24 18.05
C ASN A 1238 -30.81 -1.28 17.26
N ALA A 1239 -29.62 -1.75 16.88
CA ALA A 1239 -28.68 -0.92 16.13
C ALA A 1239 -27.66 -1.82 15.45
N LEU A 1240 -27.02 -1.29 14.41
CA LEU A 1240 -25.98 -2.01 13.70
C LEU A 1240 -24.62 -1.69 14.30
N LEU A 1241 -23.73 -2.67 14.29
CA LEU A 1241 -22.38 -2.47 14.80
C LEU A 1241 -21.33 -2.55 13.69
N LEU A 1242 -21.31 -3.68 12.97
CA LEU A 1242 -20.24 -3.92 12.01
C LEU A 1242 -20.77 -4.74 10.84
N TYR A 1243 -20.24 -4.46 9.65
CA TYR A 1243 -20.60 -5.22 8.47
C TYR A 1243 -19.41 -5.28 7.52
N ASN A 1244 -19.33 -6.36 6.75
CA ASN A 1244 -18.40 -6.45 5.64
C ASN A 1244 -18.89 -7.49 4.65
N GLY A 1245 -18.66 -7.21 3.38
CA GLY A 1245 -19.10 -8.10 2.31
C GLY A 1245 -18.37 -7.79 1.02
N ARG A 1246 -18.99 -8.17 -0.09
CA ARG A 1246 -18.42 -7.96 -1.42
C ARG A 1246 -19.17 -6.85 -2.15
N PHE A 1247 -18.69 -6.55 -3.36
CA PHE A 1247 -19.33 -5.53 -4.18
C PHE A 1247 -20.75 -5.95 -4.58
N ASN A 1248 -20.92 -7.21 -4.97
CA ASN A 1248 -22.22 -7.71 -5.37
C ASN A 1248 -23.20 -7.84 -4.22
N GLU A 1249 -22.72 -7.67 -2.98
CA GLU A 1249 -23.56 -7.81 -1.79
C GLU A 1249 -24.19 -9.19 -1.71
N LYS A 1250 -23.42 -10.21 -2.10
CA LYS A 1250 -23.89 -11.58 -2.09
C LYS A 1250 -22.75 -12.47 -1.58
N HIS A 1251 -23.05 -13.76 -1.45
CA HIS A 1251 -22.06 -14.80 -1.12
C HIS A 1251 -21.46 -14.48 0.24
N ASP A 1252 -20.15 -14.35 0.37
CA ASP A 1252 -19.52 -14.20 1.68
C ASP A 1252 -19.87 -12.85 2.30
N PHE A 1253 -20.23 -12.86 3.57
CA PHE A 1253 -20.43 -11.63 4.31
C PHE A 1253 -20.45 -11.92 5.80
N ILE A 1254 -20.13 -10.89 6.60
CA ILE A 1254 -20.20 -10.99 8.05
C ILE A 1254 -20.82 -9.71 8.58
N ALA A 1255 -21.49 -9.83 9.73
CA ALA A 1255 -22.11 -8.66 10.35
C ALA A 1255 -22.35 -8.94 11.82
N LEU A 1256 -22.25 -7.90 12.63
CA LEU A 1256 -22.47 -7.96 14.05
C LEU A 1256 -23.40 -6.82 14.46
N GLU A 1257 -24.40 -7.14 15.27
CA GLU A 1257 -25.44 -6.17 15.61
C GLU A 1257 -25.90 -6.37 17.04
N ILE A 1258 -26.72 -5.42 17.50
CA ILE A 1258 -27.38 -5.49 18.78
C ILE A 1258 -28.87 -5.59 18.54
N VAL A 1259 -29.49 -6.66 19.01
CA VAL A 1259 -30.92 -6.88 18.91
C VAL A 1259 -31.46 -7.16 20.30
N GLU A 1260 -32.49 -6.40 20.70
CA GLU A 1260 -33.15 -6.58 21.99
C GLU A 1260 -32.15 -6.52 23.13
N GLU A 1261 -31.23 -5.56 23.03
CA GLU A 1261 -30.19 -5.35 24.04
C GLU A 1261 -29.31 -6.59 24.22
N GLN A 1262 -29.15 -7.36 23.15
CA GLN A 1262 -28.31 -8.55 23.17
C GLN A 1262 -27.46 -8.59 21.91
N LEU A 1263 -26.20 -8.98 22.07
CA LEU A 1263 -25.29 -9.02 20.94
C LEU A 1263 -25.57 -10.23 20.06
N GLN A 1264 -25.41 -10.07 18.76
CA GLN A 1264 -25.66 -11.16 17.82
C GLN A 1264 -24.75 -11.03 16.61
N LEU A 1265 -24.08 -12.13 16.26
CA LEU A 1265 -23.18 -12.19 15.12
C LEU A 1265 -23.78 -13.09 14.05
N THR A 1266 -24.00 -12.55 12.86
CA THR A 1266 -24.52 -13.33 11.74
C THR A 1266 -23.50 -13.30 10.61
N PHE A 1267 -23.14 -14.48 10.11
CA PHE A 1267 -22.16 -14.56 9.04
C PHE A 1267 -22.55 -15.66 8.08
N SER A 1268 -22.13 -15.52 6.83
CA SER A 1268 -22.32 -16.57 5.85
C SER A 1268 -21.07 -16.65 4.98
N ALA A 1269 -20.56 -17.86 4.79
CA ALA A 1269 -19.40 -18.12 3.94
C ALA A 1269 -19.79 -18.43 2.50
N GLY A 1270 -20.94 -17.94 2.05
CA GLY A 1270 -21.39 -18.16 0.69
C GLY A 1270 -22.44 -19.25 0.54
N GLU A 1271 -22.72 -20.01 1.59
CA GLU A 1271 -23.69 -21.09 1.52
C GLU A 1271 -24.87 -20.89 2.46
N THR A 1272 -24.62 -20.72 3.75
CA THR A 1272 -25.68 -20.61 4.73
C THR A 1272 -25.37 -19.53 5.75
N THR A 1273 -26.42 -18.93 6.29
CA THR A 1273 -26.31 -17.89 7.30
C THR A 1273 -26.33 -18.54 8.67
N THR A 1274 -25.42 -18.13 9.54
CA THR A 1274 -25.29 -18.67 10.89
C THR A 1274 -25.27 -17.52 11.90
N THR A 1275 -26.00 -17.71 13.00
CA THR A 1275 -26.15 -16.70 14.04
C THR A 1275 -25.58 -17.23 15.36
N VAL A 1276 -24.83 -16.39 16.05
CA VAL A 1276 -24.26 -16.68 17.35
C VAL A 1276 -24.73 -15.60 18.32
N THR A 1277 -25.31 -16.03 19.44
CA THR A 1277 -25.94 -15.11 20.40
C THR A 1277 -25.61 -15.51 21.83
N PRO A 1278 -24.47 -15.05 22.36
CA PRO A 1278 -24.25 -15.16 23.80
C PRO A 1278 -25.22 -14.26 24.56
N GLN A 1279 -25.56 -14.68 25.77
CA GLN A 1279 -26.55 -13.98 26.59
C GLN A 1279 -25.88 -13.40 27.83
N VAL A 1280 -26.07 -12.12 28.07
CA VAL A 1280 -25.55 -11.43 29.25
C VAL A 1280 -26.73 -10.96 30.09
N PRO A 1281 -26.78 -11.28 31.37
CA PRO A 1281 -27.90 -10.84 32.20
C PRO A 1281 -27.99 -9.32 32.24
N GLY A 1282 -29.22 -8.81 32.20
CA GLY A 1282 -29.47 -7.40 32.28
C GLY A 1282 -29.23 -6.62 31.00
N GLY A 1283 -28.86 -7.29 29.91
CA GLY A 1283 -28.59 -6.59 28.67
C GLY A 1283 -27.28 -5.85 28.71
N VAL A 1284 -26.98 -5.19 27.59
CA VAL A 1284 -25.75 -4.42 27.48
C VAL A 1284 -26.07 -3.01 27.02
N SER A 1285 -27.35 -2.69 26.92
CA SER A 1285 -27.77 -1.35 26.49
C SER A 1285 -27.98 -0.44 27.68
N ASP A 1286 -26.94 -0.24 28.50
CA ASP A 1286 -27.05 0.57 29.70
C ASP A 1286 -26.24 1.85 29.61
N GLY A 1287 -25.62 2.11 28.46
CA GLY A 1287 -24.77 3.28 28.33
C GLY A 1287 -23.38 3.12 28.90
N ARG A 1288 -23.03 1.95 29.41
CA ARG A 1288 -21.71 1.69 29.93
C ARG A 1288 -20.85 0.95 28.90
N TRP A 1289 -19.56 1.19 28.97
CA TRP A 1289 -18.63 0.64 27.99
C TRP A 1289 -18.58 -0.88 28.09
N HIS A 1290 -18.56 -1.54 26.94
CA HIS A 1290 -18.45 -2.99 26.88
C HIS A 1290 -17.51 -3.38 25.76
N SER A 1291 -16.86 -4.53 25.94
CA SER A 1291 -15.85 -5.00 24.99
C SER A 1291 -16.35 -6.27 24.31
N VAL A 1292 -15.95 -6.43 23.06
CA VAL A 1292 -16.35 -7.56 22.25
C VAL A 1292 -15.12 -8.12 21.54
N LEU A 1293 -15.03 -9.46 21.51
CA LEU A 1293 -13.94 -10.16 20.85
C LEU A 1293 -14.50 -11.29 20.01
N VAL A 1294 -13.96 -11.46 18.80
CA VAL A 1294 -14.41 -12.47 17.86
C VAL A 1294 -13.18 -13.14 17.25
N GLN A 1295 -13.20 -14.47 17.16
CA GLN A 1295 -12.12 -15.25 16.57
C GLN A 1295 -12.71 -16.17 15.51
N TYR A 1296 -12.04 -16.29 14.37
CA TYR A 1296 -12.46 -17.20 13.31
C TYR A 1296 -11.28 -18.01 12.81
N TYR A 1297 -11.47 -19.32 12.67
CA TYR A 1297 -10.38 -20.17 12.21
C TYR A 1297 -10.95 -21.46 11.64
N ASN A 1298 -10.14 -22.13 10.82
CA ASN A 1298 -10.54 -23.36 10.16
C ASN A 1298 -9.69 -24.53 10.65
N LYS A 1299 -10.34 -25.66 10.87
CA LYS A 1299 -9.63 -26.86 11.27
C LYS A 1299 -8.87 -27.44 10.08
N PRO A 1300 -7.78 -28.17 10.35
CA PRO A 1300 -7.01 -28.77 9.25
C PRO A 1300 -7.43 -30.20 8.96
N ASN A 1301 -7.08 -30.69 7.77
CA ASN A 1301 -7.28 -32.09 7.43
C ASN A 1301 -6.08 -32.88 7.94
N ILE A 1302 -6.26 -33.56 9.08
CA ILE A 1302 -5.17 -34.33 9.65
C ILE A 1302 -4.92 -35.56 8.80
N GLY A 1303 -3.67 -35.71 8.34
CA GLY A 1303 -3.32 -36.81 7.47
C GLY A 1303 -3.13 -38.11 8.24
N HIS A 1304 -2.91 -39.19 7.47
CA HIS A 1304 -2.65 -40.49 8.07
C HIS A 1304 -1.37 -40.46 8.89
N LEU A 1305 -0.33 -39.81 8.38
CA LEU A 1305 0.94 -39.72 9.09
C LEU A 1305 0.90 -38.72 10.24
N GLY A 1306 -0.28 -38.17 10.56
CA GLY A 1306 -0.39 -37.14 11.56
C GLY A 1306 -0.09 -35.75 11.08
N LEU A 1307 0.32 -35.60 9.82
CA LEU A 1307 0.63 -34.29 9.27
C LEU A 1307 -0.62 -33.66 8.68
N PRO A 1308 -1.00 -32.46 9.10
CA PRO A 1308 -2.17 -31.79 8.52
C PRO A 1308 -1.98 -31.48 7.05
N HIS A 1309 -2.76 -32.11 6.19
CA HIS A 1309 -2.63 -31.96 4.74
C HIS A 1309 -3.78 -31.07 4.27
N GLY A 1310 -3.52 -29.76 4.21
CA GLY A 1310 -4.50 -28.82 3.75
C GLY A 1310 -5.52 -28.49 4.81
N PRO A 1311 -6.46 -27.60 4.49
CA PRO A 1311 -7.48 -27.21 5.46
C PRO A 1311 -8.73 -28.08 5.38
N SER A 1312 -9.32 -28.32 6.53
CA SER A 1312 -10.55 -29.12 6.58
C SER A 1312 -11.76 -28.24 6.24
N GLY A 1313 -12.91 -28.90 6.16
CA GLY A 1313 -14.15 -28.21 5.87
C GLY A 1313 -14.85 -27.61 7.06
N GLU A 1314 -14.25 -27.68 8.24
CA GLU A 1314 -14.86 -27.16 9.46
C GLU A 1314 -14.35 -25.74 9.71
N LYS A 1315 -15.29 -24.82 9.90
CA LYS A 1315 -14.98 -23.43 10.21
C LYS A 1315 -15.61 -23.07 11.55
N VAL A 1316 -14.81 -22.49 12.44
CA VAL A 1316 -15.21 -22.23 13.81
C VAL A 1316 -15.13 -20.74 14.09
N ALA A 1317 -16.20 -20.19 14.66
CA ALA A 1317 -16.24 -18.80 15.08
C ALA A 1317 -16.58 -18.77 16.57
N VAL A 1318 -15.88 -17.91 17.31
CA VAL A 1318 -16.05 -17.81 18.76
C VAL A 1318 -16.26 -16.34 19.12
N VAL A 1319 -17.26 -16.07 19.94
CA VAL A 1319 -17.63 -14.72 20.36
C VAL A 1319 -17.55 -14.63 21.87
N THR A 1320 -16.88 -13.60 22.37
CA THR A 1320 -16.73 -13.36 23.80
C THR A 1320 -17.07 -11.90 24.10
N VAL A 1321 -17.78 -11.69 25.20
CA VAL A 1321 -18.20 -10.37 25.64
C VAL A 1321 -17.60 -10.09 27.01
N ASP A 1322 -16.80 -9.03 27.09
CA ASP A 1322 -16.20 -8.56 28.35
C ASP A 1322 -15.41 -9.72 28.97
N ASP A 1323 -15.31 -9.73 30.30
CA ASP A 1323 -14.57 -10.77 31.00
C ASP A 1323 -15.41 -12.05 31.05
N CYS A 1324 -14.87 -13.13 30.52
CA CYS A 1324 -15.59 -14.39 30.46
C CYS A 1324 -14.62 -15.50 30.06
N ASP A 1325 -14.74 -16.66 30.71
CA ASP A 1325 -13.93 -17.81 30.34
C ASP A 1325 -14.62 -18.59 29.23
N ALA A 1326 -13.94 -18.71 28.09
CA ALA A 1326 -14.54 -19.30 26.90
C ALA A 1326 -14.68 -20.81 27.01
N ALA A 1327 -13.64 -21.49 27.49
CA ALA A 1327 -13.63 -22.95 27.46
C ALA A 1327 -14.75 -23.52 28.34
N VAL A 1328 -14.80 -23.10 29.60
CA VAL A 1328 -15.79 -23.64 30.52
C VAL A 1328 -17.20 -23.31 30.04
N ALA A 1329 -17.39 -22.09 29.54
CA ALA A 1329 -18.69 -21.72 28.98
C ALA A 1329 -19.08 -22.68 27.88
N VAL A 1330 -18.33 -22.68 26.78
CA VAL A 1330 -18.71 -23.43 25.59
C VAL A 1330 -18.93 -24.90 25.92
N HIS A 1331 -18.06 -25.48 26.75
CA HIS A 1331 -18.20 -26.90 27.03
C HIS A 1331 -19.39 -27.17 27.94
N PHE A 1332 -19.41 -26.59 29.15
CA PHE A 1332 -20.33 -27.05 30.18
C PHE A 1332 -20.92 -25.91 31.01
N GLY A 1333 -21.12 -24.76 30.39
CA GLY A 1333 -21.75 -23.63 31.10
C GLY A 1333 -23.10 -23.99 31.65
N SER A 1334 -23.94 -24.65 30.85
CA SER A 1334 -25.28 -25.06 31.29
C SER A 1334 -25.19 -26.00 32.48
N TYR A 1335 -24.26 -26.96 32.45
CA TYR A 1335 -24.10 -27.86 33.58
C TYR A 1335 -23.68 -27.11 34.84
N VAL A 1336 -22.81 -26.11 34.69
CA VAL A 1336 -22.40 -25.26 35.85
C VAL A 1336 -23.60 -24.48 36.40
N GLY A 1337 -24.55 -24.09 35.56
CA GLY A 1337 -25.68 -23.23 36.01
C GLY A 1337 -26.10 -22.26 34.94
N ASN A 1338 -26.15 -20.95 35.26
CA ASN A 1338 -26.45 -19.93 34.23
C ASN A 1338 -25.19 -19.12 33.92
N TYR A 1339 -24.49 -19.43 32.83
CA TYR A 1339 -23.22 -18.75 32.50
C TYR A 1339 -22.97 -18.94 31.01
N SER A 1340 -23.44 -18.00 30.18
CA SER A 1340 -23.29 -18.17 28.72
C SER A 1340 -22.68 -16.91 28.12
N CYS A 1341 -21.78 -16.25 28.85
CA CYS A 1341 -21.14 -15.02 28.43
C CYS A 1341 -20.25 -15.21 27.20
N ALA A 1342 -20.22 -16.40 26.60
CA ALA A 1342 -19.46 -16.63 25.38
C ALA A 1342 -20.16 -17.71 24.58
N ALA A 1343 -19.88 -17.75 23.27
CA ALA A 1343 -20.59 -18.68 22.42
C ALA A 1343 -19.75 -19.03 21.20
N GLN A 1344 -20.19 -20.06 20.47
CA GLN A 1344 -19.42 -20.62 19.37
C GLN A 1344 -20.37 -21.11 18.27
N GLY A 1345 -19.93 -20.93 17.03
CA GLY A 1345 -20.68 -21.42 15.88
C GLY A 1345 -19.78 -22.16 14.92
N THR A 1346 -20.37 -23.09 14.16
CA THR A 1346 -19.64 -23.99 13.30
C THR A 1346 -20.27 -24.05 11.92
N GLN A 1347 -19.43 -24.11 10.90
CA GLN A 1347 -19.85 -24.20 9.51
C GLN A 1347 -19.12 -25.32 8.78
N SER A 1348 -19.81 -25.94 7.84
CA SER A 1348 -19.24 -26.97 6.97
C SER A 1348 -19.75 -26.76 5.56
N GLY A 1349 -18.87 -26.98 4.59
CA GLY A 1349 -19.26 -26.81 3.20
C GLY A 1349 -18.12 -27.12 2.27
N SER A 1350 -18.40 -27.05 0.97
CA SER A 1350 -17.39 -27.31 -0.04
C SER A 1350 -16.36 -26.20 -0.14
N LYS A 1351 -16.75 -24.95 0.11
CA LYS A 1351 -15.81 -23.84 0.04
C LYS A 1351 -14.76 -23.95 1.13
N LYS A 1352 -13.51 -23.66 0.77
CA LYS A 1352 -12.40 -23.81 1.69
C LYS A 1352 -11.95 -22.50 2.32
N SER A 1353 -12.22 -21.37 1.67
CA SER A 1353 -11.70 -20.09 2.14
C SER A 1353 -12.83 -19.07 2.18
N LEU A 1354 -12.65 -18.07 3.03
CA LEU A 1354 -13.59 -16.98 3.16
C LEU A 1354 -13.02 -15.74 2.48
N ASP A 1355 -13.75 -15.19 1.53
CA ASP A 1355 -13.26 -14.12 0.67
C ASP A 1355 -14.01 -12.83 0.98
N LEU A 1356 -13.28 -11.77 1.29
CA LEU A 1356 -13.85 -10.45 1.58
C LEU A 1356 -13.22 -9.44 0.63
N THR A 1357 -13.90 -9.18 -0.48
CA THR A 1357 -13.40 -8.21 -1.45
C THR A 1357 -13.61 -6.77 -0.99
N GLY A 1358 -14.75 -6.49 -0.36
CA GLY A 1358 -15.12 -5.13 -0.03
C GLY A 1358 -14.29 -4.53 1.09
N PRO A 1359 -14.42 -3.23 1.28
CA PRO A 1359 -13.66 -2.56 2.34
C PRO A 1359 -14.31 -2.72 3.71
N LEU A 1360 -13.77 -2.03 4.71
CA LEU A 1360 -14.32 -2.08 6.06
C LEU A 1360 -15.15 -0.84 6.34
N LEU A 1361 -16.34 -1.06 6.92
CA LEU A 1361 -17.24 0.02 7.28
C LEU A 1361 -17.60 -0.10 8.75
N LEU A 1362 -18.06 1.01 9.34
CA LEU A 1362 -18.38 1.04 10.75
C LEU A 1362 -19.42 2.11 11.01
N GLY A 1363 -20.26 1.88 12.02
CA GLY A 1363 -21.24 2.85 12.43
C GLY A 1363 -22.53 2.88 11.63
N GLY A 1364 -22.71 1.93 10.72
CA GLY A 1364 -23.91 1.90 9.91
C GLY A 1364 -23.59 1.85 8.43
N VAL A 1365 -24.32 1.02 7.69
CA VAL A 1365 -24.04 0.85 6.26
C VAL A 1365 -24.39 2.12 5.51
N PRO A 1366 -23.69 2.45 4.42
CA PRO A 1366 -24.13 3.57 3.58
C PRO A 1366 -25.52 3.30 3.03
N ASN A 1367 -26.33 4.35 2.95
CA ASN A 1367 -27.75 4.16 2.53
C ASN A 1367 -27.84 3.80 1.06
N LEU A 1368 -27.33 2.62 0.69
CA LEU A 1368 -27.41 2.17 -0.69
C LEU A 1368 -28.80 1.61 -0.98
N PRO A 1369 -29.25 1.71 -2.23
CA PRO A 1369 -30.54 1.11 -2.58
C PRO A 1369 -30.56 -0.39 -2.36
N GLU A 1370 -29.45 -1.07 -2.60
CA GLU A 1370 -29.37 -2.50 -2.33
C GLU A 1370 -29.49 -2.76 -0.84
N ASP A 1371 -30.49 -3.55 -0.47
CA ASP A 1371 -30.66 -3.90 0.94
C ASP A 1371 -29.52 -4.78 1.42
N PHE A 1372 -29.07 -4.54 2.60
CA PHE A 1372 -28.01 -5.39 3.07
C PHE A 1372 -28.58 -6.47 3.99
N PRO A 1373 -27.95 -7.65 4.05
CA PRO A 1373 -28.47 -8.70 4.94
C PRO A 1373 -28.27 -8.36 6.40
N VAL A 1374 -28.96 -7.31 6.87
CA VAL A 1374 -28.81 -6.82 8.24
C VAL A 1374 -30.19 -6.49 8.80
N HIS A 1375 -30.36 -6.70 10.10
CA HIS A 1375 -31.62 -6.41 10.74
C HIS A 1375 -31.83 -4.90 10.89
N SER A 1376 -30.80 -4.19 11.36
CA SER A 1376 -30.89 -2.76 11.58
C SER A 1376 -30.34 -2.02 10.35
N ARG A 1377 -30.26 -0.69 10.41
CA ARG A 1377 -29.79 0.06 9.26
C ARG A 1377 -28.82 1.17 9.67
N GLN A 1378 -28.77 1.50 10.96
CA GLN A 1378 -27.97 2.62 11.43
C GLN A 1378 -27.55 2.40 12.87
N PHE A 1379 -26.89 3.41 13.44
CA PHE A 1379 -26.41 3.35 14.80
C PHE A 1379 -26.10 4.75 15.30
N VAL A 1380 -26.22 4.93 16.62
CA VAL A 1380 -25.82 6.14 17.33
C VAL A 1380 -25.09 5.72 18.60
N GLY A 1381 -23.95 6.37 18.88
CA GLY A 1381 -23.20 6.06 20.09
C GLY A 1381 -21.70 6.20 19.89
N CYS A 1382 -20.93 5.72 20.88
CA CYS A 1382 -19.49 5.94 20.88
C CYS A 1382 -18.74 4.62 20.86
N MET A 1383 -17.57 4.63 20.22
CA MET A 1383 -16.70 3.46 20.20
C MET A 1383 -15.25 3.84 20.41
N ARG A 1384 -14.42 2.87 20.79
CA ARG A 1384 -12.97 3.14 21.03
C ARG A 1384 -12.13 1.85 21.04
N ASN A 1385 -10.85 1.94 20.66
CA ASN A 1385 -9.93 0.78 20.66
C ASN A 1385 -10.30 -0.26 19.59
N LEU A 1386 -10.46 0.13 18.33
CA LEU A 1386 -10.73 -0.87 17.27
C LEU A 1386 -9.42 -1.58 16.96
N SER A 1387 -9.08 -2.61 17.75
CA SER A 1387 -7.83 -3.32 17.55
C SER A 1387 -8.06 -4.50 16.62
N ILE A 1388 -7.19 -4.64 15.63
CA ILE A 1388 -7.21 -5.78 14.73
C ILE A 1388 -5.90 -6.56 14.92
N ASP A 1389 -6.04 -7.82 15.31
CA ASP A 1389 -4.90 -8.72 15.51
C ASP A 1389 -3.85 -8.09 16.43
N GLY A 1390 -4.32 -7.49 17.50
CA GLY A 1390 -3.43 -6.79 18.42
C GLY A 1390 -3.13 -5.36 18.04
N ARG A 1391 -2.88 -5.10 16.76
CA ARG A 1391 -2.60 -3.76 16.29
C ARG A 1391 -3.80 -2.85 16.53
N ILE A 1392 -3.54 -1.68 17.08
CA ILE A 1392 -4.58 -0.70 17.35
C ILE A 1392 -4.61 0.31 16.22
N VAL A 1393 -5.79 0.54 15.66
CA VAL A 1393 -5.96 1.41 14.50
C VAL A 1393 -6.24 2.83 14.98
N ASP A 1394 -5.55 3.80 14.38
CA ASP A 1394 -5.80 5.21 14.67
C ASP A 1394 -7.08 5.63 13.98
N MET A 1395 -7.96 6.30 14.72
CA MET A 1395 -9.23 6.74 14.14
C MET A 1395 -9.02 7.79 13.07
N ALA A 1396 -8.00 8.64 13.22
CA ALA A 1396 -7.74 9.70 12.25
C ALA A 1396 -7.36 9.16 10.89
N ALA A 1397 -6.78 7.96 10.81
CA ALA A 1397 -6.34 7.40 9.55
C ALA A 1397 -7.49 6.65 8.86
N PHE A 1398 -8.49 7.42 8.45
CA PHE A 1398 -9.65 6.86 7.78
C PHE A 1398 -9.57 7.11 6.28
N ILE A 1399 -10.21 6.23 5.50
CA ILE A 1399 -10.24 6.41 4.02
C ILE A 1399 -11.45 7.27 3.66
N ALA A 1400 -12.60 7.05 4.30
CA ALA A 1400 -13.75 7.90 4.06
C ALA A 1400 -14.36 8.34 5.38
N ASN A 1401 -15.25 9.34 5.28
CA ASN A 1401 -15.92 9.91 6.48
C ASN A 1401 -17.18 10.62 5.98
N ASN A 1402 -18.37 10.11 6.34
CA ASN A 1402 -19.65 10.74 5.91
C ASN A 1402 -20.34 11.37 7.12
N GLY A 1403 -19.56 12.07 7.95
CA GLY A 1403 -20.17 12.78 9.11
C GLY A 1403 -19.63 12.30 10.45
N THR A 1404 -18.53 11.54 10.49
CA THR A 1404 -18.11 11.08 11.81
C THR A 1404 -17.27 12.14 12.48
N ARG A 1405 -17.58 12.41 13.76
CA ARG A 1405 -16.85 13.38 14.54
C ARG A 1405 -16.05 12.69 15.63
N ALA A 1406 -14.81 13.15 15.82
CA ALA A 1406 -13.91 12.55 16.79
C ALA A 1406 -14.37 12.87 18.21
N GLY A 1407 -13.90 12.05 19.16
CA GLY A 1407 -14.25 12.23 20.55
C GLY A 1407 -15.61 11.65 20.88
N CYS A 1408 -15.97 11.79 22.15
CA CYS A 1408 -17.27 11.36 22.68
C CYS A 1408 -17.70 12.38 23.72
N ALA A 1409 -18.50 13.37 23.29
CA ALA A 1409 -18.89 14.46 24.18
C ALA A 1409 -19.78 13.99 25.33
N SER A 1410 -20.65 13.00 25.10
CA SER A 1410 -21.57 12.55 26.12
C SER A 1410 -20.87 11.89 27.31
N GLN A 1411 -19.59 11.55 27.18
CA GLN A 1411 -18.85 10.87 28.24
C GLN A 1411 -17.88 11.78 28.96
N ARG A 1412 -18.04 13.10 28.81
CA ARG A 1412 -17.18 14.03 29.53
C ARG A 1412 -17.45 13.96 31.02
N ASN A 1413 -16.41 14.21 31.81
CA ASN A 1413 -16.56 14.25 33.27
C ASN A 1413 -17.28 15.53 33.65
N PHE A 1414 -18.61 15.45 33.77
CA PHE A 1414 -19.41 16.62 34.07
C PHE A 1414 -19.44 16.96 35.55
N CYS A 1415 -18.97 16.06 36.41
CA CYS A 1415 -18.89 16.35 37.84
C CYS A 1415 -17.89 17.46 38.15
N ASP A 1416 -16.97 17.75 37.25
CA ASP A 1416 -15.99 18.80 37.48
C ASP A 1416 -16.68 20.16 37.49
N GLY A 1417 -16.26 21.01 38.42
CA GLY A 1417 -16.82 22.34 38.52
C GLY A 1417 -18.21 22.41 39.10
N THR A 1418 -18.74 21.31 39.61
CA THR A 1418 -20.07 21.27 40.19
C THR A 1418 -20.00 20.82 41.64
N SER A 1419 -20.75 21.50 42.50
CA SER A 1419 -20.74 21.26 43.94
C SER A 1419 -22.15 20.91 44.38
N CYS A 1420 -22.40 19.63 44.62
CA CYS A 1420 -23.67 19.21 45.19
C CYS A 1420 -23.77 19.68 46.64
N GLN A 1421 -25.01 19.85 47.11
CA GLN A 1421 -25.24 20.36 48.45
C GLN A 1421 -25.07 19.25 49.49
N ASN A 1422 -25.51 19.54 50.72
CA ASN A 1422 -25.33 18.67 51.88
C ASN A 1422 -25.59 17.20 51.56
N GLY A 1423 -24.55 16.39 51.65
CA GLY A 1423 -24.65 14.97 51.40
C GLY A 1423 -24.70 14.57 49.95
N GLY A 1424 -24.72 15.52 49.02
CA GLY A 1424 -24.80 15.19 47.61
C GLY A 1424 -23.50 14.64 47.05
N THR A 1425 -23.54 13.40 46.59
CA THR A 1425 -22.36 12.77 45.99
C THR A 1425 -22.49 12.79 44.47
N CYS A 1426 -21.50 13.39 43.81
CA CYS A 1426 -21.58 13.54 42.36
C CYS A 1426 -21.18 12.26 41.65
N VAL A 1427 -21.97 11.92 40.62
CA VAL A 1427 -21.66 10.81 39.72
C VAL A 1427 -21.87 11.33 38.30
N ASN A 1428 -21.13 10.75 37.36
CA ASN A 1428 -21.24 11.12 35.96
C ASN A 1428 -22.16 10.15 35.24
N ARG A 1429 -23.06 10.69 34.43
CA ARG A 1429 -24.02 9.89 33.70
C ARG A 1429 -24.02 10.36 32.24
N TRP A 1430 -24.75 9.63 31.40
CA TRP A 1430 -24.79 9.93 29.98
C TRP A 1430 -25.15 11.38 29.76
N ASN A 1431 -24.20 12.14 29.24
CA ASN A 1431 -24.35 13.53 28.83
C ASN A 1431 -24.65 14.46 30.00
N THR A 1432 -24.50 14.03 31.24
CA THR A 1432 -24.82 14.89 32.38
C THR A 1432 -24.17 14.33 33.63
N TYR A 1433 -24.58 14.86 34.79
CA TYR A 1433 -24.16 14.36 36.08
C TYR A 1433 -25.40 14.13 36.93
N LEU A 1434 -25.19 13.62 38.14
CA LEU A 1434 -26.29 13.36 39.08
C LEU A 1434 -25.72 13.40 40.48
N CYS A 1435 -26.34 14.19 41.35
CA CYS A 1435 -25.94 14.24 42.76
C CYS A 1435 -26.85 13.31 43.54
N GLU A 1436 -26.30 12.16 43.93
CA GLU A 1436 -26.99 11.28 44.87
C GLU A 1436 -27.24 12.04 46.16
N CYS A 1437 -28.47 12.30 46.46
CA CYS A 1437 -28.78 13.09 47.63
C CYS A 1437 -29.14 12.20 48.80
N PRO A 1438 -28.84 12.62 50.03
CA PRO A 1438 -29.32 11.89 51.19
C PRO A 1438 -30.82 12.07 51.35
N LEU A 1439 -31.38 11.33 52.31
CA LEU A 1439 -32.81 11.41 52.56
C LEU A 1439 -33.19 12.82 53.02
N ARG A 1440 -34.42 13.21 52.69
CA ARG A 1440 -35.03 14.50 53.01
C ARG A 1440 -34.38 15.64 52.24
N PHE A 1441 -33.45 15.35 51.33
CA PHE A 1441 -32.84 16.35 50.48
C PHE A 1441 -32.87 15.89 49.04
N GLY A 1442 -33.14 16.83 48.13
CA GLY A 1442 -33.22 16.51 46.72
C GLY A 1442 -33.40 17.78 45.90
N GLY A 1443 -33.52 17.58 44.59
CA GLY A 1443 -33.71 18.68 43.67
C GLY A 1443 -32.41 19.07 43.00
N LYS A 1444 -32.19 18.56 41.78
CA LYS A 1444 -30.92 18.72 41.09
C LYS A 1444 -29.75 18.50 42.04
N ASN A 1445 -29.18 19.60 42.51
CA ASN A 1445 -28.09 19.54 43.48
C ASN A 1445 -28.58 19.54 44.93
N CYS A 1446 -29.52 18.66 45.26
CA CYS A 1446 -30.02 18.48 46.63
C CYS A 1446 -30.49 19.81 47.22
N GLU A 1447 -31.46 20.43 46.55
CA GLU A 1447 -31.94 21.75 46.92
C GLU A 1447 -33.43 21.76 47.26
N GLN A 1448 -33.95 20.67 47.81
CA GLN A 1448 -35.33 20.61 48.24
C GLN A 1448 -35.46 19.66 49.43
N ALA A 1449 -36.47 19.91 50.26
CA ALA A 1449 -36.76 19.06 51.40
C ALA A 1449 -38.04 18.28 51.13
N MET A 1450 -37.98 16.97 51.37
CA MET A 1450 -39.14 16.12 51.15
C MET A 1450 -39.61 15.54 52.46
N PRO A 1451 -40.90 15.24 52.57
CA PRO A 1451 -41.42 14.58 53.77
C PRO A 1451 -40.89 13.17 53.90
N HIS A 1452 -41.25 12.55 55.03
CA HIS A 1452 -40.68 11.26 55.38
C HIS A 1452 -41.11 10.18 54.38
N PRO A 1453 -40.20 9.31 53.97
CA PRO A 1453 -40.58 8.21 53.08
C PRO A 1453 -41.40 7.17 53.83
N GLN A 1454 -42.06 6.32 53.06
CA GLN A 1454 -42.88 5.25 53.61
C GLN A 1454 -42.58 3.93 52.91
N ARG A 1455 -42.52 2.86 53.71
CA ARG A 1455 -42.23 1.53 53.21
C ARG A 1455 -43.54 0.82 52.86
N PHE A 1456 -43.62 0.28 51.64
CA PHE A 1456 -44.82 -0.33 51.12
C PHE A 1456 -44.55 -1.78 50.77
N THR A 1457 -45.48 -2.67 51.12
CA THR A 1457 -45.31 -4.10 50.94
C THR A 1457 -46.54 -4.77 50.33
N GLY A 1458 -47.12 -4.18 49.28
CA GLY A 1458 -48.23 -4.82 48.60
C GLY A 1458 -49.57 -4.64 49.26
N GLU A 1459 -49.63 -3.93 50.39
CA GLU A 1459 -50.87 -3.76 51.13
C GLU A 1459 -51.16 -2.30 51.49
N SER A 1460 -50.23 -1.39 51.22
CA SER A 1460 -50.38 0.02 51.57
C SER A 1460 -50.78 0.81 50.34
N VAL A 1461 -51.90 1.53 50.44
CA VAL A 1461 -52.37 2.39 49.36
C VAL A 1461 -52.91 3.67 50.00
N VAL A 1462 -52.64 4.81 49.37
CA VAL A 1462 -53.16 6.08 49.82
C VAL A 1462 -53.84 6.81 48.68
N LEU A 1463 -54.72 7.75 49.05
CA LEU A 1463 -55.68 8.34 48.14
C LEU A 1463 -56.00 9.75 48.63
N TRP A 1464 -56.44 10.59 47.70
CA TRP A 1464 -56.97 11.90 48.07
C TRP A 1464 -58.23 12.20 47.26
N SER A 1465 -59.21 12.81 47.93
CA SER A 1465 -60.44 13.26 47.30
C SER A 1465 -60.94 14.47 48.07
N ASP A 1466 -62.21 14.82 47.86
CA ASP A 1466 -62.83 15.97 48.52
C ASP A 1466 -62.05 17.25 48.24
N LEU A 1467 -61.79 17.48 46.96
CA LEU A 1467 -60.93 18.56 46.50
C LEU A 1467 -61.64 19.39 45.45
N ASP A 1468 -61.27 20.67 45.38
CA ASP A 1468 -61.90 21.62 44.47
C ASP A 1468 -60.83 22.18 43.54
N ILE A 1469 -60.81 21.69 42.31
CA ILE A 1469 -59.87 22.15 41.29
C ILE A 1469 -60.64 22.43 40.00
N THR A 1470 -60.32 23.54 39.36
CA THR A 1470 -60.96 23.94 38.11
C THR A 1470 -59.96 23.87 36.98
N ILE A 1471 -60.44 23.48 35.79
CA ILE A 1471 -59.55 23.35 34.63
C ILE A 1471 -58.85 24.68 34.38
N SER A 1472 -57.52 24.65 34.34
CA SER A 1472 -56.71 25.86 34.20
C SER A 1472 -55.31 25.44 33.80
N VAL A 1473 -54.43 26.44 33.67
CA VAL A 1473 -53.03 26.23 33.28
C VAL A 1473 -52.15 26.98 34.27
N PRO A 1474 -51.01 26.38 34.65
CA PRO A 1474 -50.53 25.03 34.39
C PRO A 1474 -50.84 24.07 35.53
N TRP A 1475 -50.25 22.88 35.55
CA TRP A 1475 -50.44 21.96 36.67
C TRP A 1475 -49.22 21.05 36.77
N TYR A 1476 -48.82 20.75 38.01
CA TYR A 1476 -47.64 19.93 38.28
C TYR A 1476 -48.02 18.86 39.28
N LEU A 1477 -47.61 17.63 38.97
CA LEU A 1477 -47.74 16.50 39.91
C LEU A 1477 -46.38 15.83 40.02
N GLY A 1478 -45.75 15.92 41.19
CA GLY A 1478 -44.41 15.40 41.37
C GLY A 1478 -44.37 14.28 42.40
N LEU A 1479 -43.57 13.26 42.09
CA LEU A 1479 -43.44 12.11 42.97
C LEU A 1479 -41.98 11.69 43.03
N MET A 1480 -41.64 10.98 44.10
CA MET A 1480 -40.30 10.52 44.39
C MET A 1480 -40.39 9.07 44.85
N PHE A 1481 -39.72 8.17 44.12
CA PHE A 1481 -39.99 6.74 44.30
C PHE A 1481 -38.73 5.92 44.12
N ARG A 1482 -38.79 4.69 44.64
CA ARG A 1482 -37.75 3.69 44.41
C ARG A 1482 -38.34 2.32 44.70
N THR A 1483 -38.14 1.37 43.79
CA THR A 1483 -38.73 0.05 43.93
C THR A 1483 -38.13 -0.90 42.90
N ARG A 1484 -38.59 -2.15 42.95
CA ARG A 1484 -38.13 -3.18 42.01
C ARG A 1484 -39.25 -4.00 41.38
N LYS A 1485 -40.52 -3.67 41.66
CA LYS A 1485 -41.61 -4.39 41.02
C LYS A 1485 -41.71 -4.00 39.55
N GLU A 1486 -42.09 -4.98 38.72
CA GLU A 1486 -42.14 -4.82 37.27
C GLU A 1486 -43.56 -4.54 36.78
N ASP A 1487 -44.48 -4.37 37.72
CA ASP A 1487 -45.88 -4.11 37.41
C ASP A 1487 -46.50 -3.39 38.61
N GLY A 1488 -47.79 -3.11 38.49
CA GLY A 1488 -48.49 -2.44 39.57
C GLY A 1488 -48.76 -0.98 39.29
N VAL A 1489 -49.86 -0.45 39.85
CA VAL A 1489 -50.25 0.92 39.62
C VAL A 1489 -49.47 1.82 40.56
N LEU A 1490 -48.66 2.70 39.99
CA LEU A 1490 -47.97 3.71 40.81
C LEU A 1490 -48.88 4.90 41.05
N MET A 1491 -49.75 5.20 40.09
CA MET A 1491 -50.66 6.34 40.19
C MET A 1491 -51.80 6.16 39.20
N GLU A 1492 -53.01 5.98 39.71
CA GLU A 1492 -54.20 5.96 38.87
C GLU A 1492 -55.05 7.18 39.21
N ALA A 1493 -55.29 8.03 38.21
CA ALA A 1493 -56.00 9.28 38.43
C ALA A 1493 -57.17 9.39 37.45
N THR A 1494 -58.39 9.42 37.99
CA THR A 1494 -59.60 9.41 37.10
C THR A 1494 -60.03 10.84 36.76
N ALA A 1495 -59.29 11.50 35.88
CA ALA A 1495 -59.62 12.85 35.45
C ALA A 1495 -60.99 12.87 34.77
N GLY A 1496 -61.77 13.90 35.08
CA GLY A 1496 -63.11 13.99 34.53
C GLY A 1496 -64.01 12.86 34.99
N THR A 1497 -64.67 12.19 34.05
CA THR A 1497 -65.58 11.11 34.42
C THR A 1497 -64.81 9.82 34.72
N SER A 1498 -64.20 9.23 33.69
CA SER A 1498 -63.38 8.04 33.89
C SER A 1498 -62.09 8.13 33.08
N SER A 1499 -61.46 9.31 33.04
CA SER A 1499 -60.21 9.52 32.32
C SER A 1499 -59.10 8.86 33.13
N ARG A 1500 -58.86 7.59 32.83
CA ARG A 1500 -57.75 6.86 33.41
C ARG A 1500 -56.44 7.55 33.10
N LEU A 1501 -55.79 8.09 34.13
CA LEU A 1501 -54.38 8.45 34.09
C LEU A 1501 -53.65 7.30 34.79
N HIS A 1502 -53.27 6.33 33.97
CA HIS A 1502 -52.68 5.08 34.40
C HIS A 1502 -51.15 5.19 34.30
N LEU A 1503 -50.54 5.49 35.43
CA LEU A 1503 -49.09 5.65 35.54
C LEU A 1503 -48.58 4.44 36.32
N GLN A 1504 -48.16 3.43 35.58
CA GLN A 1504 -47.71 2.18 36.15
C GLN A 1504 -46.25 1.93 35.75
N ILE A 1505 -45.74 0.77 36.17
CA ILE A 1505 -44.40 0.34 35.86
C ILE A 1505 -44.48 -0.92 35.01
N LEU A 1506 -45.53 -1.00 34.18
CA LEU A 1506 -45.77 -2.18 33.36
C LEU A 1506 -44.49 -2.67 32.68
N ASN A 1507 -44.17 -3.93 32.92
CA ASN A 1507 -43.01 -4.58 32.32
C ASN A 1507 -41.74 -3.79 32.58
N SER A 1508 -41.60 -3.32 33.81
CA SER A 1508 -40.44 -2.56 34.28
C SER A 1508 -40.25 -1.26 33.52
N TYR A 1509 -41.32 -0.71 32.95
CA TYR A 1509 -41.26 0.57 32.26
C TYR A 1509 -42.44 1.43 32.67
N ILE A 1510 -42.17 2.70 32.95
CA ILE A 1510 -43.19 3.64 33.35
C ILE A 1510 -44.12 3.87 32.17
N ARG A 1511 -45.35 3.37 32.28
CA ARG A 1511 -46.39 3.57 31.28
C ARG A 1511 -47.39 4.58 31.82
N PHE A 1512 -47.96 5.39 30.92
CA PHE A 1512 -48.91 6.41 31.34
C PHE A 1512 -49.98 6.54 30.26
N GLU A 1513 -51.12 5.93 30.51
CA GLU A 1513 -52.30 6.05 29.67
C GLU A 1513 -53.16 7.21 30.16
N VAL A 1514 -53.87 7.84 29.22
CA VAL A 1514 -54.95 8.75 29.56
C VAL A 1514 -56.13 8.40 28.66
N SER A 1515 -57.22 7.94 29.27
CA SER A 1515 -58.38 7.43 28.54
C SER A 1515 -59.63 8.08 29.13
N TYR A 1516 -60.22 9.00 28.37
CA TYR A 1516 -61.38 9.76 28.85
C TYR A 1516 -62.68 9.01 28.60
N GLY A 1517 -63.51 8.95 29.63
CA GLY A 1517 -64.81 8.33 29.55
C GLY A 1517 -64.73 6.87 29.16
N PRO A 1518 -65.64 6.44 28.29
CA PRO A 1518 -65.61 5.05 27.83
C PRO A 1518 -64.66 4.83 26.67
N SER A 1519 -63.77 5.79 26.43
CA SER A 1519 -62.89 5.77 25.27
C SER A 1519 -61.45 5.93 25.71
N ASP A 1520 -60.54 5.25 25.00
CA ASP A 1520 -59.11 5.47 25.18
C ASP A 1520 -58.64 6.55 24.22
N VAL A 1521 -57.93 7.54 24.75
CA VAL A 1521 -57.58 8.74 23.99
C VAL A 1521 -56.09 8.77 23.67
N ALA A 1522 -55.22 8.60 24.66
CA ALA A 1522 -53.80 8.73 24.39
C ALA A 1522 -53.00 7.91 25.40
N SER A 1523 -51.70 7.81 25.16
CA SER A 1523 -50.76 7.11 26.03
C SER A 1523 -49.34 7.51 25.68
N MET A 1524 -48.42 7.21 26.60
CA MET A 1524 -47.01 7.51 26.47
C MET A 1524 -46.22 6.68 27.47
N GLN A 1525 -45.09 6.13 27.02
CA GLN A 1525 -44.34 5.18 27.82
C GLN A 1525 -42.90 5.63 27.93
N LEU A 1526 -42.22 5.05 28.91
CA LEU A 1526 -40.82 5.31 29.15
C LEU A 1526 -39.99 4.05 28.95
N SER A 1527 -40.31 3.29 27.90
CA SER A 1527 -39.58 2.08 27.57
C SER A 1527 -38.13 2.35 27.19
N LYS A 1528 -37.78 3.61 26.91
CA LYS A 1528 -36.41 3.96 26.56
C LYS A 1528 -35.45 3.75 27.72
N SER A 1529 -35.96 3.66 28.94
CA SER A 1529 -35.14 3.53 30.13
C SER A 1529 -35.81 2.59 31.11
N ARG A 1530 -35.09 1.56 31.55
CA ARG A 1530 -35.56 0.68 32.60
C ARG A 1530 -35.31 1.35 33.95
N ILE A 1531 -36.37 1.56 34.73
CA ILE A 1531 -36.28 2.37 35.93
C ILE A 1531 -36.53 1.52 37.18
N THR A 1532 -36.59 0.20 37.04
CA THR A 1532 -36.81 -0.70 38.16
C THR A 1532 -35.52 -1.09 38.87
N ASP A 1533 -34.45 -0.30 38.71
CA ASP A 1533 -33.18 -0.61 39.34
C ASP A 1533 -33.23 -0.52 40.86
N GLY A 1534 -34.27 0.08 41.43
CA GLY A 1534 -34.34 0.28 42.85
C GLY A 1534 -33.78 1.59 43.34
N GLY A 1535 -33.13 2.36 42.48
CA GLY A 1535 -32.60 3.65 42.90
C GLY A 1535 -33.68 4.70 43.04
N TRP A 1536 -33.31 5.80 43.68
CA TRP A 1536 -34.24 6.90 43.87
C TRP A 1536 -34.44 7.66 42.55
N HIS A 1537 -35.69 7.98 42.24
CA HIS A 1537 -36.02 8.73 41.03
C HIS A 1537 -37.17 9.68 41.30
N HIS A 1538 -37.08 10.87 40.73
CA HIS A 1538 -38.14 11.87 40.81
C HIS A 1538 -38.76 12.07 39.43
N LEU A 1539 -40.09 12.19 39.40
CA LEU A 1539 -40.81 12.45 38.17
C LEU A 1539 -41.80 13.58 38.38
N LEU A 1540 -42.10 14.28 37.30
CA LEU A 1540 -42.97 15.45 37.37
C LEU A 1540 -43.87 15.52 36.14
N ILE A 1541 -45.18 15.47 36.37
CA ILE A 1541 -46.23 15.69 35.38
C ILE A 1541 -46.42 17.18 35.21
N GLU A 1542 -46.40 17.62 33.94
CA GLU A 1542 -46.54 19.02 33.56
C GLU A 1542 -47.71 19.14 32.60
N LEU A 1543 -48.78 19.76 33.09
CA LEU A 1543 -49.91 20.18 32.28
C LEU A 1543 -49.66 21.62 31.84
N ARG A 1544 -49.40 21.81 30.55
CA ARG A 1544 -48.99 23.09 29.99
C ARG A 1544 -49.95 23.50 28.89
N SER A 1545 -49.96 24.79 28.58
CA SER A 1545 -50.83 25.30 27.53
C SER A 1545 -50.09 25.44 26.20
N ALA A 1546 -50.86 25.54 25.12
CA ALA A 1546 -50.33 25.78 23.78
C ALA A 1546 -51.45 26.37 22.94
N LYS A 1547 -51.32 27.65 22.60
CA LYS A 1547 -52.35 28.32 21.81
C LYS A 1547 -52.02 28.15 20.33
N GLU A 1548 -52.85 27.37 19.63
CA GLU A 1548 -52.70 27.19 18.19
C GLU A 1548 -53.84 27.97 17.53
N GLY A 1549 -53.47 28.97 16.72
CA GLY A 1549 -54.44 29.85 16.11
C GLY A 1549 -55.30 30.54 17.16
N LYS A 1550 -56.56 30.13 17.25
CA LYS A 1550 -57.46 30.62 18.28
C LYS A 1550 -57.68 29.61 19.40
N ASP A 1551 -57.52 28.32 19.13
CA ASP A 1551 -57.83 27.28 20.08
C ASP A 1551 -56.67 27.05 21.05
N ILE A 1552 -57.00 26.49 22.21
CA ILE A 1552 -56.03 26.20 23.25
C ILE A 1552 -55.95 24.69 23.44
N LYS A 1553 -54.77 24.13 23.22
CA LYS A 1553 -54.47 22.74 23.51
C LYS A 1553 -53.62 22.68 24.76
N TYR A 1554 -53.46 21.48 25.29
CA TYR A 1554 -52.58 21.27 26.43
C TYR A 1554 -51.43 20.36 26.03
N LEU A 1555 -50.49 20.18 26.94
CA LEU A 1555 -49.29 19.40 26.70
C LEU A 1555 -48.90 18.71 28.00
N ALA A 1556 -48.62 17.41 27.91
CA ALA A 1556 -48.30 16.59 29.10
C ALA A 1556 -46.83 16.21 29.00
N VAL A 1557 -46.00 16.97 29.70
CA VAL A 1557 -44.56 16.75 29.79
C VAL A 1557 -44.29 16.07 31.13
N MET A 1558 -43.88 14.82 31.11
CA MET A 1558 -43.27 14.30 32.32
C MET A 1558 -41.78 14.39 32.17
N THR A 1559 -41.15 14.96 33.19
CA THR A 1559 -39.71 15.04 33.34
C THR A 1559 -39.31 14.06 34.43
N LEU A 1560 -38.49 13.10 34.07
CA LEU A 1560 -37.93 12.15 35.01
C LEU A 1560 -36.55 12.64 35.40
N ASP A 1561 -36.32 12.79 36.71
CA ASP A 1561 -35.06 13.24 37.28
C ASP A 1561 -34.69 14.64 36.78
N TYR A 1562 -35.61 15.56 37.06
CA TYR A 1562 -35.42 16.98 36.78
C TYR A 1562 -35.06 17.22 35.32
N GLY A 1563 -35.84 16.60 34.44
CA GLY A 1563 -35.61 16.74 33.02
C GLY A 1563 -34.48 15.92 32.46
N MET A 1564 -33.88 15.04 33.25
CA MET A 1564 -32.88 14.11 32.70
C MET A 1564 -33.48 13.34 31.54
N ASP A 1565 -34.64 12.73 31.76
CA ASP A 1565 -35.51 12.28 30.69
C ASP A 1565 -36.72 13.19 30.65
N GLN A 1566 -37.34 13.30 29.48
CA GLN A 1566 -38.58 14.06 29.38
C GLN A 1566 -39.31 13.62 28.12
N SER A 1567 -40.59 13.29 28.27
CA SER A 1567 -41.44 13.00 27.13
C SER A 1567 -42.68 13.88 27.22
N THR A 1568 -43.02 14.51 26.09
CA THR A 1568 -44.12 15.47 26.04
C THR A 1568 -45.20 14.98 25.06
N VAL A 1569 -46.22 14.30 25.60
CA VAL A 1569 -47.33 13.95 24.74
C VAL A 1569 -48.15 15.21 24.46
N GLN A 1570 -48.38 15.47 23.18
CA GLN A 1570 -49.27 16.54 22.77
C GLN A 1570 -50.68 16.19 23.22
N ILE A 1571 -51.15 16.87 24.26
CA ILE A 1571 -52.51 16.68 24.73
C ILE A 1571 -53.47 17.22 23.68
N GLY A 1572 -54.03 16.30 22.88
CA GLY A 1572 -54.83 16.65 21.72
C GLY A 1572 -56.29 16.89 22.04
N ASN A 1573 -56.93 17.74 21.23
CA ASN A 1573 -58.11 18.51 21.63
C ASN A 1573 -59.14 17.73 22.44
N GLN A 1574 -59.22 16.41 22.27
CA GLN A 1574 -60.09 15.62 23.13
C GLN A 1574 -59.60 15.63 24.58
N LEU A 1575 -58.29 15.49 24.76
CA LEU A 1575 -57.72 15.43 26.10
C LEU A 1575 -57.88 16.71 26.92
N PRO A 1576 -57.63 17.92 26.40
CA PRO A 1576 -57.75 19.12 27.22
C PRO A 1576 -59.17 19.36 27.74
N GLY A 1577 -59.26 20.28 28.69
CA GLY A 1577 -60.52 20.61 29.34
C GLY A 1577 -60.91 19.58 30.38
N LEU A 1578 -60.05 18.58 30.55
CA LEU A 1578 -60.30 17.47 31.46
C LEU A 1578 -59.17 17.44 32.49
N LYS A 1579 -59.35 18.20 33.57
CA LYS A 1579 -58.35 18.22 34.63
C LYS A 1579 -58.46 16.97 35.50
N MET A 1580 -57.38 16.67 36.22
CA MET A 1580 -57.28 15.49 37.07
C MET A 1580 -58.17 15.70 38.29
N ARG A 1581 -59.11 14.78 38.49
CA ARG A 1581 -60.08 14.95 39.57
C ARG A 1581 -59.73 14.12 40.80
N THR A 1582 -59.50 12.81 40.63
CA THR A 1582 -59.18 11.93 41.79
C THR A 1582 -57.77 11.35 41.67
N ILE A 1583 -57.03 11.33 42.77
CA ILE A 1583 -55.64 10.92 42.80
C ILE A 1583 -55.48 9.74 43.76
N VAL A 1584 -54.81 8.69 43.28
CA VAL A 1584 -54.60 7.44 44.01
C VAL A 1584 -53.19 6.95 43.72
N ILE A 1585 -52.47 6.55 44.76
CA ILE A 1585 -51.17 5.92 44.58
C ILE A 1585 -51.08 4.73 45.54
N GLY A 1586 -50.50 3.64 45.04
CA GLY A 1586 -50.32 2.44 45.84
C GLY A 1586 -50.68 1.16 45.12
N GLY A 1587 -51.57 1.25 44.15
CA GLY A 1587 -52.00 0.09 43.41
C GLY A 1587 -53.46 0.25 42.99
N VAL A 1588 -54.15 -0.89 42.92
CA VAL A 1588 -55.56 -0.93 42.52
C VAL A 1588 -56.39 -1.25 43.76
N THR A 1589 -57.36 -0.39 44.04
CA THR A 1589 -58.30 -0.64 45.12
C THR A 1589 -59.57 0.15 44.85
N GLU A 1590 -60.72 -0.45 45.16
CA GLU A 1590 -62.01 0.18 44.98
C GLU A 1590 -62.88 0.13 46.23
N ASP A 1591 -62.78 -0.92 47.04
CA ASP A 1591 -63.54 -1.06 48.26
C ASP A 1591 -62.75 -0.62 49.49
N LYS A 1592 -61.58 0.00 49.29
CA LYS A 1592 -60.73 0.58 50.33
C LYS A 1592 -60.44 -0.41 51.45
N VAL A 1593 -60.60 -1.70 51.19
CA VAL A 1593 -60.27 -2.74 52.17
C VAL A 1593 -59.32 -3.73 51.51
N SER A 1594 -59.73 -4.29 50.37
CA SER A 1594 -58.89 -5.21 49.61
C SER A 1594 -57.96 -4.41 48.71
N VAL A 1595 -56.69 -4.81 48.68
CA VAL A 1595 -55.67 -4.14 47.88
C VAL A 1595 -55.30 -5.04 46.72
N ARG A 1596 -55.42 -4.53 45.50
CA ARG A 1596 -55.04 -5.25 44.29
C ARG A 1596 -53.82 -4.58 43.68
N HIS A 1597 -52.84 -5.40 43.30
CA HIS A 1597 -51.61 -4.90 42.66
C HIS A 1597 -50.93 -3.85 43.55
N GLY A 1598 -50.82 -4.15 44.84
CA GLY A 1598 -50.25 -3.20 45.77
C GLY A 1598 -48.80 -2.90 45.46
N PHE A 1599 -48.38 -1.69 45.82
CA PHE A 1599 -47.02 -1.25 45.55
C PHE A 1599 -46.06 -1.73 46.62
N ARG A 1600 -44.86 -2.10 46.21
CA ARG A 1600 -43.82 -2.53 47.14
C ARG A 1600 -42.55 -1.75 46.86
N GLY A 1601 -41.91 -1.29 47.92
CA GLY A 1601 -40.69 -0.53 47.83
C GLY A 1601 -40.71 0.63 48.80
N CYS A 1602 -40.05 1.72 48.40
CA CYS A 1602 -39.94 2.91 49.22
C CYS A 1602 -40.26 4.13 48.39
N MET A 1603 -41.02 5.06 48.97
CA MET A 1603 -41.45 6.27 48.28
C MET A 1603 -41.30 7.47 49.19
N GLN A 1604 -41.10 8.64 48.56
CA GLN A 1604 -40.90 9.88 49.30
C GLN A 1604 -42.01 10.89 49.01
N GLY A 1605 -41.83 12.12 49.49
CA GLY A 1605 -42.93 13.06 49.54
C GLY A 1605 -43.51 13.39 48.17
N VAL A 1606 -44.64 14.09 48.23
CA VAL A 1606 -45.52 14.32 47.08
C VAL A 1606 -45.68 15.82 46.84
N ARG A 1607 -45.71 16.21 45.57
CA ARG A 1607 -45.87 17.59 45.15
C ARG A 1607 -47.13 17.71 44.30
N MET A 1608 -47.95 18.72 44.58
CA MET A 1608 -49.15 18.97 43.80
C MET A 1608 -49.35 20.47 43.62
N GLY A 1609 -49.80 20.88 42.44
CA GLY A 1609 -50.19 22.27 42.28
C GLY A 1609 -49.54 22.94 41.09
N GLU A 1610 -49.75 24.25 40.92
CA GLU A 1610 -49.27 24.90 39.72
C GLU A 1610 -47.74 24.93 39.66
N THR A 1611 -47.07 25.01 40.80
CA THR A 1611 -45.62 25.03 40.84
C THR A 1611 -45.11 24.10 41.91
N SER A 1612 -43.85 23.68 41.76
CA SER A 1612 -43.22 22.83 42.77
C SER A 1612 -43.13 23.54 44.12
N THR A 1613 -42.94 24.87 44.09
CA THR A 1613 -42.94 25.65 45.31
C THR A 1613 -44.31 25.74 45.95
N ASN A 1614 -45.37 25.34 45.25
CA ASN A 1614 -46.71 25.31 45.84
C ASN A 1614 -46.74 24.13 46.82
N ILE A 1615 -46.26 24.40 48.03
CA ILE A 1615 -46.25 23.36 49.06
C ILE A 1615 -47.61 23.41 49.77
N ALA A 1616 -48.60 22.76 49.16
CA ALA A 1616 -49.93 22.62 49.76
C ALA A 1616 -49.96 21.27 50.46
N THR A 1617 -49.33 21.23 51.62
CA THR A 1617 -49.19 19.99 52.38
C THR A 1617 -50.55 19.37 52.65
N LEU A 1618 -50.66 18.08 52.37
CA LEU A 1618 -51.93 17.37 52.49
C LEU A 1618 -52.08 16.66 53.82
N ASN A 1619 -51.28 17.02 54.83
CA ASN A 1619 -51.55 16.60 56.19
C ASN A 1619 -51.60 15.09 56.35
N MET A 1620 -50.43 14.43 56.30
CA MET A 1620 -50.36 12.97 56.45
C MET A 1620 -51.38 12.46 57.46
N ASN A 1621 -51.56 13.19 58.56
CA ASN A 1621 -52.55 12.81 59.56
C ASN A 1621 -53.96 12.81 58.98
N ASP A 1622 -54.20 13.66 57.98
CA ASP A 1622 -55.49 13.67 57.29
C ASP A 1622 -55.44 12.74 56.09
N ALA A 1623 -56.43 12.83 55.21
CA ALA A 1623 -56.51 12.04 53.98
C ALA A 1623 -56.62 10.56 54.28
N LEU A 1624 -55.68 9.77 53.77
CA LEU A 1624 -55.73 8.31 53.91
C LEU A 1624 -54.56 7.84 54.75
N LYS A 1625 -54.88 7.08 55.81
CA LYS A 1625 -53.88 6.49 56.70
C LYS A 1625 -54.22 5.00 56.86
N VAL A 1626 -53.77 4.19 55.92
CA VAL A 1626 -54.06 2.76 55.91
C VAL A 1626 -52.80 1.99 55.57
N ARG A 1627 -52.43 1.03 56.43
CA ARG A 1627 -51.28 0.17 56.18
C ARG A 1627 -49.99 0.96 56.01
N VAL A 1628 -49.95 2.16 56.59
CA VAL A 1628 -48.82 3.05 56.45
C VAL A 1628 -47.83 2.72 57.55
N LYS A 1629 -46.66 2.22 57.17
CA LYS A 1629 -45.58 1.93 58.11
C LYS A 1629 -44.53 3.02 57.99
N ASP A 1630 -44.26 3.70 59.09
CA ASP A 1630 -43.26 4.77 59.08
C ASP A 1630 -41.86 4.20 58.86
N GLY A 1631 -41.02 4.99 58.22
CA GLY A 1631 -39.65 4.59 57.96
C GLY A 1631 -39.51 3.82 56.67
N CYS A 1632 -38.26 3.49 56.36
CA CYS A 1632 -37.94 2.79 55.12
C CYS A 1632 -36.97 1.63 55.31
N ASP A 1633 -36.37 1.49 56.50
CA ASP A 1633 -35.37 0.45 56.72
C ASP A 1633 -35.98 -0.93 56.55
N VAL A 1634 -35.18 -1.85 56.00
CA VAL A 1634 -35.61 -3.22 55.74
C VAL A 1634 -34.61 -4.17 56.39
N GLU A 1635 -35.12 -5.29 56.88
CA GLU A 1635 -34.27 -6.33 57.45
C GLU A 1635 -33.28 -6.82 56.40
N ASP A 1636 -32.06 -7.11 56.84
CA ASP A 1636 -31.00 -7.50 55.93
C ASP A 1636 -31.30 -8.85 55.31
N PRO A 1637 -31.45 -8.94 53.98
CA PRO A 1637 -31.60 -10.25 53.34
C PRO A 1637 -30.39 -11.15 53.54
N CYS A 1638 -29.19 -10.57 53.65
CA CYS A 1638 -27.98 -11.35 53.83
C CYS A 1638 -27.83 -11.90 55.24
N ALA A 1639 -28.73 -11.55 56.17
CA ALA A 1639 -28.66 -12.11 57.51
C ALA A 1639 -28.79 -13.63 57.47
N SER A 1640 -29.66 -14.15 56.58
CA SER A 1640 -29.74 -15.59 56.41
C SER A 1640 -28.47 -16.17 55.81
N SER A 1641 -27.78 -15.39 54.98
CA SER A 1641 -26.54 -15.81 54.34
C SER A 1641 -26.74 -17.10 53.53
N PRO A 1642 -27.44 -17.04 52.40
CA PRO A 1642 -27.89 -18.26 51.71
C PRO A 1642 -26.97 -18.81 50.64
N CYS A 1643 -25.96 -18.09 50.18
CA CYS A 1643 -25.11 -18.62 49.12
C CYS A 1643 -24.28 -19.78 49.67
N PRO A 1644 -24.04 -20.83 48.89
CA PRO A 1644 -23.10 -21.88 49.30
C PRO A 1644 -21.75 -21.30 49.66
N PRO A 1645 -20.86 -22.09 50.27
CA PRO A 1645 -19.58 -21.54 50.73
C PRO A 1645 -18.76 -20.96 49.60
N HIS A 1646 -17.65 -20.33 49.98
CA HIS A 1646 -16.87 -19.50 49.07
C HIS A 1646 -17.76 -18.39 48.52
N SER A 1647 -18.23 -17.52 49.40
CA SER A 1647 -19.28 -16.57 49.04
C SER A 1647 -19.01 -15.25 49.74
N HIS A 1648 -19.71 -14.21 49.25
CA HIS A 1648 -19.75 -12.89 49.90
C HIS A 1648 -21.13 -12.31 49.60
N CYS A 1649 -22.06 -12.52 50.54
CA CYS A 1649 -23.39 -11.96 50.38
C CYS A 1649 -23.35 -10.45 50.48
N ARG A 1650 -24.12 -9.79 49.61
CA ARG A 1650 -24.16 -8.33 49.55
C ARG A 1650 -25.61 -7.90 49.42
N ASP A 1651 -26.11 -7.18 50.42
CA ASP A 1651 -27.47 -6.65 50.37
C ASP A 1651 -27.58 -5.61 49.27
N THR A 1652 -28.67 -5.69 48.51
CA THR A 1652 -28.95 -4.74 47.44
C THR A 1652 -30.38 -4.23 47.53
N TRP A 1653 -30.79 -3.79 48.72
CA TRP A 1653 -32.08 -3.14 48.91
C TRP A 1653 -33.24 -4.05 48.50
N ASP A 1654 -33.49 -5.08 49.30
CA ASP A 1654 -34.54 -6.07 49.06
C ASP A 1654 -34.12 -7.09 48.01
N SER A 1655 -32.81 -7.26 47.86
CA SER A 1655 -32.25 -8.29 46.98
C SER A 1655 -30.82 -8.53 47.42
N TYR A 1656 -30.25 -9.63 46.93
CA TYR A 1656 -28.85 -9.95 47.17
C TYR A 1656 -28.34 -10.74 45.98
N SER A 1657 -27.05 -11.03 46.00
CA SER A 1657 -26.44 -11.87 44.99
C SER A 1657 -25.14 -12.41 45.53
N CYS A 1658 -24.91 -13.71 45.32
CA CYS A 1658 -23.63 -14.31 45.72
C CYS A 1658 -22.55 -13.68 44.89
N ILE A 1659 -21.72 -12.87 45.53
CA ILE A 1659 -20.42 -12.59 44.95
C ILE A 1659 -19.56 -13.74 45.44
N CYS A 1660 -19.70 -14.89 44.79
CA CYS A 1660 -19.05 -16.10 45.25
C CYS A 1660 -17.55 -15.99 45.02
N ASP A 1661 -16.77 -16.71 45.83
CA ASP A 1661 -15.32 -16.51 45.83
C ASP A 1661 -14.71 -16.88 44.49
N ARG A 1662 -13.59 -16.23 44.18
CA ARG A 1662 -12.90 -16.47 42.93
C ARG A 1662 -12.38 -17.90 42.86
N GLY A 1663 -12.22 -18.40 41.64
CA GLY A 1663 -11.94 -19.81 41.44
C GLY A 1663 -13.17 -20.68 41.45
N TYR A 1664 -14.36 -20.09 41.46
CA TYR A 1664 -15.61 -20.81 41.43
C TYR A 1664 -16.54 -20.13 40.43
N PHE A 1665 -17.45 -20.91 39.85
CA PHE A 1665 -18.21 -20.42 38.71
C PHE A 1665 -19.66 -20.86 38.81
N GLY A 1666 -20.53 -20.06 38.20
CA GLY A 1666 -21.92 -20.42 38.04
C GLY A 1666 -22.75 -20.18 39.28
N LYS A 1667 -24.04 -20.51 39.20
CA LYS A 1667 -24.94 -20.29 40.37
C LYS A 1667 -24.43 -21.16 41.52
N LYS A 1668 -24.09 -22.43 41.26
CA LYS A 1668 -23.60 -23.28 42.32
C LYS A 1668 -22.24 -22.86 42.83
N CYS A 1669 -21.56 -21.96 42.11
CA CYS A 1669 -20.27 -21.42 42.52
C CYS A 1669 -19.27 -22.55 42.77
N VAL A 1670 -19.00 -23.30 41.70
CA VAL A 1670 -18.19 -24.51 41.76
C VAL A 1670 -16.84 -24.24 41.11
N ASP A 1671 -15.78 -24.82 41.68
CA ASP A 1671 -14.45 -24.67 41.11
C ASP A 1671 -14.36 -25.35 39.76
N ALA A 1672 -13.87 -24.60 38.76
CA ALA A 1672 -13.68 -25.18 37.44
C ALA A 1672 -12.49 -26.14 37.42
N CYS A 1673 -11.47 -25.86 38.23
CA CYS A 1673 -10.29 -26.71 38.27
C CYS A 1673 -10.65 -28.14 38.66
N LEU A 1674 -11.76 -28.31 39.40
CA LEU A 1674 -12.24 -29.65 39.70
C LEU A 1674 -12.64 -30.37 38.41
N LEU A 1675 -13.26 -29.65 37.48
CA LEU A 1675 -13.71 -30.27 36.24
C LEU A 1675 -12.65 -30.14 35.16
N ASN A 1676 -11.38 -30.02 35.59
CA ASN A 1676 -10.15 -30.13 34.82
C ASN A 1676 -10.27 -29.69 33.36
N PRO A 1677 -10.55 -28.41 33.10
CA PRO A 1677 -10.63 -27.95 31.71
C PRO A 1677 -9.31 -28.03 30.97
N CYS A 1678 -8.19 -28.15 31.68
CA CYS A 1678 -6.90 -28.26 31.02
C CYS A 1678 -6.85 -29.48 30.12
N LYS A 1679 -6.33 -29.31 28.92
CA LYS A 1679 -6.35 -30.37 27.92
C LYS A 1679 -5.06 -31.19 27.97
N HIS A 1680 -5.07 -32.30 27.23
CA HIS A 1680 -3.89 -33.14 27.04
C HIS A 1680 -3.35 -33.70 28.35
N VAL A 1681 -4.27 -34.08 29.25
CA VAL A 1681 -3.94 -34.77 30.50
C VAL A 1681 -3.05 -33.86 31.33
N ALA A 1682 -3.15 -32.56 31.10
CA ALA A 1682 -2.40 -31.61 31.92
C ALA A 1682 -3.05 -31.45 33.28
N ALA A 1683 -2.21 -31.36 34.30
CA ALA A 1683 -2.69 -31.20 35.67
C ALA A 1683 -3.33 -29.84 35.86
N CYS A 1684 -4.42 -29.81 36.61
CA CYS A 1684 -5.10 -28.56 36.97
C CYS A 1684 -4.68 -28.23 38.39
N VAL A 1685 -3.85 -27.20 38.54
CA VAL A 1685 -3.35 -26.78 39.84
C VAL A 1685 -3.89 -25.39 40.14
N ARG A 1686 -4.56 -25.25 41.27
CA ARG A 1686 -5.17 -23.98 41.67
C ARG A 1686 -4.23 -23.30 42.67
N SER A 1687 -3.58 -22.24 42.24
CA SER A 1687 -2.74 -21.46 43.13
C SER A 1687 -3.61 -20.71 44.14
N PRO A 1688 -3.05 -20.40 45.32
CA PRO A 1688 -3.82 -19.59 46.29
C PRO A 1688 -4.27 -18.26 45.72
N ASN A 1689 -3.45 -17.64 44.88
CA ASN A 1689 -3.82 -16.43 44.16
C ASN A 1689 -3.58 -16.63 42.68
N THR A 1690 -4.66 -16.76 41.91
CA THR A 1690 -4.57 -16.88 40.47
C THR A 1690 -5.50 -15.83 39.85
N PRO A 1691 -4.99 -14.99 38.94
CA PRO A 1691 -5.88 -14.01 38.30
C PRO A 1691 -7.07 -14.64 37.62
N ARG A 1692 -6.88 -15.80 37.00
CA ARG A 1692 -7.98 -16.53 36.38
C ARG A 1692 -8.52 -17.65 37.25
N GLY A 1693 -7.98 -17.83 38.46
CA GLY A 1693 -8.50 -18.77 39.43
C GLY A 1693 -7.82 -20.12 39.44
N TYR A 1694 -7.11 -20.48 38.38
CA TYR A 1694 -6.46 -21.78 38.31
C TYR A 1694 -5.40 -21.75 37.21
N SER A 1695 -4.59 -22.78 37.17
CA SER A 1695 -3.51 -22.89 36.19
C SER A 1695 -3.42 -24.32 35.69
N CYS A 1696 -2.85 -24.47 34.50
CA CYS A 1696 -2.65 -25.76 33.86
C CYS A 1696 -1.16 -26.10 33.88
N GLU A 1697 -0.76 -26.94 34.82
CA GLU A 1697 0.59 -27.46 34.87
C GLU A 1697 0.73 -28.56 33.82
N CYS A 1698 1.81 -28.51 33.05
CA CYS A 1698 2.01 -29.44 31.95
C CYS A 1698 3.43 -30.01 32.01
N GLY A 1699 3.60 -31.16 31.35
CA GLY A 1699 4.89 -31.78 31.23
C GLY A 1699 5.70 -31.17 30.11
N PRO A 1700 6.94 -31.60 29.96
CA PRO A 1700 7.81 -31.07 28.91
C PRO A 1700 7.31 -31.44 27.53
N GLY A 1701 7.73 -30.65 26.55
CA GLY A 1701 7.39 -30.85 25.16
C GLY A 1701 6.14 -30.12 24.71
N HIS A 1702 5.41 -29.50 25.64
CA HIS A 1702 4.19 -28.77 25.32
C HIS A 1702 4.20 -27.42 26.01
N TYR A 1703 3.80 -26.38 25.28
CA TYR A 1703 3.78 -25.03 25.80
C TYR A 1703 2.49 -24.34 25.41
N GLY A 1704 2.14 -23.33 26.18
CA GLY A 1704 0.89 -22.61 26.01
C GLY A 1704 0.07 -22.61 27.29
N GLN A 1705 -1.02 -21.85 27.25
CA GLN A 1705 -1.91 -21.80 28.41
C GLN A 1705 -2.47 -23.18 28.74
N TYR A 1706 -2.90 -23.90 27.71
CA TYR A 1706 -3.31 -25.29 27.85
C TYR A 1706 -2.28 -26.25 27.29
N CYS A 1707 -1.12 -25.74 26.88
CA CYS A 1707 0.00 -26.54 26.40
C CYS A 1707 -0.42 -27.43 25.23
N GLU A 1708 -1.28 -26.87 24.38
CA GLU A 1708 -1.67 -27.56 23.16
C GLU A 1708 -0.53 -27.61 22.17
N ASN A 1709 0.35 -26.62 22.18
CA ASN A 1709 1.45 -26.56 21.23
C ASN A 1709 2.51 -27.59 21.59
N LYS A 1710 3.18 -28.10 20.55
CA LYS A 1710 4.23 -29.08 20.73
C LYS A 1710 5.40 -28.71 19.82
N VAL A 1711 6.61 -28.99 20.29
CA VAL A 1711 7.83 -28.67 19.57
C VAL A 1711 8.41 -29.96 19.01
N ASP A 1712 8.68 -29.98 17.70
CA ASP A 1712 9.33 -31.13 17.08
C ASP A 1712 10.84 -30.88 16.97
N LEU A 1713 11.49 -30.95 18.12
CA LEU A 1713 12.94 -30.79 18.15
C LEU A 1713 13.60 -32.16 18.07
N PRO A 1714 14.60 -32.36 17.22
CA PRO A 1714 15.21 -31.38 16.30
C PRO A 1714 14.33 -31.05 15.11
N CYS A 1715 14.44 -29.83 14.60
CA CYS A 1715 13.64 -29.41 13.46
C CYS A 1715 14.03 -30.21 12.22
N PRO A 1716 13.12 -30.32 11.25
CA PRO A 1716 13.44 -31.08 10.03
C PRO A 1716 14.62 -30.47 9.29
N LYS A 1717 15.12 -31.24 8.32
CA LYS A 1717 16.30 -30.83 7.58
C LYS A 1717 16.02 -29.54 6.82
N GLY A 1718 16.97 -28.60 6.89
CA GLY A 1718 16.78 -27.28 6.34
C GLY A 1718 15.87 -26.40 7.16
N TRP A 1719 15.46 -26.86 8.34
CA TRP A 1719 14.57 -26.12 9.21
C TRP A 1719 15.26 -25.93 10.55
N TRP A 1720 15.23 -24.70 11.07
CA TRP A 1720 15.94 -24.34 12.33
C TRP A 1720 15.10 -23.35 13.13
N GLY A 1721 15.17 -23.40 14.46
CA GLY A 1721 14.49 -22.45 15.31
C GLY A 1721 14.00 -23.04 16.61
N ASN A 1722 14.10 -22.26 17.68
CA ASN A 1722 13.64 -22.66 19.00
C ASN A 1722 12.81 -21.53 19.58
N PRO A 1723 11.60 -21.81 20.08
CA PRO A 1723 10.93 -23.12 20.11
C PRO A 1723 10.15 -23.37 18.82
N VAL A 1724 10.26 -22.48 17.84
CA VAL A 1724 9.53 -22.58 16.59
C VAL A 1724 10.51 -22.69 15.45
N CYS A 1725 10.37 -23.73 14.65
CA CYS A 1725 11.28 -23.96 13.54
C CYS A 1725 11.02 -22.96 12.42
N GLY A 1726 11.99 -22.87 11.50
CA GLY A 1726 11.89 -22.00 10.36
C GLY A 1726 12.92 -22.35 9.31
N PRO A 1727 12.69 -21.93 8.07
CA PRO A 1727 13.57 -22.36 6.98
C PRO A 1727 14.97 -21.82 7.12
N CYS A 1728 15.94 -22.60 6.65
CA CYS A 1728 17.32 -22.15 6.68
C CYS A 1728 17.58 -21.06 5.66
N HIS A 1729 16.95 -21.14 4.48
CA HIS A 1729 17.03 -20.12 3.45
C HIS A 1729 18.48 -19.87 3.01
N CYS A 1730 19.28 -20.93 2.94
CA CYS A 1730 20.67 -20.79 2.51
C CYS A 1730 20.76 -20.65 1.00
N ALA A 1731 21.82 -19.98 0.55
CA ALA A 1731 22.05 -19.76 -0.88
C ALA A 1731 22.84 -20.93 -1.44
N VAL A 1732 22.13 -21.97 -1.87
CA VAL A 1732 22.79 -23.17 -2.39
C VAL A 1732 23.57 -22.86 -3.66
N SER A 1733 23.06 -21.95 -4.49
CA SER A 1733 23.69 -21.65 -5.77
C SER A 1733 25.09 -21.05 -5.62
N GLN A 1734 25.44 -20.53 -4.45
CA GLN A 1734 26.75 -19.93 -4.23
C GLN A 1734 27.68 -20.87 -3.47
N GLY A 1735 27.44 -22.17 -3.57
CA GLY A 1735 28.28 -23.14 -2.87
C GLY A 1735 28.18 -23.07 -1.37
N PHE A 1736 27.00 -22.77 -0.85
CA PHE A 1736 26.75 -22.75 0.59
C PHE A 1736 26.08 -24.04 1.00
N ASP A 1737 26.53 -24.62 2.11
CA ASP A 1737 25.91 -25.83 2.60
C ASP A 1737 24.46 -25.54 2.98
N PRO A 1738 23.50 -26.35 2.51
CA PRO A 1738 22.09 -26.06 2.81
C PRO A 1738 21.76 -26.12 4.29
N ASP A 1739 22.53 -26.93 5.04
CA ASP A 1739 22.27 -27.11 6.49
C ASP A 1739 22.72 -25.84 7.22
N CYS A 1740 22.00 -25.44 8.27
CA CYS A 1740 22.34 -24.15 8.91
C CYS A 1740 22.34 -24.28 10.44
N ASN A 1741 22.95 -23.31 11.12
CA ASN A 1741 23.09 -23.38 12.60
C ASN A 1741 21.71 -23.61 13.23
N LYS A 1742 21.60 -24.62 14.09
CA LYS A 1742 20.30 -24.95 14.74
C LYS A 1742 20.00 -23.95 15.84
N THR A 1743 20.91 -23.02 16.15
CA THR A 1743 20.61 -21.97 17.15
C THR A 1743 20.69 -20.59 16.49
N ASN A 1744 21.89 -20.20 16.07
CA ASN A 1744 22.05 -18.84 15.47
C ASN A 1744 21.23 -18.77 14.20
N GLY A 1745 21.34 -19.78 13.33
CA GLY A 1745 20.62 -19.76 12.04
C GLY A 1745 21.51 -19.28 10.91
N GLN A 1746 22.82 -19.23 11.14
CA GLN A 1746 23.77 -18.72 10.12
C GLN A 1746 24.06 -19.80 9.08
N CYS A 1747 24.13 -19.41 7.80
CA CYS A 1747 24.43 -20.33 6.72
C CYS A 1747 25.94 -20.51 6.59
N GLN A 1748 26.35 -21.76 6.38
CA GLN A 1748 27.80 -22.08 6.25
C GLN A 1748 28.08 -22.57 4.82
N CYS A 1749 29.16 -22.10 4.20
CA CYS A 1749 29.57 -22.52 2.87
C CYS A 1749 29.90 -24.00 2.86
N LYS A 1750 29.77 -24.59 1.67
CA LYS A 1750 30.19 -25.97 1.49
C LYS A 1750 31.69 -26.10 1.67
N GLU A 1751 32.12 -27.29 2.04
CA GLU A 1751 33.54 -27.57 2.15
C GLU A 1751 34.21 -27.40 0.79
N ASN A 1752 35.55 -27.32 0.80
CA ASN A 1752 36.42 -27.04 -0.34
C ASN A 1752 36.49 -25.56 -0.67
N TYR A 1753 35.76 -24.71 0.06
CA TYR A 1753 35.60 -23.32 -0.33
C TYR A 1753 36.01 -22.41 0.81
N TYR A 1754 36.30 -21.17 0.46
CA TYR A 1754 36.65 -20.12 1.40
C TYR A 1754 36.12 -18.82 0.84
N LYS A 1755 35.58 -17.98 1.72
CA LYS A 1755 35.02 -16.71 1.30
C LYS A 1755 35.99 -15.59 1.63
N PRO A 1756 36.53 -14.90 0.64
CA PRO A 1756 37.40 -13.76 0.92
C PRO A 1756 36.64 -12.66 1.62
N PRO A 1757 37.30 -11.86 2.45
CA PRO A 1757 36.57 -10.80 3.17
C PRO A 1757 35.89 -9.80 2.24
N ALA A 1758 36.52 -9.48 1.11
CA ALA A 1758 35.97 -8.50 0.18
C ALA A 1758 34.98 -9.08 -0.80
N GLN A 1759 34.86 -10.41 -0.87
CA GLN A 1759 33.95 -11.07 -1.79
C GLN A 1759 32.85 -11.75 -1.02
N ASP A 1760 31.64 -11.69 -1.56
CA ASP A 1760 30.46 -12.22 -0.89
C ASP A 1760 30.16 -13.66 -1.26
N ALA A 1761 30.97 -14.28 -2.11
CA ALA A 1761 30.81 -15.68 -2.48
C ALA A 1761 32.08 -16.44 -2.15
N CYS A 1762 31.93 -17.62 -1.57
CA CYS A 1762 33.07 -18.46 -1.22
C CYS A 1762 33.50 -19.23 -2.47
N LEU A 1763 34.76 -19.06 -2.82
CA LEU A 1763 35.34 -19.74 -3.97
C LEU A 1763 36.18 -20.92 -3.51
N PRO A 1764 36.35 -21.92 -4.37
CA PRO A 1764 37.10 -23.12 -3.95
C PRO A 1764 38.53 -22.79 -3.59
N CYS A 1765 39.06 -23.53 -2.60
CA CYS A 1765 40.42 -23.28 -2.13
C CYS A 1765 41.44 -23.54 -3.24
N ASP A 1766 41.30 -24.64 -3.96
CA ASP A 1766 42.17 -24.98 -5.09
C ASP A 1766 43.64 -25.05 -4.65
N CYS A 1767 43.86 -25.65 -3.49
CA CYS A 1767 45.22 -25.82 -2.97
C CYS A 1767 45.99 -26.84 -3.79
N PHE A 1768 47.31 -26.67 -3.84
CA PHE A 1768 48.16 -27.63 -4.50
C PHE A 1768 48.39 -28.84 -3.59
N PRO A 1769 48.04 -30.05 -4.01
CA PRO A 1769 48.23 -31.21 -3.14
C PRO A 1769 49.67 -31.45 -2.71
N HIS A 1770 50.64 -31.08 -3.54
CA HIS A 1770 52.04 -31.32 -3.21
C HIS A 1770 52.64 -30.22 -2.35
N GLY A 1771 51.89 -29.17 -2.06
CA GLY A 1771 52.45 -28.03 -1.37
C GLY A 1771 51.99 -27.87 0.06
N SER A 1772 50.85 -28.48 0.42
CA SER A 1772 50.27 -28.31 1.73
C SER A 1772 50.05 -29.66 2.39
N HIS A 1773 50.25 -29.69 3.72
CA HIS A 1773 50.02 -30.92 4.47
C HIS A 1773 48.55 -31.35 4.42
N SER A 1774 47.64 -30.40 4.65
CA SER A 1774 46.22 -30.66 4.47
C SER A 1774 45.79 -30.09 3.13
N ARG A 1775 44.49 -30.10 2.85
CA ARG A 1775 43.98 -29.54 1.61
C ARG A 1775 43.03 -28.37 1.82
N ALA A 1776 42.25 -28.34 2.89
CA ALA A 1776 41.39 -27.22 3.17
C ALA A 1776 42.22 -25.98 3.47
N CYS A 1777 41.84 -24.84 2.89
CA CYS A 1777 42.55 -23.59 3.06
C CYS A 1777 41.82 -22.76 4.11
N ASP A 1778 42.55 -21.85 4.75
CA ASP A 1778 41.98 -21.07 5.84
C ASP A 1778 40.91 -20.11 5.33
N MET A 1779 39.98 -19.75 6.22
CA MET A 1779 38.94 -18.79 5.91
C MET A 1779 39.53 -17.45 5.50
N ASP A 1780 38.88 -16.81 4.53
CA ASP A 1780 39.23 -15.47 4.07
C ASP A 1780 40.61 -15.44 3.42
N THR A 1781 41.65 -15.63 4.24
CA THR A 1781 43.01 -15.54 3.72
C THR A 1781 43.30 -16.60 2.67
N GLY A 1782 42.56 -17.71 2.70
CA GLY A 1782 42.72 -18.75 1.70
C GLY A 1782 44.10 -19.36 1.65
N GLN A 1783 44.86 -19.22 2.75
CA GLN A 1783 46.22 -19.73 2.80
C GLN A 1783 46.17 -21.23 3.07
N CYS A 1784 46.77 -22.01 2.17
CA CYS A 1784 46.85 -23.44 2.36
C CYS A 1784 47.90 -23.76 3.41
N ALA A 1785 47.91 -25.02 3.87
CA ALA A 1785 48.81 -25.46 4.92
C ALA A 1785 50.23 -25.56 4.36
N CYS A 1786 50.80 -24.39 4.06
CA CYS A 1786 52.09 -24.35 3.37
C CYS A 1786 53.15 -25.12 4.13
N LYS A 1787 53.82 -26.02 3.41
CA LYS A 1787 54.95 -26.75 3.95
C LYS A 1787 56.14 -25.81 4.06
N PRO A 1788 57.14 -26.18 4.87
CA PRO A 1788 58.36 -25.36 4.90
C PRO A 1788 58.98 -25.25 3.52
N GLY A 1789 59.42 -24.03 3.18
CA GLY A 1789 60.09 -23.75 1.94
C GLY A 1789 59.21 -23.16 0.86
N VAL A 1790 57.89 -23.28 0.98
CA VAL A 1790 56.96 -22.79 -0.04
C VAL A 1790 56.16 -21.64 0.52
N ILE A 1791 55.89 -20.64 -0.33
CA ILE A 1791 55.09 -19.47 0.06
C ILE A 1791 54.00 -19.25 -0.97
N GLY A 1792 53.24 -18.17 -0.79
CA GLY A 1792 52.09 -17.89 -1.63
C GLY A 1792 50.79 -18.26 -0.96
N ARG A 1793 49.73 -17.53 -1.33
CA ARG A 1793 48.41 -17.79 -0.75
C ARG A 1793 47.93 -19.19 -1.03
N GLN A 1794 48.36 -19.78 -2.16
CA GLN A 1794 47.99 -21.14 -2.52
C GLN A 1794 49.18 -22.09 -2.44
N CYS A 1795 50.22 -21.70 -1.70
CA CYS A 1795 51.45 -22.49 -1.57
C CYS A 1795 52.00 -22.86 -2.95
N ASN A 1796 52.36 -21.81 -3.69
CA ASN A 1796 52.69 -21.94 -5.11
C ASN A 1796 54.07 -21.37 -5.42
N ARG A 1797 54.86 -21.13 -4.39
CA ARG A 1797 56.15 -20.45 -4.66
C ARG A 1797 57.21 -20.80 -3.62
N CYS A 1798 58.27 -21.45 -4.03
CA CYS A 1798 59.41 -21.69 -3.15
C CYS A 1798 60.08 -20.37 -2.84
N ASP A 1799 60.74 -20.31 -1.67
CA ASP A 1799 61.45 -19.11 -1.28
C ASP A 1799 62.56 -18.79 -2.28
N ASN A 1800 63.31 -19.81 -2.68
CA ASN A 1800 64.30 -19.64 -3.74
C ASN A 1800 63.58 -19.44 -5.07
N PRO A 1801 63.91 -18.41 -5.84
CA PRO A 1801 63.33 -18.28 -7.18
C PRO A 1801 63.80 -19.38 -8.12
N PHE A 1802 64.66 -20.27 -7.62
CA PHE A 1802 65.17 -21.38 -8.40
C PHE A 1802 64.79 -22.74 -7.85
N ALA A 1803 64.50 -22.85 -6.56
CA ALA A 1803 63.96 -24.08 -6.02
C ALA A 1803 62.52 -24.26 -6.50
N GLU A 1804 62.18 -25.53 -6.73
CA GLU A 1804 60.84 -25.82 -7.28
C GLU A 1804 60.19 -26.90 -6.45
N VAL A 1805 58.91 -27.08 -6.66
CA VAL A 1805 58.16 -27.98 -5.79
C VAL A 1805 58.12 -29.39 -6.38
N THR A 1806 58.51 -30.37 -5.56
CA THR A 1806 58.30 -31.78 -5.84
C THR A 1806 57.69 -32.41 -4.59
N SER A 1807 57.38 -33.71 -4.70
CA SER A 1807 56.76 -34.40 -3.57
C SER A 1807 57.62 -34.35 -2.32
N LEU A 1808 58.93 -34.20 -2.48
CA LEU A 1808 59.84 -34.16 -1.35
C LEU A 1808 60.15 -32.75 -0.86
N GLY A 1809 59.59 -31.72 -1.48
CA GLY A 1809 59.76 -30.36 -1.02
C GLY A 1809 60.28 -29.45 -2.13
N CYS A 1810 60.85 -28.33 -1.70
CA CYS A 1810 61.39 -27.34 -2.64
C CYS A 1810 62.85 -27.67 -2.92
N GLU A 1811 63.06 -28.40 -4.01
CA GLU A 1811 64.42 -28.77 -4.40
C GLU A 1811 64.95 -27.81 -5.46
N VAL A 1812 66.23 -27.45 -5.33
CA VAL A 1812 66.81 -26.48 -6.25
C VAL A 1812 67.06 -27.14 -7.59
N ILE A 1813 66.13 -26.96 -8.52
CA ILE A 1813 66.29 -27.48 -9.87
C ILE A 1813 67.17 -26.50 -10.63
N TYR A 1814 67.76 -26.96 -11.73
CA TYR A 1814 68.84 -26.26 -12.41
C TYR A 1814 68.52 -25.78 -13.82
N ASN A 1815 67.45 -26.30 -14.44
CA ASN A 1815 67.27 -26.26 -15.88
C ASN A 1815 65.89 -25.74 -16.30
N GLY A 1816 65.67 -24.46 -15.98
CA GLY A 1816 64.45 -23.78 -16.48
C GLY A 1816 63.33 -23.68 -15.49
N CYS A 1817 62.41 -22.75 -15.76
CA CYS A 1817 61.20 -22.72 -14.93
C CYS A 1817 60.71 -24.17 -14.89
N PRO A 1818 60.15 -24.65 -13.77
CA PRO A 1818 59.79 -26.07 -13.68
C PRO A 1818 58.49 -26.45 -14.36
N ARG A 1819 57.61 -27.16 -13.63
CA ARG A 1819 56.28 -27.57 -14.16
C ARG A 1819 55.23 -27.05 -13.17
N ALA A 1820 55.14 -25.73 -12.99
CA ALA A 1820 54.22 -25.23 -11.95
C ALA A 1820 52.79 -25.02 -12.49
N PHE A 1821 51.82 -24.77 -11.62
CA PHE A 1821 50.40 -24.61 -11.95
C PHE A 1821 50.02 -23.14 -11.85
N GLU A 1822 50.96 -22.26 -11.51
CA GLU A 1822 50.65 -20.82 -11.30
C GLU A 1822 49.76 -20.27 -12.42
N ALA A 1823 48.70 -19.54 -12.08
CA ALA A 1823 47.81 -18.91 -13.08
C ALA A 1823 47.21 -19.95 -14.02
N GLY A 1824 46.80 -21.09 -13.50
CA GLY A 1824 46.09 -22.10 -14.31
C GLY A 1824 46.95 -22.82 -15.31
N ILE A 1825 48.01 -22.20 -15.80
CA ILE A 1825 48.77 -22.89 -16.87
C ILE A 1825 49.83 -23.77 -16.23
N TRP A 1826 49.92 -25.02 -16.69
CA TRP A 1826 51.02 -25.89 -16.21
C TRP A 1826 52.24 -25.53 -17.01
N TRP A 1827 52.50 -24.22 -17.08
CA TRP A 1827 53.70 -23.71 -17.78
C TRP A 1827 54.81 -24.75 -17.70
N PRO A 1828 55.30 -25.33 -18.83
CA PRO A 1828 56.24 -26.46 -18.81
C PRO A 1828 57.71 -26.13 -18.69
N GLN A 1829 58.57 -27.16 -18.81
CA GLN A 1829 59.94 -26.69 -18.66
C GLN A 1829 60.30 -25.79 -19.83
N THR A 1830 61.11 -24.77 -19.55
CA THR A 1830 61.55 -23.87 -20.60
C THR A 1830 62.90 -23.28 -20.22
N LYS A 1831 63.74 -23.09 -21.24
CA LYS A 1831 65.07 -22.53 -21.07
C LYS A 1831 65.04 -21.00 -21.04
N PHE A 1832 66.22 -20.40 -21.06
CA PHE A 1832 66.32 -18.94 -21.05
C PHE A 1832 66.19 -18.38 -22.46
N GLY A 1833 65.57 -17.21 -22.54
CA GLY A 1833 65.43 -16.52 -23.82
C GLY A 1833 64.30 -17.06 -24.68
N GLN A 1834 64.02 -18.33 -24.54
CA GLN A 1834 62.96 -18.98 -25.30
C GLN A 1834 61.62 -18.79 -24.63
N PRO A 1835 60.62 -18.28 -25.32
CA PRO A 1835 59.26 -18.25 -24.75
C PRO A 1835 58.61 -19.61 -24.80
N ALA A 1836 57.33 -19.68 -24.43
CA ALA A 1836 56.59 -20.94 -24.44
C ALA A 1836 55.16 -20.61 -24.84
N ALA A 1837 54.74 -21.14 -25.99
CA ALA A 1837 53.38 -20.99 -26.49
C ALA A 1837 52.63 -22.29 -26.24
N VAL A 1838 51.65 -22.24 -25.35
CA VAL A 1838 50.81 -23.45 -25.11
C VAL A 1838 49.35 -23.05 -25.25
N PRO A 1839 48.44 -24.01 -25.49
CA PRO A 1839 47.02 -23.71 -25.74
C PRO A 1839 46.43 -22.80 -24.66
N CYS A 1840 45.61 -21.85 -25.11
CA CYS A 1840 44.98 -20.88 -24.18
C CYS A 1840 44.27 -21.63 -23.06
N PRO A 1841 44.17 -21.08 -21.83
CA PRO A 1841 43.54 -21.77 -20.70
C PRO A 1841 42.12 -22.27 -20.99
N LYS A 1842 41.56 -22.97 -20.04
CA LYS A 1842 40.26 -23.59 -20.17
C LYS A 1842 39.18 -22.56 -20.43
N GLY A 1843 38.29 -22.88 -21.36
CA GLY A 1843 37.27 -21.94 -21.79
C GLY A 1843 37.72 -20.94 -22.82
N SER A 1844 38.98 -21.01 -23.26
CA SER A 1844 39.53 -20.09 -24.24
C SER A 1844 40.27 -20.86 -25.30
N VAL A 1845 40.36 -20.28 -26.50
CA VAL A 1845 41.03 -20.89 -27.62
C VAL A 1845 42.10 -19.93 -28.15
N GLY A 1846 42.99 -20.47 -28.98
CA GLY A 1846 44.09 -19.64 -29.53
C GLY A 1846 45.43 -20.24 -29.17
N ASN A 1847 46.33 -19.42 -28.61
CA ASN A 1847 47.67 -19.90 -28.21
C ASN A 1847 48.28 -18.90 -27.22
N ALA A 1848 48.09 -19.14 -25.91
CA ALA A 1848 48.65 -18.25 -24.92
C ALA A 1848 50.16 -18.44 -24.84
N VAL A 1849 50.91 -17.34 -24.86
CA VAL A 1849 52.35 -17.38 -24.83
C VAL A 1849 52.82 -16.70 -23.55
N ARG A 1850 53.88 -17.29 -23.02
CA ARG A 1850 54.51 -16.64 -21.88
C ARG A 1850 55.99 -16.84 -22.08
N HIS A 1851 56.76 -16.01 -21.42
CA HIS A 1851 58.21 -16.12 -21.50
C HIS A 1851 58.78 -16.31 -20.11
N CYS A 1852 59.42 -17.45 -19.88
CA CYS A 1852 60.19 -17.67 -18.67
C CYS A 1852 61.50 -16.91 -18.75
N SER A 1853 61.43 -15.60 -18.50
CA SER A 1853 62.61 -14.76 -18.56
C SER A 1853 63.62 -15.15 -17.51
N GLY A 1854 64.89 -14.93 -17.80
CA GLY A 1854 65.95 -15.29 -16.87
C GLY A 1854 65.94 -14.45 -15.60
N GLU A 1855 65.29 -13.28 -15.65
CA GLU A 1855 65.29 -12.37 -14.51
C GLU A 1855 64.09 -12.60 -13.59
N LYS A 1856 62.87 -12.48 -14.13
CA LYS A 1856 61.65 -12.59 -13.35
C LYS A 1856 60.90 -13.89 -13.61
N GLY A 1857 61.60 -14.92 -14.09
CA GLY A 1857 60.90 -16.15 -14.42
C GLY A 1857 59.88 -15.90 -15.51
N TRP A 1858 58.64 -16.35 -15.27
CA TRP A 1858 57.58 -16.13 -16.23
C TRP A 1858 57.25 -14.64 -16.34
N LEU A 1859 57.25 -14.13 -17.57
CA LEU A 1859 56.80 -12.79 -17.81
C LEU A 1859 55.28 -12.73 -17.67
N PRO A 1860 54.71 -11.54 -17.53
CA PRO A 1860 53.25 -11.42 -17.64
C PRO A 1860 52.77 -11.99 -18.96
N PRO A 1861 51.84 -12.95 -18.92
CA PRO A 1861 51.46 -13.66 -20.15
C PRO A 1861 50.81 -12.73 -21.15
N GLU A 1862 51.18 -12.88 -22.42
CA GLU A 1862 50.55 -12.06 -23.50
C GLU A 1862 49.27 -12.78 -23.94
N LEU A 1863 48.11 -12.30 -23.47
CA LEU A 1863 46.81 -12.95 -23.80
C LEU A 1863 46.17 -12.24 -24.99
N PHE A 1864 46.98 -11.48 -25.74
CA PHE A 1864 46.48 -10.76 -26.94
C PHE A 1864 45.95 -11.80 -27.92
N ASN A 1865 46.65 -12.92 -28.07
CA ASN A 1865 46.21 -14.00 -28.99
C ASN A 1865 44.97 -14.71 -28.40
N CYS A 1866 44.96 -14.95 -27.09
CA CYS A 1866 43.85 -15.70 -26.44
C CYS A 1866 42.48 -15.13 -26.86
N THR A 1867 41.60 -15.97 -27.40
CA THR A 1867 40.23 -15.53 -27.76
C THR A 1867 39.24 -16.27 -26.87
N SER A 1868 38.10 -15.65 -26.53
CA SER A 1868 37.10 -16.25 -25.67
C SER A 1868 36.10 -17.06 -26.50
N GLY A 1869 35.45 -18.00 -25.82
CA GLY A 1869 34.44 -18.80 -26.49
C GLY A 1869 33.27 -17.97 -26.98
N SER A 1870 32.90 -16.93 -26.23
CA SER A 1870 31.81 -16.07 -26.64
C SER A 1870 32.13 -15.34 -27.94
N PHE A 1871 33.41 -15.15 -28.23
CA PHE A 1871 33.83 -14.43 -29.43
C PHE A 1871 34.32 -15.34 -30.53
N VAL A 1872 34.29 -16.67 -30.34
CA VAL A 1872 34.75 -17.57 -31.38
C VAL A 1872 33.94 -17.36 -32.66
N ASP A 1873 32.62 -17.40 -32.54
CA ASP A 1873 31.76 -17.03 -33.66
C ASP A 1873 31.98 -15.58 -34.05
N LEU A 1874 32.13 -14.70 -33.06
CA LEU A 1874 32.36 -13.29 -33.37
C LEU A 1874 33.70 -13.09 -34.06
N LYS A 1875 34.73 -13.81 -33.64
CA LYS A 1875 36.02 -13.70 -34.31
C LYS A 1875 35.95 -14.20 -35.74
N ALA A 1876 35.28 -15.34 -35.96
CA ALA A 1876 35.11 -15.85 -37.32
C ALA A 1876 34.33 -14.85 -38.16
N LEU A 1877 33.30 -14.25 -37.59
CA LEU A 1877 32.51 -13.25 -38.32
C LEU A 1877 33.32 -12.01 -38.63
N ASN A 1878 34.18 -11.58 -37.72
CA ASN A 1878 35.06 -10.45 -38.00
C ASN A 1878 36.03 -10.78 -39.13
N GLU A 1879 36.59 -11.98 -39.13
CA GLU A 1879 37.66 -12.26 -40.14
C GLU A 1879 37.21 -11.87 -41.56
N LYS A 1880 36.07 -12.40 -42.02
CA LYS A 1880 35.61 -12.17 -43.42
C LYS A 1880 35.32 -10.68 -43.66
N LEU A 1881 34.88 -9.95 -42.64
CA LEU A 1881 34.45 -8.54 -42.83
C LEU A 1881 35.56 -7.67 -43.42
N ASN A 1882 36.79 -7.77 -42.90
CA ASN A 1882 37.87 -6.85 -43.34
C ASN A 1882 38.44 -7.27 -44.71
N ARG A 1883 37.93 -8.35 -45.30
CA ARG A 1883 38.50 -8.85 -46.58
C ARG A 1883 37.83 -8.19 -47.79
N ASN A 1884 37.01 -7.15 -47.57
CA ASN A 1884 36.26 -6.48 -48.67
C ASN A 1884 35.44 -7.50 -49.44
N GLU A 1885 34.80 -8.44 -48.74
CA GLU A 1885 34.05 -9.52 -49.41
C GLU A 1885 32.54 -9.31 -49.23
N THR A 1886 31.97 -9.79 -48.12
CA THR A 1886 30.52 -9.66 -47.87
C THR A 1886 30.12 -8.18 -47.76
N ARG A 1887 28.83 -7.88 -47.91
CA ARG A 1887 28.46 -6.47 -47.90
C ARG A 1887 27.44 -6.23 -46.80
N MET A 1888 27.56 -5.09 -46.13
CA MET A 1888 26.83 -4.86 -44.90
C MET A 1888 25.52 -4.13 -45.15
N ASP A 1889 24.48 -4.52 -44.41
CA ASP A 1889 23.14 -3.97 -44.60
C ASP A 1889 22.54 -3.66 -43.23
N GLY A 1890 21.36 -3.03 -43.27
CA GLY A 1890 20.73 -2.57 -42.03
C GLY A 1890 20.30 -3.70 -41.13
N ASN A 1891 19.66 -4.73 -41.70
CA ASN A 1891 19.20 -5.85 -40.88
C ASN A 1891 20.38 -6.59 -40.26
N ARG A 1892 21.40 -6.86 -41.06
CA ARG A 1892 22.62 -7.44 -40.52
C ARG A 1892 23.25 -6.50 -39.49
N SER A 1893 23.14 -5.20 -39.71
CA SER A 1893 23.66 -4.24 -38.73
C SER A 1893 22.96 -4.42 -37.39
N LEU A 1894 21.63 -4.53 -37.41
CA LEU A 1894 20.87 -4.70 -36.18
C LEU A 1894 21.24 -6.00 -35.50
N ARG A 1895 21.33 -7.09 -36.27
CA ARG A 1895 21.64 -8.39 -35.66
C ARG A 1895 23.04 -8.39 -35.06
N LEU A 1896 24.00 -7.75 -35.74
CA LEU A 1896 25.35 -7.68 -35.20
C LEU A 1896 25.40 -6.82 -33.94
N ALA A 1897 24.66 -5.72 -33.92
CA ALA A 1897 24.62 -4.88 -32.74
C ALA A 1897 24.06 -5.67 -31.54
N LYS A 1898 22.97 -6.41 -31.76
CA LYS A 1898 22.39 -7.18 -30.68
C LYS A 1898 23.34 -8.27 -30.20
N ALA A 1899 23.96 -9.00 -31.13
CA ALA A 1899 24.89 -10.06 -30.73
C ALA A 1899 26.08 -9.48 -29.98
N LEU A 1900 26.59 -8.34 -30.44
CA LEU A 1900 27.72 -7.71 -29.76
C LEU A 1900 27.34 -7.27 -28.36
N ARG A 1901 26.14 -6.70 -28.20
CA ARG A 1901 25.76 -6.20 -26.86
C ARG A 1901 25.69 -7.40 -25.92
N ASN A 1902 25.18 -8.52 -26.41
CA ASN A 1902 25.03 -9.72 -25.54
C ASN A 1902 26.42 -10.25 -25.18
N ALA A 1903 27.33 -10.26 -26.14
CA ALA A 1903 28.66 -10.83 -25.85
C ALA A 1903 29.44 -9.86 -24.96
N THR A 1904 29.04 -8.59 -24.93
CA THR A 1904 29.79 -7.64 -24.14
C THR A 1904 29.20 -7.38 -22.76
N GLN A 1905 27.95 -7.80 -22.53
CA GLN A 1905 27.30 -7.60 -21.20
C GLN A 1905 27.96 -8.48 -20.14
N GLY A 1906 27.75 -8.17 -18.86
CA GLY A 1906 28.42 -8.91 -17.77
C GLY A 1906 29.80 -8.35 -17.47
N ASN A 1907 30.55 -8.98 -16.57
CA ASN A 1907 31.94 -8.53 -16.28
C ASN A 1907 32.92 -9.62 -16.73
N SER A 1908 33.82 -9.29 -17.66
CA SER A 1908 34.83 -10.27 -18.16
C SER A 1908 36.06 -9.54 -18.71
N THR A 1909 37.23 -10.19 -18.70
CA THR A 1909 38.50 -9.57 -19.18
C THR A 1909 38.55 -9.56 -20.71
N LEU A 1910 38.02 -8.51 -21.33
CA LEU A 1910 37.99 -8.42 -22.77
C LEU A 1910 39.42 -8.41 -23.32
N PHE A 1911 39.63 -9.13 -24.42
CA PHE A 1911 40.98 -9.42 -24.91
C PHE A 1911 41.39 -8.49 -26.04
N GLY A 1912 42.69 -8.49 -26.33
CA GLY A 1912 43.24 -7.57 -27.31
C GLY A 1912 42.70 -7.80 -28.71
N ASN A 1913 42.64 -9.08 -29.11
CA ASN A 1913 42.01 -9.39 -30.41
C ASN A 1913 40.52 -9.03 -30.31
N ASP A 1914 39.93 -9.21 -29.13
CA ASP A 1914 38.52 -8.87 -28.93
C ASP A 1914 38.30 -7.36 -28.96
N VAL A 1915 39.18 -6.58 -28.31
CA VAL A 1915 39.00 -5.14 -28.33
C VAL A 1915 39.21 -4.58 -29.73
N ARG A 1916 40.18 -5.15 -30.46
CA ARG A 1916 40.38 -4.72 -31.84
C ARG A 1916 39.15 -5.02 -32.70
N THR A 1917 38.59 -6.21 -32.52
CA THR A 1917 37.38 -6.58 -33.26
C THR A 1917 36.23 -5.65 -32.91
N ALA A 1918 36.06 -5.34 -31.62
CA ALA A 1918 35.00 -4.44 -31.21
C ALA A 1918 35.18 -3.06 -31.81
N TYR A 1919 36.40 -2.54 -31.78
CA TYR A 1919 36.66 -1.23 -32.36
C TYR A 1919 36.33 -1.22 -33.85
N GLN A 1920 36.78 -2.25 -34.57
CA GLN A 1920 36.52 -2.31 -36.00
C GLN A 1920 35.03 -2.39 -36.28
N LEU A 1921 34.31 -3.21 -35.51
CA LEU A 1921 32.88 -3.36 -35.73
C LEU A 1921 32.14 -2.07 -35.46
N LEU A 1922 32.47 -1.38 -34.37
CA LEU A 1922 31.83 -0.11 -34.08
C LEU A 1922 32.11 0.92 -35.16
N ALA A 1923 33.37 0.97 -35.62
CA ALA A 1923 33.71 1.92 -36.67
C ALA A 1923 32.92 1.65 -37.94
N ARG A 1924 32.83 0.38 -38.33
CA ARG A 1924 32.07 0.03 -39.55
C ARG A 1924 30.61 0.42 -39.37
N ILE A 1925 30.01 0.08 -38.22
CA ILE A 1925 28.60 0.34 -38.01
C ILE A 1925 28.31 1.83 -38.06
N LEU A 1926 29.12 2.62 -37.35
CA LEU A 1926 28.90 4.06 -37.31
C LEU A 1926 29.14 4.70 -38.67
N GLN A 1927 30.15 4.21 -39.40
CA GLN A 1927 30.42 4.73 -40.74
C GLN A 1927 29.23 4.46 -41.66
N HIS A 1928 28.66 3.26 -41.60
CA HIS A 1928 27.47 2.97 -42.39
C HIS A 1928 26.30 3.84 -41.97
N GLU A 1929 26.13 4.03 -40.66
CA GLU A 1929 24.98 4.79 -40.18
C GLU A 1929 25.07 6.24 -40.60
N SER A 1930 26.29 6.79 -40.66
CA SER A 1930 26.46 8.17 -41.10
C SER A 1930 26.01 8.35 -42.55
N ARG A 1931 26.07 7.29 -43.36
CA ARG A 1931 25.74 7.39 -44.77
C ARG A 1931 24.25 7.34 -45.05
N GLN A 1932 23.43 6.93 -44.08
CA GLN A 1932 22.01 6.82 -44.29
C GLN A 1932 21.31 8.15 -44.00
N GLN A 1933 20.11 8.28 -44.54
CA GLN A 1933 19.29 9.48 -44.31
C GLN A 1933 17.83 9.08 -44.29
N GLY A 1934 17.00 10.00 -43.81
CA GLY A 1934 15.57 9.78 -43.79
C GLY A 1934 15.18 8.57 -42.96
N PHE A 1935 14.25 7.80 -43.49
CA PHE A 1935 13.81 6.59 -42.80
C PHE A 1935 14.77 5.43 -43.01
N ASP A 1936 15.72 5.56 -43.93
CA ASP A 1936 16.69 4.51 -44.14
C ASP A 1936 17.62 4.34 -42.94
N LEU A 1937 17.63 5.29 -42.03
CA LEU A 1937 18.36 5.12 -40.77
C LEU A 1937 17.78 3.94 -40.00
N ALA A 1938 18.67 3.12 -39.44
CA ALA A 1938 18.21 2.05 -38.55
C ALA A 1938 17.54 2.60 -37.31
N ALA A 1939 17.71 3.88 -37.02
CA ALA A 1939 17.07 4.49 -35.87
C ALA A 1939 15.56 4.37 -35.93
N THR A 1940 14.98 4.52 -37.11
CA THR A 1940 13.53 4.54 -37.26
C THR A 1940 12.90 3.16 -37.14
N ARG A 1941 13.70 2.09 -37.14
CA ARG A 1941 13.17 0.74 -37.08
C ARG A 1941 13.32 0.07 -35.72
N GLU A 1942 14.19 0.60 -34.86
CA GLU A 1942 14.44 0.02 -33.56
C GLU A 1942 14.43 1.13 -32.51
N ALA A 1943 14.11 0.75 -31.28
CA ALA A 1943 14.11 1.67 -30.15
C ALA A 1943 15.32 1.51 -29.25
N ASN A 1944 15.85 0.31 -29.12
CA ASN A 1944 16.91 0.04 -28.15
C ASN A 1944 18.31 0.13 -28.75
N PHE A 1945 18.43 0.40 -30.05
CA PHE A 1945 19.75 0.49 -30.68
C PHE A 1945 20.63 1.50 -29.95
N HIS A 1946 20.06 2.64 -29.56
CA HIS A 1946 20.81 3.63 -28.79
C HIS A 1946 21.35 3.01 -27.51
N GLU A 1947 20.49 2.29 -26.77
CA GLU A 1947 20.93 1.67 -25.53
C GLU A 1947 22.02 0.64 -25.80
N ASP A 1948 21.86 -0.16 -26.85
CA ASP A 1948 22.86 -1.17 -27.16
C ASP A 1948 24.21 -0.53 -27.44
N VAL A 1949 24.24 0.48 -28.31
CA VAL A 1949 25.51 1.07 -28.69
C VAL A 1949 26.16 1.79 -27.51
N VAL A 1950 25.35 2.48 -26.70
CA VAL A 1950 25.95 3.20 -25.58
C VAL A 1950 26.47 2.22 -24.52
N HIS A 1951 25.76 1.11 -24.32
CA HIS A 1951 26.23 0.10 -23.38
C HIS A 1951 27.53 -0.53 -23.85
N THR A 1952 27.60 -0.84 -25.15
CA THR A 1952 28.82 -1.41 -25.70
C THR A 1952 29.97 -0.44 -25.57
N GLY A 1953 29.72 0.84 -25.83
CA GLY A 1953 30.76 1.84 -25.67
C GLY A 1953 31.24 1.95 -24.24
N SER A 1954 30.32 1.96 -23.28
CA SER A 1954 30.70 2.04 -21.88
C SER A 1954 31.52 0.83 -21.47
N ALA A 1955 31.11 -0.36 -21.93
CA ALA A 1955 31.86 -1.56 -21.59
C ALA A 1955 33.25 -1.54 -22.21
N LEU A 1956 33.37 -1.05 -23.45
CA LEU A 1956 34.66 -1.05 -24.13
C LEU A 1956 35.68 -0.19 -23.42
N LEU A 1957 35.25 0.93 -22.85
CA LEU A 1957 36.17 1.90 -22.27
C LEU A 1957 36.46 1.62 -20.80
N ALA A 1958 36.30 0.38 -20.36
CA ALA A 1958 36.55 0.03 -18.97
C ALA A 1958 38.01 0.28 -18.60
N PRO A 1959 38.26 0.89 -17.44
CA PRO A 1959 39.64 1.19 -17.04
C PRO A 1959 40.51 -0.04 -16.89
N ALA A 1960 39.94 -1.20 -16.58
CA ALA A 1960 40.75 -2.39 -16.32
C ALA A 1960 41.61 -2.76 -17.52
N THR A 1961 41.37 -2.15 -18.67
CA THR A 1961 42.14 -2.42 -19.88
C THR A 1961 43.25 -1.42 -20.14
N GLU A 1962 43.70 -0.67 -19.12
CA GLU A 1962 44.82 0.25 -19.34
C GLU A 1962 46.05 -0.48 -19.85
N ALA A 1963 46.40 -1.60 -19.20
CA ALA A 1963 47.49 -2.42 -19.70
C ALA A 1963 47.19 -2.91 -21.11
N SER A 1964 45.93 -3.18 -21.41
CA SER A 1964 45.54 -3.41 -22.79
C SER A 1964 45.65 -2.14 -23.61
N TRP A 1965 45.13 -1.03 -23.08
CA TRP A 1965 45.00 0.20 -23.87
C TRP A 1965 46.35 0.71 -24.34
N GLU A 1966 47.35 0.72 -23.45
CA GLU A 1966 48.68 1.17 -23.85
C GLU A 1966 49.19 0.35 -25.03
N GLN A 1967 48.79 -0.92 -25.10
CA GLN A 1967 49.05 -1.72 -26.28
C GLN A 1967 48.11 -1.30 -27.41
N ILE A 1968 46.80 -1.28 -27.14
CA ILE A 1968 45.84 -0.90 -28.15
C ILE A 1968 46.17 0.47 -28.73
N GLN A 1969 46.69 1.37 -27.89
CA GLN A 1969 46.94 2.73 -28.33
C GLN A 1969 48.07 2.83 -29.35
N ARG A 1970 48.96 1.83 -29.42
CA ARG A 1970 50.01 1.92 -30.43
C ARG A 1970 49.57 1.33 -31.76
N SER A 1971 48.27 1.09 -31.95
CA SER A 1971 47.74 0.52 -33.17
C SER A 1971 46.80 1.46 -33.90
N GLU A 1972 45.85 2.07 -33.20
CA GLU A 1972 44.82 2.89 -33.83
C GLU A 1972 44.53 4.11 -32.97
N ALA A 1973 43.82 5.08 -33.56
CA ALA A 1973 43.40 6.26 -32.83
C ALA A 1973 42.46 5.90 -31.69
N GLY A 1974 41.53 4.98 -31.95
CA GLY A 1974 40.67 4.51 -30.87
C GLY A 1974 39.63 5.55 -30.53
N ALA A 1975 39.79 6.15 -29.35
CA ALA A 1975 38.79 7.09 -28.85
C ALA A 1975 38.63 8.28 -29.78
N ALA A 1976 39.65 8.61 -30.56
CA ALA A 1976 39.56 9.78 -31.44
C ALA A 1976 38.57 9.54 -32.56
N GLN A 1977 38.84 8.54 -33.41
CA GLN A 1977 37.91 8.23 -34.48
C GLN A 1977 36.57 7.76 -33.94
N LEU A 1978 36.57 7.11 -32.77
CA LEU A 1978 35.32 6.73 -32.15
C LEU A 1978 34.48 7.96 -31.81
N LEU A 1979 35.12 8.99 -31.25
CA LEU A 1979 34.41 10.22 -30.95
C LEU A 1979 33.94 10.92 -32.22
N ARG A 1980 34.76 10.89 -33.27
CA ARG A 1980 34.34 11.45 -34.54
C ARG A 1980 33.11 10.73 -35.08
N HIS A 1981 33.13 9.40 -35.03
CA HIS A 1981 31.98 8.63 -35.45
C HIS A 1981 30.76 9.03 -34.63
N PHE A 1982 30.92 9.10 -33.31
CA PHE A 1982 29.84 9.50 -32.41
C PHE A 1982 29.24 10.85 -32.79
N GLU A 1983 30.10 11.85 -32.98
CA GLU A 1983 29.59 13.20 -33.23
C GLU A 1983 28.93 13.30 -34.59
N ALA A 1984 29.48 12.62 -35.61
CA ALA A 1984 28.83 12.63 -36.91
C ALA A 1984 27.47 11.93 -36.85
N TYR A 1985 27.42 10.80 -36.15
CA TYR A 1985 26.18 10.07 -35.96
C TYR A 1985 25.13 10.95 -35.28
N PHE A 1986 25.54 11.63 -34.21
CA PHE A 1986 24.62 12.49 -33.49
C PHE A 1986 24.25 13.71 -34.31
N SER A 1987 25.13 14.17 -35.18
CA SER A 1987 24.79 15.28 -36.07
C SER A 1987 23.69 14.89 -37.03
N ASN A 1988 23.78 13.69 -37.61
CA ASN A 1988 22.69 13.21 -38.46
C ASN A 1988 21.41 13.04 -37.64
N VAL A 1989 21.54 12.56 -36.41
CA VAL A 1989 20.39 12.40 -35.53
C VAL A 1989 19.71 13.75 -35.31
N ALA A 1990 20.50 14.78 -35.05
CA ALA A 1990 19.93 16.12 -34.86
C ALA A 1990 19.29 16.62 -36.15
N ARG A 1991 19.90 16.33 -37.29
CA ARG A 1991 19.35 16.78 -38.55
C ARG A 1991 18.01 16.12 -38.87
N ASN A 1992 17.77 14.91 -38.39
CA ASN A 1992 16.52 14.22 -38.72
C ASN A 1992 15.58 14.00 -37.54
N VAL A 1993 15.87 14.55 -36.37
CA VAL A 1993 15.02 14.30 -35.20
C VAL A 1993 13.62 14.84 -35.42
N LYS A 1994 13.50 16.07 -35.95
CA LYS A 1994 12.18 16.64 -36.16
C LYS A 1994 11.41 15.87 -37.21
N ARG A 1995 12.12 15.38 -38.23
CA ARG A 1995 11.47 14.54 -39.24
C ARG A 1995 10.93 13.25 -38.64
N THR A 1996 11.72 12.60 -37.78
CA THR A 1996 11.32 11.33 -37.22
C THR A 1996 10.45 11.46 -35.97
N TYR A 1997 10.39 12.64 -35.37
CA TYR A 1997 9.60 12.92 -34.18
C TYR A 1997 10.02 12.09 -32.97
N LEU A 1998 11.32 11.82 -32.84
CA LEU A 1998 11.82 11.10 -31.67
C LEU A 1998 11.61 11.91 -30.41
N ARG A 1999 11.06 11.28 -29.38
CA ARG A 1999 10.86 11.95 -28.11
C ARG A 1999 12.19 12.15 -27.40
N PRO A 2000 12.30 13.22 -26.61
CA PRO A 2000 13.54 13.44 -25.84
C PRO A 2000 13.77 12.31 -24.85
N PHE A 2001 15.05 12.01 -24.60
CA PHE A 2001 15.37 10.90 -23.72
C PHE A 2001 16.79 11.05 -23.19
N VAL A 2002 17.03 10.41 -22.04
CA VAL A 2002 18.34 10.40 -21.39
C VAL A 2002 18.70 8.96 -21.09
N ILE A 2003 19.92 8.57 -21.43
CA ILE A 2003 20.45 7.24 -21.18
C ILE A 2003 21.66 7.36 -20.26
N VAL A 2004 21.67 6.57 -19.20
CA VAL A 2004 22.70 6.62 -18.17
C VAL A 2004 23.32 5.24 -18.01
N THR A 2005 24.64 5.16 -18.14
CA THR A 2005 25.40 3.97 -17.81
C THR A 2005 26.60 4.39 -16.97
N ALA A 2006 27.20 3.40 -16.30
CA ALA A 2006 28.20 3.65 -15.28
C ALA A 2006 29.33 4.57 -15.77
N ASN A 2007 29.49 4.71 -17.08
CA ASN A 2007 30.55 5.57 -17.62
C ASN A 2007 30.06 6.48 -18.74
N MET A 2008 28.78 6.44 -19.09
CA MET A 2008 28.30 7.21 -20.24
C MET A 2008 27.02 7.93 -19.89
N ILE A 2009 26.89 9.16 -20.36
CA ILE A 2009 25.65 9.92 -20.23
C ILE A 2009 25.27 10.44 -21.60
N LEU A 2010 24.02 10.19 -22.01
CA LEU A 2010 23.49 10.70 -23.27
C LEU A 2010 22.19 11.43 -22.98
N ALA A 2011 22.05 12.64 -23.52
CA ALA A 2011 20.84 13.41 -23.34
C ALA A 2011 20.44 14.03 -24.66
N VAL A 2012 19.18 13.85 -25.05
CA VAL A 2012 18.61 14.49 -26.24
C VAL A 2012 17.32 15.16 -25.80
N ASP A 2013 17.20 16.47 -26.06
CA ASP A 2013 16.02 17.21 -25.66
C ASP A 2013 15.62 18.20 -26.75
N ILE A 2014 14.34 18.55 -26.76
CA ILE A 2014 13.78 19.46 -27.74
C ILE A 2014 13.31 20.72 -27.03
N PHE A 2015 13.72 21.88 -27.53
CA PHE A 2015 13.30 23.16 -26.99
C PHE A 2015 12.44 23.90 -28.00
N ASP A 2016 11.47 24.64 -27.48
CA ASP A 2016 10.73 25.62 -28.26
C ASP A 2016 11.63 26.82 -28.49
N LYS A 2017 11.93 27.11 -29.76
CA LYS A 2017 12.83 28.22 -30.07
C LYS A 2017 12.30 29.52 -29.50
N LEU A 2018 11.04 29.84 -29.79
CA LEU A 2018 10.48 31.13 -29.42
C LEU A 2018 10.34 31.32 -27.92
N ASN A 2019 10.50 30.28 -27.12
CA ASN A 2019 10.29 30.38 -25.68
C ASN A 2019 11.45 29.86 -24.84
N PHE A 2020 12.57 29.49 -25.45
CA PHE A 2020 13.68 28.93 -24.69
C PHE A 2020 14.41 30.07 -23.97
N THR A 2021 14.50 29.97 -22.65
CA THR A 2021 15.14 30.97 -21.82
C THR A 2021 16.40 30.46 -21.12
N GLY A 2022 17.14 29.56 -21.75
CA GLY A 2022 18.32 28.99 -21.15
C GLY A 2022 17.98 27.93 -20.11
N ALA A 2023 18.89 26.97 -19.96
CA ALA A 2023 18.66 25.87 -19.04
C ALA A 2023 19.97 25.12 -18.82
N GLN A 2024 19.95 24.22 -17.84
CA GLN A 2024 21.08 23.35 -17.57
C GLN A 2024 20.80 21.97 -18.16
N VAL A 2025 21.78 21.44 -18.88
CA VAL A 2025 21.64 20.21 -19.65
C VAL A 2025 22.78 19.27 -19.26
N PRO A 2026 22.53 17.97 -19.09
CA PRO A 2026 21.22 17.30 -19.11
C PRO A 2026 20.36 17.78 -17.96
N ARG A 2027 19.04 17.73 -18.10
CA ARG A 2027 18.17 18.34 -17.10
C ARG A 2027 18.14 17.48 -15.85
N PHE A 2028 19.20 17.55 -15.03
CA PHE A 2028 19.22 16.83 -13.76
C PHE A 2028 18.07 17.24 -12.87
N GLU A 2029 17.56 18.46 -13.04
CA GLU A 2029 16.32 18.84 -12.38
C GLU A 2029 15.17 17.94 -12.82
N ASP A 2030 15.13 17.61 -14.11
CA ASP A 2030 14.15 16.68 -14.65
C ASP A 2030 14.62 15.23 -14.57
N ILE A 2031 15.88 15.00 -14.22
CA ILE A 2031 16.41 13.65 -14.06
C ILE A 2031 16.16 13.19 -12.64
N GLN A 2032 15.45 12.08 -12.49
CA GLN A 2032 15.10 11.53 -11.19
C GLN A 2032 15.97 10.35 -10.77
N GLU A 2033 16.71 9.76 -11.71
CA GLU A 2033 17.57 8.63 -11.37
C GLU A 2033 18.67 9.06 -10.42
N GLU A 2034 19.06 8.13 -9.53
CA GLU A 2034 20.13 8.39 -8.58
C GLU A 2034 21.43 8.75 -9.31
N LEU A 2035 21.95 9.94 -9.02
CA LEU A 2035 23.16 10.43 -9.67
C LEU A 2035 24.33 10.39 -8.70
N PRO A 2036 25.43 9.71 -9.04
CA PRO A 2036 26.65 9.86 -8.25
C PRO A 2036 27.11 11.30 -8.21
N ARG A 2037 27.70 11.71 -7.08
CA ARG A 2037 28.06 13.11 -6.88
C ARG A 2037 29.06 13.58 -7.92
N GLU A 2038 29.94 12.68 -8.38
CA GLU A 2038 30.92 13.05 -9.40
C GLU A 2038 30.24 13.47 -10.70
N LEU A 2039 29.13 12.82 -11.03
CA LEU A 2039 28.44 13.05 -12.30
C LEU A 2039 27.61 14.32 -12.30
N GLU A 2040 27.64 15.10 -11.22
CA GLU A 2040 26.82 16.31 -11.11
C GLU A 2040 27.48 17.51 -11.77
N SER A 2041 27.83 17.37 -13.04
CA SER A 2041 28.30 18.48 -13.85
C SER A 2041 27.08 19.17 -14.46
N SER A 2042 27.28 20.10 -15.40
CA SER A 2042 26.16 20.77 -16.04
C SER A 2042 26.64 21.52 -17.27
N VAL A 2043 25.71 21.85 -18.15
CA VAL A 2043 25.97 22.72 -19.29
C VAL A 2043 24.89 23.78 -19.33
N SER A 2044 25.29 25.05 -19.34
CA SER A 2044 24.37 26.16 -19.20
C SER A 2044 24.17 26.86 -20.54
N PHE A 2045 22.91 26.97 -20.94
CA PHE A 2045 22.46 27.85 -22.01
C PHE A 2045 21.87 29.11 -21.37
N PRO A 2046 22.48 30.28 -21.55
CA PRO A 2046 21.87 31.50 -21.04
C PRO A 2046 20.53 31.77 -21.72
N ALA A 2047 19.78 32.71 -21.13
CA ALA A 2047 18.48 33.06 -21.68
C ALA A 2047 18.61 33.64 -23.08
N ASP A 2048 19.73 34.31 -23.35
CA ASP A 2048 19.99 34.90 -24.66
C ASP A 2048 20.52 33.91 -25.67
N THR A 2049 20.52 32.61 -25.35
CA THR A 2049 21.04 31.62 -26.29
C THR A 2049 20.24 31.64 -27.58
N PHE A 2050 18.92 31.54 -27.48
CA PHE A 2050 18.05 31.64 -28.64
C PHE A 2050 17.92 33.08 -29.14
N LYS A 2051 18.07 34.06 -28.26
CA LYS A 2051 17.83 35.44 -28.61
C LYS A 2051 18.75 35.86 -29.76
N PRO A 2052 18.24 36.57 -30.75
CA PRO A 2052 19.08 36.99 -31.88
C PRO A 2052 20.19 37.91 -31.40
N PRO A 2053 21.37 37.83 -32.01
CA PRO A 2053 22.48 38.71 -31.60
C PRO A 2053 22.11 40.17 -31.81
N GLU A 2054 22.60 41.01 -30.91
CA GLU A 2054 22.31 42.44 -30.97
C GLU A 2054 22.98 43.10 -32.17
N GLU A 2094 4.87 27.68 -38.62
CA GLU A 2094 6.01 28.07 -39.50
C GLU A 2094 7.27 27.32 -39.04
N PRO A 2095 7.90 26.50 -39.89
CA PRO A 2095 9.04 25.67 -39.48
C PRO A 2095 10.19 26.53 -38.97
N GLY A 2096 10.86 26.04 -37.92
CA GLY A 2096 11.91 26.80 -37.30
C GLY A 2096 11.48 27.38 -35.98
N GLN A 2097 10.52 26.71 -35.33
CA GLN A 2097 10.07 27.10 -34.00
C GLN A 2097 10.64 26.22 -32.90
N PHE A 2098 11.27 25.10 -33.25
CA PHE A 2098 11.82 24.17 -32.27
C PHE A 2098 13.23 23.80 -32.65
N ALA A 2099 14.14 23.85 -31.69
CA ALA A 2099 15.51 23.42 -31.86
C ALA A 2099 15.74 22.18 -31.00
N VAL A 2100 16.92 21.56 -31.18
CA VAL A 2100 17.25 20.34 -30.46
C VAL A 2100 18.64 20.50 -29.86
N ALA A 2101 18.85 19.85 -28.72
CA ALA A 2101 20.14 19.87 -28.03
C ALA A 2101 20.47 18.46 -27.56
N LEU A 2102 21.68 18.01 -27.90
CA LEU A 2102 22.17 16.71 -27.47
C LEU A 2102 23.52 16.88 -26.78
N VAL A 2103 23.66 16.26 -25.61
CA VAL A 2103 24.88 16.34 -24.83
C VAL A 2103 25.32 14.95 -24.45
N VAL A 2104 26.60 14.65 -24.66
CA VAL A 2104 27.20 13.37 -24.29
C VAL A 2104 28.31 13.62 -23.29
N ILE A 2105 28.29 12.85 -22.21
CA ILE A 2105 29.30 12.95 -21.15
C ILE A 2105 30.04 11.63 -21.09
N TYR A 2106 31.36 11.69 -21.27
CA TYR A 2106 32.24 10.54 -21.14
C TYR A 2106 32.99 10.68 -19.82
N ARG A 2107 32.84 9.70 -18.94
CA ARG A 2107 33.39 9.83 -17.59
C ARG A 2107 34.91 9.77 -17.62
N THR A 2108 35.47 8.65 -18.05
CA THR A 2108 36.89 8.38 -17.91
C THR A 2108 37.67 8.55 -19.20
N LEU A 2109 37.03 9.05 -20.26
CA LEU A 2109 37.66 9.07 -21.58
C LEU A 2109 38.97 9.85 -21.57
N GLY A 2110 39.06 10.89 -20.75
CA GLY A 2110 40.23 11.74 -20.76
C GLY A 2110 41.52 11.03 -20.42
N GLN A 2111 41.53 10.32 -19.30
CA GLN A 2111 42.71 9.53 -18.93
C GLN A 2111 42.89 8.36 -19.89
N LEU A 2112 41.80 7.92 -20.52
CA LEU A 2112 41.89 6.89 -21.54
C LEU A 2112 42.64 7.37 -22.77
N LEU A 2113 42.65 8.68 -23.02
CA LEU A 2113 43.27 9.22 -24.21
C LEU A 2113 44.78 9.05 -24.15
N PRO A 2114 45.44 8.94 -25.31
CA PRO A 2114 46.90 8.91 -25.32
C PRO A 2114 47.47 10.20 -24.77
N GLU A 2115 48.62 10.10 -24.11
CA GLU A 2115 49.25 11.26 -23.52
C GLU A 2115 49.82 12.14 -24.62
N HIS A 2116 48.98 12.99 -25.20
CA HIS A 2116 49.38 13.88 -26.29
C HIS A 2116 49.01 15.30 -25.91
N TYR A 2117 49.97 16.21 -26.02
CA TYR A 2117 49.75 17.61 -25.70
C TYR A 2117 50.20 18.46 -26.86
N ASP A 2118 49.64 19.67 -26.93
CA ASP A 2118 49.95 20.62 -27.99
C ASP A 2118 51.45 20.86 -28.05
N PRO A 2119 52.11 20.47 -29.14
CA PRO A 2119 53.57 20.65 -29.22
C PRO A 2119 54.00 22.11 -29.18
N ASP A 2120 53.11 23.04 -29.50
CA ASP A 2120 53.44 24.47 -29.46
C ASP A 2120 53.64 24.89 -28.00
N HIS A 2121 54.90 25.11 -27.62
CA HIS A 2121 55.20 25.54 -26.26
C HIS A 2121 54.62 26.93 -25.98
N ARG A 2122 54.65 27.81 -26.98
CA ARG A 2122 54.14 29.16 -26.79
C ARG A 2122 52.65 29.14 -26.43
N SER A 2123 51.87 28.38 -27.19
CA SER A 2123 50.43 28.28 -26.89
C SER A 2123 50.18 27.51 -25.60
N LEU A 2124 50.96 26.47 -25.34
CA LEU A 2124 50.75 25.59 -24.19
C LEU A 2124 52.07 25.41 -23.46
N ARG A 2125 52.18 26.01 -22.27
CA ARG A 2125 53.34 25.79 -21.41
C ARG A 2125 53.05 24.53 -20.59
N LEU A 2126 53.72 23.44 -20.95
CA LEU A 2126 53.46 22.16 -20.31
C LEU A 2126 53.88 22.18 -18.86
N PRO A 2127 52.98 21.89 -17.91
CA PRO A 2127 53.39 21.73 -16.52
C PRO A 2127 54.04 20.37 -16.31
N ASN A 2128 54.57 20.18 -15.11
CA ASN A 2128 55.29 18.95 -14.82
C ASN A 2128 54.39 17.72 -14.93
N ARG A 2129 53.19 17.78 -14.35
CA ARG A 2129 52.27 16.65 -14.36
C ARG A 2129 50.87 17.13 -14.64
N PRO A 2130 50.56 17.42 -15.90
CA PRO A 2130 49.18 17.77 -16.27
C PRO A 2130 48.33 16.52 -16.45
N VAL A 2131 47.10 16.61 -15.97
CA VAL A 2131 46.18 15.47 -15.96
C VAL A 2131 44.79 15.93 -16.39
N ILE A 2132 44.14 15.15 -17.24
CA ILE A 2132 42.74 15.42 -17.54
C ILE A 2132 41.90 15.03 -16.34
N ASN A 2133 41.17 16.00 -15.78
CA ASN A 2133 40.52 15.84 -14.48
C ASN A 2133 39.00 15.89 -14.57
N THR A 2134 38.46 16.16 -15.76
CA THR A 2134 37.03 16.35 -15.92
C THR A 2134 36.51 15.40 -16.99
N PRO A 2135 35.27 14.94 -16.85
CA PRO A 2135 34.67 14.13 -17.91
C PRO A 2135 34.55 14.96 -19.19
N VAL A 2136 34.76 14.29 -20.32
CA VAL A 2136 34.68 14.95 -21.62
C VAL A 2136 33.23 15.22 -21.95
N VAL A 2137 32.92 16.45 -22.35
CA VAL A 2137 31.57 16.87 -22.65
C VAL A 2137 31.49 17.25 -24.13
N SER A 2138 30.49 16.72 -24.82
CA SER A 2138 30.21 17.10 -26.20
C SER A 2138 28.78 17.58 -26.27
N ALA A 2139 28.60 18.89 -26.45
CA ALA A 2139 27.28 19.49 -26.53
C ALA A 2139 27.06 20.01 -27.95
N MET A 2140 25.87 19.75 -28.48
CA MET A 2140 25.56 20.10 -29.86
C MET A 2140 24.13 20.60 -29.94
N VAL A 2141 23.96 21.82 -30.43
CA VAL A 2141 22.65 22.44 -30.61
C VAL A 2141 22.39 22.55 -32.11
N TYR A 2142 21.20 22.12 -32.53
CA TYR A 2142 20.81 22.15 -33.93
C TYR A 2142 19.51 22.92 -34.08
N SER A 2143 19.52 23.87 -35.00
CA SER A 2143 18.37 24.74 -35.27
C SER A 2143 17.85 24.44 -36.66
N GLU A 2144 16.56 24.13 -36.75
CA GLU A 2144 15.94 23.90 -38.04
C GLU A 2144 15.81 25.21 -38.80
N GLY A 2145 15.80 25.13 -40.12
CA GLY A 2145 15.65 26.30 -40.96
C GLY A 2145 16.98 26.94 -41.30
N THR A 2146 17.10 28.23 -41.04
CA THR A 2146 18.36 28.92 -41.28
C THR A 2146 19.42 28.37 -40.32
N PRO A 2147 20.55 27.86 -40.83
CA PRO A 2147 21.56 27.28 -39.95
C PRO A 2147 22.26 28.36 -39.14
N LEU A 2148 22.49 28.07 -37.87
CA LEU A 2148 23.28 28.97 -37.04
C LEU A 2148 24.73 28.96 -37.50
N PRO A 2149 25.50 30.01 -37.22
CA PRO A 2149 26.91 30.02 -37.61
C PRO A 2149 27.66 28.84 -36.99
N SER A 2150 28.62 28.32 -37.75
CA SER A 2150 29.37 27.14 -37.31
C SER A 2150 30.08 27.41 -35.99
N SER A 2151 30.70 28.59 -35.87
CA SER A 2151 31.25 29.02 -34.60
C SER A 2151 30.17 29.74 -33.81
N LEU A 2152 29.90 29.26 -32.59
CA LEU A 2152 28.84 29.84 -31.77
C LEU A 2152 29.12 31.32 -31.50
N GLN A 2153 28.27 32.19 -32.05
CA GLN A 2153 28.45 33.61 -31.83
C GLN A 2153 28.18 34.02 -30.39
N ARG A 2154 27.49 33.17 -29.63
CA ARG A 2154 27.28 33.39 -28.20
C ARG A 2154 27.75 32.14 -27.47
N PRO A 2155 28.76 32.25 -26.61
CA PRO A 2155 29.36 31.06 -26.02
C PRO A 2155 28.42 30.35 -25.05
N ILE A 2156 28.68 29.06 -24.89
CA ILE A 2156 27.92 28.22 -23.98
C ILE A 2156 28.76 28.00 -22.72
N LEU A 2157 28.09 27.77 -21.59
CA LEU A 2157 28.78 27.58 -20.34
C LEU A 2157 28.83 26.11 -20.00
N VAL A 2158 29.91 25.67 -19.35
CA VAL A 2158 30.01 24.30 -18.87
C VAL A 2158 30.60 24.31 -17.46
N GLU A 2159 29.94 23.58 -16.55
CA GLU A 2159 30.36 23.46 -15.17
C GLU A 2159 30.81 22.03 -14.93
N PHE A 2160 32.11 21.84 -14.68
CA PHE A 2160 32.71 20.55 -14.40
C PHE A 2160 32.91 20.38 -12.91
N SER A 2161 33.24 19.15 -12.53
CA SER A 2161 33.71 18.80 -11.20
C SER A 2161 35.11 18.24 -11.32
N LEU A 2162 35.66 17.75 -10.22
CA LEU A 2162 37.02 17.24 -10.18
C LEU A 2162 37.05 15.79 -9.73
N LEU A 2163 38.02 15.05 -10.27
CA LEU A 2163 38.21 13.66 -9.85
C LEU A 2163 38.98 13.59 -8.54
N GLU A 2164 40.19 14.15 -8.52
CA GLU A 2164 40.97 14.28 -7.29
C GLU A 2164 40.75 15.68 -6.73
N THR A 2165 40.78 15.79 -5.40
CA THR A 2165 40.42 17.03 -4.73
C THR A 2165 41.62 17.88 -4.31
N GLU A 2166 42.82 17.55 -4.75
CA GLU A 2166 43.99 18.32 -4.35
C GLU A 2166 44.14 19.58 -5.19
N GLU A 2167 44.53 20.67 -4.53
CA GLU A 2167 44.48 22.01 -5.10
C GLU A 2167 45.86 22.65 -5.15
N ARG A 2168 46.85 21.91 -5.65
CA ARG A 2168 48.24 22.35 -5.60
C ARG A 2168 48.71 23.01 -6.89
N SER A 2169 47.81 23.22 -7.86
CA SER A 2169 48.19 23.77 -9.15
C SER A 2169 46.93 24.29 -9.84
N LYS A 2170 47.05 24.59 -11.14
CA LYS A 2170 46.08 25.40 -11.86
C LYS A 2170 45.43 24.64 -13.01
N PRO A 2171 44.21 25.01 -13.38
CA PRO A 2171 43.55 24.40 -14.53
C PRO A 2171 43.70 25.22 -15.81
N VAL A 2172 43.39 24.57 -16.94
CA VAL A 2172 43.19 25.24 -18.22
C VAL A 2172 42.02 24.59 -18.94
N CYS A 2173 41.02 25.38 -19.34
CA CYS A 2173 39.86 24.85 -20.04
C CYS A 2173 40.22 24.66 -21.52
N VAL A 2174 40.51 23.42 -21.89
CA VAL A 2174 40.96 23.11 -23.24
C VAL A 2174 39.88 22.32 -23.98
N PHE A 2175 40.08 22.17 -25.28
CA PHE A 2175 39.22 21.34 -26.11
C PHE A 2175 40.11 20.44 -26.96
N TRP A 2176 39.71 19.18 -27.09
CA TRP A 2176 40.44 18.24 -27.94
C TRP A 2176 39.87 18.37 -29.35
N ASN A 2177 40.62 19.05 -30.20
CA ASN A 2177 40.22 19.19 -31.59
C ASN A 2177 40.33 17.85 -32.31
N HIS A 2178 39.65 17.75 -33.44
CA HIS A 2178 39.88 16.65 -34.37
C HIS A 2178 40.57 17.12 -35.63
N SER A 2179 40.31 18.35 -36.06
CA SER A 2179 40.93 18.89 -37.26
C SER A 2179 42.33 19.42 -37.01
N LEU A 2180 42.73 19.58 -35.75
CA LEU A 2180 44.09 20.01 -35.46
C LEU A 2180 45.08 18.99 -35.99
N ASP A 2181 46.22 19.48 -36.46
CA ASP A 2181 47.24 18.60 -37.00
C ASP A 2181 47.99 17.83 -35.91
N THR A 2182 47.87 18.27 -34.65
CA THR A 2182 48.53 17.59 -33.54
C THR A 2182 47.96 16.18 -33.40
N GLY A 2183 48.77 15.18 -33.73
CA GLY A 2183 48.33 13.80 -33.71
C GLY A 2183 47.44 13.41 -34.86
N GLY A 2184 47.21 14.29 -35.82
CA GLY A 2184 46.30 14.01 -36.92
C GLY A 2184 44.86 14.13 -36.52
N THR A 2185 44.49 13.46 -35.42
CA THR A 2185 43.15 13.50 -34.88
C THR A 2185 42.92 14.71 -33.98
N GLY A 2186 43.75 15.74 -34.09
CA GLY A 2186 43.62 16.91 -33.25
C GLY A 2186 44.07 16.66 -31.83
N GLY A 2187 43.90 17.65 -30.97
CA GLY A 2187 44.39 17.51 -29.61
C GLY A 2187 43.90 18.63 -28.73
N TRP A 2188 44.38 18.61 -27.50
CA TRP A 2188 44.01 19.62 -26.51
C TRP A 2188 44.53 20.98 -26.93
N SER A 2189 43.71 22.01 -26.76
CA SER A 2189 44.09 23.38 -27.04
C SER A 2189 43.25 24.33 -26.20
N ALA A 2190 43.89 25.38 -25.70
CA ALA A 2190 43.22 26.37 -24.86
C ALA A 2190 42.59 27.50 -25.67
N LYS A 2191 42.76 27.48 -26.99
CA LYS A 2191 42.25 28.55 -27.84
C LYS A 2191 40.73 28.49 -27.87
N GLY A 2192 40.07 29.61 -27.58
CA GLY A 2192 38.62 29.71 -27.65
C GLY A 2192 37.89 29.34 -26.38
N CYS A 2193 38.57 28.84 -25.36
CA CYS A 2193 37.93 28.47 -24.11
C CYS A 2193 38.83 28.85 -22.95
N GLU A 2194 38.25 29.39 -21.89
CA GLU A 2194 39.01 29.85 -20.74
C GLU A 2194 38.15 29.76 -19.48
N LEU A 2195 38.82 29.89 -18.33
CA LEU A 2195 38.19 29.67 -17.03
C LEU A 2195 37.48 30.93 -16.57
N LEU A 2196 36.16 30.84 -16.40
CA LEU A 2196 35.43 31.95 -15.80
C LEU A 2196 35.45 31.87 -14.28
N SER A 2197 34.90 30.80 -13.70
CA SER A 2197 34.72 30.74 -12.27
C SER A 2197 35.21 29.40 -11.73
N ARG A 2198 35.61 29.40 -10.46
CA ARG A 2198 36.02 28.17 -9.79
C ARG A 2198 35.71 28.27 -8.30
N ASN A 2199 34.83 27.41 -7.82
CA ASN A 2199 34.62 27.24 -6.39
C ASN A 2199 35.29 25.93 -5.96
N ARG A 2200 35.10 25.57 -4.69
CA ARG A 2200 35.73 24.36 -4.18
C ARG A 2200 35.13 23.08 -4.73
N THR A 2201 34.00 23.15 -5.43
CA THR A 2201 33.32 21.97 -5.94
C THR A 2201 33.05 22.00 -7.43
N HIS A 2202 33.14 23.15 -8.08
CA HIS A 2202 32.79 23.26 -9.50
C HIS A 2202 33.79 24.18 -10.19
N VAL A 2203 33.95 23.95 -11.48
CA VAL A 2203 34.76 24.82 -12.34
C VAL A 2203 33.94 25.14 -13.58
N THR A 2204 33.64 26.43 -13.77
CA THR A 2204 32.80 26.86 -14.87
C THR A 2204 33.66 27.58 -15.91
N CYS A 2205 33.68 27.02 -17.12
CA CYS A 2205 34.37 27.61 -18.26
C CYS A 2205 33.35 27.93 -19.34
N GLN A 2206 33.78 28.73 -20.32
CA GLN A 2206 32.94 29.10 -21.45
C GLN A 2206 33.59 28.61 -22.74
N CYS A 2207 32.77 28.19 -23.69
CA CYS A 2207 33.27 27.71 -24.97
C CYS A 2207 32.38 28.17 -26.11
N SER A 2208 33.03 28.62 -27.19
CA SER A 2208 32.34 29.12 -28.36
C SER A 2208 32.19 28.05 -29.44
N HIS A 2209 32.43 26.79 -29.11
CA HIS A 2209 32.37 25.72 -30.09
C HIS A 2209 31.49 24.60 -29.56
N SER A 2210 30.84 23.90 -30.49
CA SER A 2210 30.02 22.72 -30.18
C SER A 2210 30.88 21.50 -30.49
N ALA A 2211 31.74 21.13 -29.55
CA ALA A 2211 32.68 20.03 -29.74
C ALA A 2211 33.01 19.43 -28.38
N SER A 2212 34.04 18.60 -28.34
CA SER A 2212 34.47 17.95 -27.12
C SER A 2212 35.41 18.88 -26.36
N CYS A 2213 35.09 19.14 -25.09
CA CYS A 2213 35.85 20.04 -24.24
C CYS A 2213 36.06 19.41 -22.88
N ALA A 2214 37.13 19.82 -22.21
CA ALA A 2214 37.43 19.34 -20.86
C ALA A 2214 38.39 20.33 -20.21
N VAL A 2215 38.51 20.23 -18.89
CA VAL A 2215 39.43 21.08 -18.16
C VAL A 2215 40.66 20.25 -17.83
N LEU A 2216 41.79 20.61 -18.45
CA LEU A 2216 43.07 20.03 -18.05
C LEU A 2216 43.45 20.67 -16.71
N MET A 2217 43.06 20.00 -15.64
CA MET A 2217 43.48 20.38 -14.29
C MET A 2217 44.79 19.71 -13.94
C1 NAG B . -5.80 19.04 -57.22
C2 NAG B . -5.86 19.34 -58.71
C3 NAG B . -4.50 19.13 -59.35
C4 NAG B . -3.48 20.01 -58.66
C5 NAG B . -3.50 19.69 -57.17
C6 NAG B . -2.56 20.60 -56.38
C7 NAG B . -8.06 18.97 -59.64
C8 NAG B . -9.22 18.05 -59.35
N2 NAG B . -6.86 18.50 -59.35
O3 NAG B . -4.62 19.45 -60.74
O4 NAG B . -2.16 19.80 -59.17
O5 NAG B . -4.80 19.87 -56.63
O6 NAG B . -2.88 21.98 -56.64
O7 NAG B . -8.23 20.08 -60.11
C1 NAG B . -1.84 20.84 -60.13
C2 NAG B . -0.41 21.37 -59.97
C3 NAG B . -0.19 22.48 -60.97
C4 NAG B . -0.47 21.96 -62.37
C5 NAG B . -1.90 21.42 -62.44
C6 NAG B . -2.18 20.84 -63.82
C7 NAG B . 0.56 21.16 -57.75
C8 NAG B . 1.20 21.96 -56.66
N2 NAG B . -0.16 21.85 -58.63
O3 NAG B . 1.16 22.94 -60.90
O4 NAG B . -0.34 23.02 -63.32
O5 NAG B . -2.07 20.40 -61.46
O6 NAG B . -3.56 20.47 -63.90
O7 NAG B . 0.70 19.94 -57.83
C1 NAG C . -10.03 9.49 -4.14
C2 NAG C . -8.72 8.74 -3.96
C3 NAG C . -7.76 9.53 -3.08
C4 NAG C . -7.58 10.95 -3.58
C5 NAG C . -8.93 11.62 -3.78
C6 NAG C . -8.78 12.96 -4.48
C7 NAG C . -9.83 7.12 -2.46
C8 NAG C . -9.40 7.23 -1.03
N2 NAG C . -8.93 7.41 -3.39
O3 NAG C . -6.52 8.83 -3.08
O4 NAG C . -6.88 11.72 -2.59
O5 NAG C . -9.79 10.82 -4.59
O6 NAG C . -10.06 13.59 -4.58
O7 NAG C . -10.96 6.76 -2.74
C1 NAG C . -5.47 11.85 -2.88
C2 NAG C . -5.04 13.24 -2.39
C3 NAG C . -3.53 13.42 -2.53
C4 NAG C . -2.83 12.31 -1.77
C5 NAG C . -3.32 10.96 -2.27
C6 NAG C . -2.71 9.81 -1.47
C7 NAG C . -5.55 14.63 -4.39
C8 NAG C . -5.62 16.11 -4.65
N2 NAG C . -5.75 14.29 -3.11
O3 NAG C . -3.17 14.70 -1.99
O4 NAG C . -1.40 12.41 -1.99
O5 NAG C . -4.74 10.87 -2.16
O6 NAG C . -3.06 9.96 -0.09
O7 NAG C . -5.34 13.84 -5.31
C1 BMA C . -0.72 12.74 -0.76
C2 BMA C . 0.77 12.89 -1.04
C3 BMA C . 1.50 13.20 0.26
C4 BMA C . 0.88 14.43 0.91
C5 BMA C . -0.61 14.21 1.12
C6 BMA C . -1.27 15.45 1.71
O2 BMA C . 0.97 13.95 -1.98
O3 BMA C . 2.89 13.42 0.00
O4 BMA C . 1.51 14.68 2.16
O5 BMA C . -1.24 13.90 -0.12
O6 BMA C . -1.13 16.55 0.80
C1 NAG D . -8.42 1.24 25.32
C2 NAG D . -8.23 0.46 26.61
C3 NAG D . -7.82 1.42 27.72
C4 NAG D . -6.59 2.21 27.32
C5 NAG D . -6.85 2.91 26.00
C6 NAG D . -5.62 3.64 25.45
C7 NAG D . -10.68 0.20 27.06
C8 NAG D . -11.73 -0.82 26.77
N2 NAG D . -9.42 -0.27 27.01
O3 NAG D . -7.58 0.65 28.90
O4 NAG D . -6.30 3.17 28.34
O5 NAG D . -7.24 1.98 25.00
O6 NAG D . -5.40 4.85 26.18
O7 NAG D . -10.98 1.35 27.32
C1 NAG D . -5.05 2.88 29.00
C2 NAG D . -4.64 4.05 29.90
C3 NAG D . -3.31 3.75 30.54
C4 NAG D . -3.41 2.44 31.30
C5 NAG D . -3.84 1.33 30.36
C6 NAG D . -4.00 0.01 31.11
C7 NAG D . -5.56 6.20 29.23
C8 NAG D . -5.49 7.14 30.39
N2 NAG D . -4.59 5.29 29.16
O3 NAG D . -2.95 4.81 31.43
O4 NAG D . -2.15 2.11 31.88
O5 NAG D . -5.09 1.68 29.76
O6 NAG D . -5.01 0.13 32.12
O7 NAG D . -6.47 6.25 28.41
C1 NAG E . -24.13 10.47 4.16
C2 NAG E . -24.73 9.71 3.00
C3 NAG E . -25.84 10.55 2.39
C4 NAG E . -26.85 10.94 3.46
C5 NAG E . -26.14 11.65 4.61
C6 NAG E . -27.09 12.02 5.74
C7 NAG E . -23.61 9.53 0.77
C8 NAG E . -22.73 10.63 0.27
N2 NAG E . -23.64 9.37 2.09
O3 NAG E . -26.50 9.81 1.36
O4 NAG E . -27.84 11.81 2.90
O5 NAG E . -25.10 10.83 5.13
O6 NAG E . -26.40 12.80 6.71
O7 NAG E . -24.24 8.81 0.01
C1 NAG E . -29.14 11.17 2.84
C2 NAG E . -30.17 12.25 2.45
C3 NAG E . -31.55 11.64 2.24
C4 NAG E . -31.47 10.51 1.24
C5 NAG E . -30.42 9.49 1.66
C6 NAG E . -30.26 8.42 0.58
C7 NAG E . -30.87 13.24 4.61
C8 NAG E . -31.75 14.42 4.90
N2 NAG E . -30.20 13.31 3.46
O3 NAG E . -32.45 12.64 1.75
O4 NAG E . -32.75 9.86 1.16
O5 NAG E . -29.15 10.13 1.86
O6 NAG E . -29.82 9.01 -0.65
O7 NAG E . -30.78 12.31 5.40
C1 NAG F . -31.29 -19.37 34.36
C2 NAG F . -32.19 -18.59 35.30
C3 NAG F . -33.54 -19.27 35.36
C4 NAG F . -34.11 -19.38 33.95
C5 NAG F . -33.13 -20.14 33.06
C6 NAG F . -33.62 -20.22 31.62
C7 NAG F . -31.02 -17.39 37.06
C8 NAG F . -31.82 -16.57 38.02
N2 NAG F . -31.61 -18.50 36.62
O3 NAG F . -34.44 -18.51 36.18
O4 NAG F . -35.37 -20.06 34.00
O5 NAG F . -31.86 -19.48 33.06
O6 NAG F . -34.81 -21.02 31.54
O7 NAG F . -29.91 -17.06 36.71
C1 NAG G . 26.16 -21.99 16.04
C2 NAG G . 26.85 -23.30 16.42
C3 NAG G . 27.29 -23.20 17.87
C4 NAG G . 28.18 -21.99 18.07
C5 NAG G . 27.45 -20.74 17.62
C6 NAG G . 28.34 -19.51 17.75
C7 NAG G . 26.18 -25.32 15.26
C8 NAG G . 26.81 -26.61 15.66
N2 NAG G . 25.99 -24.44 16.25
O3 NAG G . 28.00 -24.40 18.24
O4 NAG G . 28.56 -21.86 19.44
O5 NAG G . 27.03 -20.88 16.27
O6 NAG G . 29.47 -19.64 16.89
O7 NAG G . 25.86 -25.07 14.11
C1 NAG H . 39.38 -2.66 -49.25
C2 NAG H . 40.79 -2.91 -48.73
C3 NAG H . 41.37 -1.61 -48.19
C4 NAG H . 41.31 -0.55 -49.28
C5 NAG H . 39.88 -0.38 -49.78
C6 NAG H . 39.80 0.64 -50.91
C7 NAG H . 41.17 -5.16 -47.84
C8 NAG H . 42.37 -5.58 -47.05
N2 NAG H . 40.79 -3.91 -47.67
O3 NAG H . 42.73 -1.81 -47.80
O4 NAG H . 41.76 0.70 -48.75
O5 NAG H . 39.37 -1.63 -50.23
O6 NAG H . 40.54 0.17 -52.04
O7 NAG H . 40.60 -5.95 -48.59
C1 NAG I . 24.34 -14.35 -24.90
C2 NAG I . 23.18 -15.26 -25.32
C3 NAG I . 23.18 -16.52 -24.48
C4 NAG I . 24.54 -17.20 -24.57
C5 NAG I . 25.65 -16.23 -24.17
C6 NAG I . 27.01 -16.87 -24.35
C7 NAG I . 21.31 -13.91 -26.12
C8 NAG I . 20.29 -12.91 -25.67
N2 NAG I . 21.90 -14.58 -25.15
O3 NAG I . 22.16 -17.41 -24.97
O4 NAG I . 24.57 -18.34 -23.71
O5 NAG I . 25.57 -15.05 -24.97
O6 NAG I . 27.23 -17.20 -25.73
O7 NAG I . 21.57 -14.07 -27.30
C1 NAG J . 29.62 -7.23 -12.18
C2 NAG J . 28.60 -8.28 -11.74
C3 NAG J . 27.46 -7.58 -11.00
C4 NAG J . 28.03 -6.78 -9.84
C5 NAG J . 29.09 -5.80 -10.33
C6 NAG J . 29.76 -5.04 -9.20
C7 NAG J . 28.59 -10.18 -13.26
C8 NAG J . 28.49 -11.30 -12.28
N2 NAG J . 28.07 -9.01 -12.88
O3 NAG J . 26.54 -8.55 -10.50
O4 NAG J . 26.97 -6.08 -9.18
O5 NAG J . 30.09 -6.50 -11.05
O6 NAG J . 28.81 -4.20 -8.51
O7 NAG J . 29.13 -10.32 -14.34
C1 NAG K . -23.78 -1.61 -31.41
C2 NAG K . -23.90 -1.25 -32.89
C3 NAG K . -24.65 0.06 -32.99
C4 NAG K . -26.00 -0.09 -32.29
C5 NAG K . -25.79 -0.51 -30.84
C6 NAG K . -27.11 -0.72 -30.12
C7 NAG K . -22.02 -2.17 -34.17
C8 NAG K . -20.95 -1.79 -35.14
N2 NAG K . -22.59 -1.15 -33.51
O3 NAG K . -24.84 0.42 -34.36
O4 NAG K . -26.69 1.15 -32.36
O5 NAG K . -25.06 -1.73 -30.80
O6 NAG K . -27.78 0.52 -29.92
O7 NAG K . -22.36 -3.33 -33.99
#